data_3AL0
#
_entry.id   3AL0
#
_cell.length_a   76.954
_cell.length_b   125.661
_cell.length_c   313.386
_cell.angle_alpha   90.00
_cell.angle_beta   90.00
_cell.angle_gamma   90.00
#
_symmetry.space_group_name_H-M   'P 2 2 21'
#
loop_
_entity.id
_entity.type
_entity.pdbx_description
1 polymer 'Glutamyl-tRNA(Gln) amidotransferase subunit A'
2 polymer 'Aspartyl/glutamyl-tRNA(Asn/Gln) amidotransferase subunit B'
3 polymer 'Glutamyl-tRNA(Gln) amidotransferase subunit C,Linker,Glutamate--tRNA ligase 2'
4 polymer tRNAGln
5 non-polymer 'ZINC ION'
6 non-polymer "O5'-(L-GLUTAMYL-SULFAMOYL)-ADENOSINE"
#
loop_
_entity_poly.entity_id
_entity_poly.type
_entity_poly.pdbx_seq_one_letter_code
_entity_poly.pdbx_strand_id
1 'polypeptide(L)'
;MIDLDFRKLTIEECLKLSEEEREKLPQLSLETIKRLDPHVKAFISVRENVSVEKKGKFWGIPVAIKDNILTLGMRTTCAS
RILENYESVFDATVVKKMKEAGFVVVGKANLDEFAMGSSTERSAFFPTRNPWDLERVPGGSSGGSAAAVSAGMVVAALGS
DTGGSVRQPASLCGVVGYKPTYGLVSRYGLVAFASSLDQIGPITKTVRDAAILMEIISGRDENDATTVNRKVDFLSEIEE
GVSGMKFAVPEEIYEHDIEEGVSERFEEALKLLERLGAKVERVKIPHIKYSVATYYVIAPAEASSNLARFDGVKYGLRIK
EKGLREMYMKTRNVGFGEEVRRRIMIGTFTLSAAYYEAYFNKAMKVRRKISDELNEVLSQYDAILTPTSPVTAFKIGEIK
DPLTYYLMDIFTIPANLAGLPAISVPFGFSNNLPVGVQVIGRRFADGKVFRIARAIEKNSPYNENGMFPLPEVKA
;
A
2 'polypeptide(L)'
;MRYRPVIGLEIHVQLSTKTKAFCSCPADVFELPPNTAICPVCTGQPGALPVPNEEMIRFAVKTALALNCKIHKYSRFDRK
NYFYPDLPKGYQISQYFYPIATEGFLEIDGDEGRKKVRIRRLHLEEDAGKLVHEGDSITRASYSLVDMNRCGVPLIEIVT
EPDISSPREARVFMEKLRSIVRYLGVSTGDMEKGALRCDANISVVDTETGRQSNRVEVKNMNSFRFVERALEYEFERIVK
AMERGEDVERETRGWDMATKITVSMRGKEEESDYRYFPEPDIPPVVLSDEYLEEVKKELPELPDEKAERFMREYGLPEYD
AKVLTSSKELAEFFEECVKVVNRPKDLSNWIMTEVLRELNERNIEITESKLTPQHFADLFKLMDEGKISIKIAKEIFPEV
FETGKMPSQIVEEKGLTQINDEKLIEELVKKAMEQNPKAVQDYKSGKKKAAGFFVGYVMRETKGKANPELTNRIIQKLLE
GE
;
B
3 'polypeptide(L)'
;MGIKVTKDLVLHLENLARLELSEDQRESLMKDFQEILDYVELLNEVDVEGVEPMYTPVEDSAKLRKGDPRFFEMRDLIKK
NFPEEKDGHIKVPGIHRGSGSGSGSMFITGAFFDILEVGPKKIRRCFELVRVRFAPSPTGHLHVGGARTALFNWMFARKE
GGKFILRIEDTDTERSSREYEQQILESLRWCGLDWDEGPDIGGDFGPYRQSERLEIYREYAEKLVEDKRAYYVVYDKEDP
SKELFTTYEYPHEYKEKGHPVTIKFKVLPGKTSFEDLLKGYMEFDNSTLEDFIIMKSNGFPTYNFAVVVDDHLMRISHVF
RGEDHLSNTPKQLMIYEAFGWEAPVFMHIPLILGSDRTPLSKRHGATSVEHFRREGILSRALMNYLALLGWRVEGDEIFT
IEEKLQSFDPKDISNKGVIFDYQKLEWVNGKHMRRIDLEDLKREFIEWAKYAGKEIPSVDERYFSETLRICREKVNTLSQ
LYDIMYPFMNDDYEYEKDYVEKFLKREEAERVLEEAKKAFKDLNSWNMEEIEKTLRDLSEKGLASKKVVFQLIRGAVTGK
LVTPGLFETIEVLGKERTLKRLERTLQFLKKT
;
C
4 'polyribonucleotide' UGGGAGGUCGUCUAACGGUAGGACGGCGGACUCUGGAUCCGCUGGUGGAGGUUCGAGUCCUCCCCUCCCAGCCA E
#
# COMPACT_ATOMS: atom_id res chain seq x y z
N LEU A 4 47.19 14.81 49.57
CA LEU A 4 46.32 13.71 49.20
C LEU A 4 46.83 13.04 47.93
N ASP A 5 46.94 11.71 47.94
CA ASP A 5 47.19 10.97 46.72
C ASP A 5 45.84 10.76 46.03
N PHE A 6 45.78 11.13 44.75
CA PHE A 6 44.54 11.07 43.97
C PHE A 6 44.11 9.63 43.71
N ARG A 7 45.09 8.72 43.71
CA ARG A 7 44.84 7.28 43.56
C ARG A 7 43.67 6.87 44.45
N LYS A 8 43.36 7.73 45.41
CA LYS A 8 42.23 7.55 46.31
C LYS A 8 41.66 8.94 46.61
N LEU A 9 40.36 9.10 46.42
CA LEU A 9 39.77 10.44 46.47
C LEU A 9 38.26 10.43 46.21
N THR A 10 37.48 10.24 47.27
CA THR A 10 36.02 10.25 47.19
C THR A 10 35.50 11.39 46.31
N ILE A 11 34.34 11.19 45.67
CA ILE A 11 33.76 12.24 44.84
C ILE A 11 33.65 13.51 45.66
N GLU A 12 33.38 13.33 46.95
CA GLU A 12 33.05 14.43 47.85
C GLU A 12 34.27 15.21 48.30
N GLU A 13 35.44 14.57 48.26
CA GLU A 13 36.68 15.28 48.49
C GLU A 13 36.93 16.11 47.25
N CYS A 14 36.45 15.61 46.12
CA CYS A 14 36.58 16.34 44.86
C CYS A 14 35.66 17.55 44.85
N LEU A 15 34.54 17.44 45.54
CA LEU A 15 33.55 18.52 45.61
C LEU A 15 34.13 19.91 45.45
N LYS A 16 35.21 20.20 46.17
CA LYS A 16 35.74 21.56 46.25
C LYS A 16 37.25 21.61 46.48
N LEU A 17 37.98 22.12 45.49
CA LEU A 17 39.44 22.21 45.59
C LEU A 17 39.99 23.23 44.60
N SER A 18 39.38 24.41 44.54
CA SER A 18 39.82 25.52 43.66
C SER A 18 39.59 25.32 42.15
N GLU A 19 39.01 26.35 41.53
CA GLU A 19 38.77 26.35 40.08
C GLU A 19 40.03 26.02 39.30
N GLU A 20 41.18 26.46 39.80
CA GLU A 20 42.46 26.10 39.17
C GLU A 20 42.83 24.68 39.59
N GLU A 21 42.88 24.44 40.90
CA GLU A 21 43.37 23.17 41.44
C GLU A 21 42.63 21.92 40.91
N ARG A 22 41.32 22.02 40.68
CA ARG A 22 40.50 20.84 40.37
C ARG A 22 40.35 20.47 38.88
N GLU A 23 40.90 21.29 37.99
CA GLU A 23 40.76 21.03 36.56
C GLU A 23 41.84 20.09 36.04
N LYS A 24 42.68 19.61 36.95
CA LYS A 24 43.73 18.67 36.59
C LYS A 24 43.28 17.24 36.85
N LEU A 25 42.12 17.10 37.49
CA LEU A 25 41.61 15.78 37.90
C LEU A 25 41.26 14.83 36.76
N PRO A 26 40.72 15.37 35.65
CA PRO A 26 40.53 14.55 34.46
C PRO A 26 41.88 14.07 33.90
N GLN A 27 42.73 15.00 33.50
CA GLN A 27 44.02 14.64 32.92
C GLN A 27 44.77 13.63 33.80
N LEU A 28 45.06 14.01 35.04
CA LEU A 28 45.74 13.11 35.95
C LEU A 28 44.83 11.95 36.37
N SER A 29 43.94 11.55 35.47
CA SER A 29 43.16 10.32 35.61
C SER A 29 43.49 9.39 34.44
N LEU A 30 43.64 9.97 33.25
CA LEU A 30 44.11 9.22 32.10
C LEU A 30 45.61 9.06 32.22
N GLU A 31 46.24 10.06 32.83
CA GLU A 31 47.68 10.06 33.05
C GLU A 31 48.07 8.90 33.97
N THR A 32 47.33 8.71 35.06
CA THR A 32 47.60 7.61 35.97
C THR A 32 47.20 6.26 35.35
N ILE A 33 46.30 6.29 34.37
CA ILE A 33 45.92 5.09 33.66
C ILE A 33 47.08 4.52 32.84
N LYS A 34 47.72 5.36 32.03
CA LYS A 34 48.86 4.93 31.23
C LYS A 34 49.84 4.13 32.08
N ARG A 35 50.01 4.57 33.32
CA ARG A 35 50.85 3.87 34.29
C ARG A 35 50.17 2.63 34.84
N LEU A 36 49.25 2.84 35.77
CA LEU A 36 48.62 1.76 36.50
C LEU A 36 48.04 0.66 35.60
N ASP A 37 47.20 1.07 34.64
CA ASP A 37 46.37 0.15 33.87
C ASP A 37 47.03 -1.16 33.40
N PRO A 38 48.13 -1.06 32.63
CA PRO A 38 48.75 -2.26 32.04
C PRO A 38 48.86 -3.48 32.97
N HIS A 39 48.92 -3.25 34.29
CA HIS A 39 49.00 -4.35 35.24
C HIS A 39 47.64 -4.96 35.55
N VAL A 40 46.70 -4.12 35.99
CA VAL A 40 45.35 -4.56 36.35
C VAL A 40 44.51 -4.94 35.14
N LYS A 41 44.71 -4.22 34.03
CA LYS A 41 44.02 -4.50 32.78
C LYS A 41 42.51 -4.41 32.94
N ALA A 42 41.99 -3.19 33.13
CA ALA A 42 40.58 -3.00 33.43
C ALA A 42 39.83 -2.18 32.39
N PHE A 43 40.56 -1.56 31.46
CA PHE A 43 39.94 -0.68 30.48
C PHE A 43 40.07 -1.17 29.02
N ILE A 44 38.96 -1.12 28.29
CA ILE A 44 38.95 -1.56 26.90
C ILE A 44 39.07 -0.38 25.95
N SER A 45 38.63 0.79 26.39
CA SER A 45 38.78 1.99 25.56
C SER A 45 39.85 2.98 26.06
N VAL A 46 39.59 3.61 27.20
CA VAL A 46 40.43 4.71 27.65
C VAL A 46 40.41 5.80 26.59
N ARG A 47 39.81 6.94 26.93
CA ARG A 47 39.67 8.07 26.01
C ARG A 47 40.99 8.43 25.32
N GLU A 48 40.90 9.17 24.22
CA GLU A 48 42.09 9.79 23.65
C GLU A 48 42.54 10.82 24.67
N ASN A 49 42.53 12.10 24.31
CA ASN A 49 42.70 13.14 25.30
C ASN A 49 41.72 14.30 25.12
N VAL A 50 40.47 14.05 25.51
CA VAL A 50 39.44 15.09 25.48
C VAL A 50 39.27 15.66 26.89
N SER A 51 38.77 16.90 26.95
CA SER A 51 38.89 17.71 28.15
C SER A 51 37.56 18.22 28.71
N VAL A 52 37.64 18.73 29.94
CA VAL A 52 36.50 19.15 30.75
C VAL A 52 36.38 20.67 30.86
N GLU A 53 35.15 21.15 31.00
CA GLU A 53 34.90 22.58 31.07
C GLU A 53 34.29 22.99 32.41
N LYS A 54 32.97 23.11 32.42
CA LYS A 54 32.24 23.58 33.59
C LYS A 54 30.83 23.00 33.62
N LYS A 55 29.83 23.87 33.66
CA LYS A 55 28.43 23.48 33.78
C LYS A 55 28.21 22.26 34.67
N GLY A 56 27.69 22.48 35.87
CA GLY A 56 27.30 21.37 36.72
C GLY A 56 28.02 21.27 38.05
N LYS A 57 27.25 21.04 39.10
CA LYS A 57 27.79 20.93 40.45
C LYS A 57 29.04 20.05 40.50
N PHE A 58 29.05 18.97 39.72
CA PHE A 58 30.06 17.93 39.88
C PHE A 58 31.06 17.80 38.74
N TRP A 59 31.52 18.91 38.17
CA TRP A 59 32.40 18.79 37.02
C TRP A 59 33.79 18.28 37.40
N GLY A 60 34.66 18.21 36.40
CA GLY A 60 36.02 17.70 36.57
C GLY A 60 36.10 16.22 36.91
N ILE A 61 35.12 15.73 37.66
CA ILE A 61 35.18 14.39 38.26
C ILE A 61 35.17 13.28 37.23
N PRO A 62 36.33 12.65 37.00
CA PRO A 62 36.45 11.64 35.95
C PRO A 62 35.82 10.35 36.40
N VAL A 63 35.03 9.73 35.53
CA VAL A 63 34.38 8.47 35.85
C VAL A 63 34.74 7.41 34.83
N ALA A 64 34.43 6.17 35.15
CA ALA A 64 34.56 5.07 34.22
C ALA A 64 33.27 4.28 34.18
N ILE A 65 32.89 3.77 33.02
CA ILE A 65 31.64 3.05 32.91
C ILE A 65 31.72 1.79 32.06
N LYS A 66 31.15 0.71 32.62
CA LYS A 66 31.11 -0.63 32.03
C LYS A 66 30.76 -0.66 30.53
N ASP A 67 31.57 -1.36 29.74
CA ASP A 67 31.44 -1.30 28.29
C ASP A 67 30.28 -2.11 27.70
N ASN A 68 29.25 -2.37 28.49
CA ASN A 68 27.99 -2.85 27.93
C ASN A 68 26.96 -1.74 27.98
N ILE A 69 27.44 -0.51 28.14
CA ILE A 69 26.61 0.66 28.31
C ILE A 69 26.85 1.72 27.23
N LEU A 70 26.01 1.70 26.20
CA LEU A 70 26.09 2.64 25.10
C LEU A 70 26.59 4.02 25.51
N THR A 71 27.69 4.44 24.91
CA THR A 71 28.25 5.74 25.20
C THR A 71 28.68 6.45 23.93
N LEU A 72 27.75 7.18 23.32
CA LEU A 72 28.05 7.94 22.12
C LEU A 72 29.46 8.50 22.23
N GLY A 73 30.21 8.43 21.13
CA GLY A 73 31.57 8.92 21.06
C GLY A 73 32.64 7.84 21.13
N MET A 74 32.28 6.67 21.65
CA MET A 74 33.26 5.63 21.90
C MET A 74 32.67 4.22 21.89
N ARG A 75 32.95 3.47 20.83
CA ARG A 75 32.55 2.05 20.69
C ARG A 75 32.13 1.35 21.98
N THR A 76 30.86 0.96 22.04
CA THR A 76 30.37 0.09 23.11
C THR A 76 30.54 -1.33 22.58
N THR A 77 30.94 -2.27 23.44
CA THR A 77 31.35 -3.58 22.93
C THR A 77 30.94 -4.80 23.75
N CYS A 78 30.42 -4.59 24.95
CA CYS A 78 30.01 -5.71 25.79
C CYS A 78 31.10 -6.77 25.94
N ALA A 79 32.33 -6.43 25.56
CA ALA A 79 33.44 -7.36 25.64
C ALA A 79 33.06 -8.70 25.02
N SER A 80 32.83 -8.69 23.71
CA SER A 80 32.47 -9.90 22.99
C SER A 80 32.75 -9.68 21.51
N ARG A 81 33.44 -10.63 20.88
CA ARG A 81 33.95 -10.42 19.53
C ARG A 81 32.88 -10.00 18.51
N ILE A 82 31.63 -10.39 18.75
CA ILE A 82 30.55 -10.14 17.78
C ILE A 82 30.09 -8.69 17.76
N LEU A 83 30.48 -7.93 18.78
CA LEU A 83 29.90 -6.62 18.96
C LEU A 83 30.92 -5.51 19.18
N GLU A 84 32.19 -5.87 19.33
CA GLU A 84 33.24 -4.84 19.32
C GLU A 84 33.08 -4.13 17.99
N ASN A 85 33.97 -3.19 17.68
CA ASN A 85 33.91 -2.50 16.38
C ASN A 85 32.58 -1.80 16.05
N TYR A 86 31.76 -1.53 17.07
CA TYR A 86 30.46 -0.92 16.88
C TYR A 86 30.32 0.46 17.54
N GLU A 87 30.50 1.52 16.77
CA GLU A 87 30.36 2.88 17.29
C GLU A 87 28.97 3.13 17.83
N SER A 88 28.90 3.64 19.05
CA SER A 88 27.61 3.95 19.67
C SER A 88 26.79 4.85 18.75
N VAL A 89 25.48 4.88 18.94
CA VAL A 89 24.66 5.81 18.17
C VAL A 89 23.72 6.65 19.05
N PHE A 90 23.91 6.56 20.37
CA PHE A 90 23.13 7.33 21.31
C PHE A 90 23.67 7.11 22.72
N ASP A 91 23.72 8.17 23.52
CA ASP A 91 24.16 8.07 24.91
C ASP A 91 23.09 7.40 25.77
N ALA A 92 23.43 6.25 26.34
CA ALA A 92 22.54 5.65 27.30
C ALA A 92 22.14 6.78 28.23
N THR A 93 20.91 6.76 28.72
CA THR A 93 20.41 7.86 29.52
C THR A 93 21.23 8.06 30.79
N VAL A 94 21.70 6.97 31.38
CA VAL A 94 22.55 7.09 32.56
C VAL A 94 23.76 7.96 32.25
N VAL A 95 24.35 7.76 31.07
CA VAL A 95 25.49 8.57 30.66
C VAL A 95 25.07 9.98 30.24
N LYS A 96 23.90 10.08 29.62
CA LYS A 96 23.33 11.39 29.30
C LYS A 96 23.20 12.20 30.60
N LYS A 97 22.61 11.57 31.62
CA LYS A 97 22.42 12.19 32.94
C LYS A 97 23.73 12.44 33.67
N MET A 98 24.74 11.61 33.40
CA MET A 98 26.03 11.78 34.03
C MET A 98 26.75 13.01 33.48
N LYS A 99 26.89 13.04 32.16
CA LYS A 99 27.53 14.17 31.48
C LYS A 99 26.73 15.43 31.78
N GLU A 100 25.41 15.28 31.74
CA GLU A 100 24.49 16.32 32.16
C GLU A 100 24.53 16.38 33.68
N ALA A 101 25.59 16.98 34.21
CA ALA A 101 25.81 17.07 35.64
C ALA A 101 27.25 17.54 35.88
N GLY A 102 28.14 17.14 34.98
CA GLY A 102 29.53 17.57 35.02
C GLY A 102 30.51 16.46 34.72
N PHE A 103 30.15 15.24 35.13
CA PHE A 103 31.04 14.08 35.05
C PHE A 103 31.69 13.86 33.69
N VAL A 104 32.98 13.55 33.70
CA VAL A 104 33.67 13.26 32.45
C VAL A 104 34.11 11.80 32.38
N VAL A 105 33.43 11.05 31.53
CA VAL A 105 33.73 9.63 31.34
C VAL A 105 35.06 9.47 30.60
N VAL A 106 35.86 8.52 31.07
CA VAL A 106 37.25 8.42 30.63
C VAL A 106 37.47 7.28 29.65
N GLY A 107 37.09 6.07 30.04
CA GLY A 107 37.23 4.91 29.18
C GLY A 107 36.11 3.91 29.40
N LYS A 108 36.02 2.92 28.52
CA LYS A 108 34.99 1.90 28.66
C LYS A 108 35.56 0.66 29.34
N ALA A 109 35.09 0.39 30.55
CA ALA A 109 35.68 -0.64 31.41
C ALA A 109 35.26 -2.06 31.04
N ASN A 110 36.24 -2.97 31.10
CA ASN A 110 36.04 -4.37 30.78
C ASN A 110 34.93 -5.03 31.62
N LEU A 111 34.64 -6.29 31.32
CA LEU A 111 33.55 -7.02 31.96
C LEU A 111 33.50 -8.44 31.40
N ASP A 112 32.57 -9.25 31.90
CA ASP A 112 32.32 -10.57 31.32
C ASP A 112 31.66 -10.39 29.96
N GLU A 113 31.72 -11.41 29.11
CA GLU A 113 31.10 -11.35 27.80
C GLU A 113 29.60 -11.10 27.93
N PHE A 114 29.17 -9.91 27.53
CA PHE A 114 27.77 -9.49 27.62
C PHE A 114 27.23 -9.39 29.05
N ALA A 115 28.14 -9.16 30.01
CA ALA A 115 27.80 -9.09 31.43
C ALA A 115 27.34 -10.45 31.93
N MET A 116 27.83 -11.49 31.27
CA MET A 116 27.40 -12.85 31.55
C MET A 116 28.52 -13.70 32.15
N GLY A 117 28.40 -13.97 33.44
CA GLY A 117 29.39 -14.77 34.14
C GLY A 117 29.36 -14.53 35.63
N SER A 118 30.55 -14.50 36.25
CA SER A 118 30.69 -14.24 37.68
C SER A 118 32.15 -14.07 38.12
N SER A 119 33.04 -13.80 37.17
CA SER A 119 34.45 -13.54 37.48
C SER A 119 34.93 -12.31 36.74
N THR A 120 35.27 -12.51 35.46
CA THR A 120 35.60 -11.44 34.52
C THR A 120 36.45 -12.02 33.41
N GLU A 121 37.16 -13.10 33.74
CA GLU A 121 38.03 -13.78 32.77
C GLU A 121 37.24 -14.30 31.55
N ARG A 122 35.93 -14.47 31.72
CA ARG A 122 35.09 -15.01 30.68
C ARG A 122 34.94 -14.01 29.53
N SER A 123 35.24 -12.75 29.80
CA SER A 123 35.40 -11.76 28.75
C SER A 123 36.28 -12.33 27.66
N ALA A 124 35.92 -12.09 26.41
CA ALA A 124 36.67 -12.65 25.29
C ALA A 124 37.71 -11.67 24.78
N PHE A 125 37.83 -10.52 25.43
CA PHE A 125 38.86 -9.55 25.05
C PHE A 125 40.14 -9.85 25.83
N PHE A 126 40.03 -10.00 27.14
CA PHE A 126 41.13 -10.44 28.00
C PHE A 126 40.70 -10.51 29.47
N PRO A 127 41.43 -11.27 30.31
CA PRO A 127 41.01 -11.34 31.71
C PRO A 127 41.31 -10.04 32.46
N THR A 128 40.59 -9.76 33.54
CA THR A 128 40.86 -8.56 34.32
C THR A 128 41.23 -8.94 35.75
N ARG A 129 42.44 -8.55 36.15
CA ARG A 129 43.00 -8.95 37.43
C ARG A 129 42.57 -8.03 38.57
N ASN A 130 42.30 -8.61 39.74
CA ASN A 130 41.95 -7.85 40.95
C ASN A 130 43.09 -6.92 41.37
N PRO A 131 42.76 -5.65 41.68
CA PRO A 131 43.80 -4.66 41.99
C PRO A 131 44.84 -5.20 42.96
N TRP A 132 44.50 -5.36 44.23
CA TRP A 132 45.43 -6.01 45.16
C TRP A 132 45.41 -7.52 44.96
N ASP A 133 46.42 -7.99 44.23
CA ASP A 133 46.63 -9.41 43.91
C ASP A 133 46.27 -9.73 42.46
N LEU A 134 47.15 -9.36 41.54
CA LEU A 134 46.95 -9.59 40.12
C LEU A 134 46.73 -11.07 39.83
N GLU A 135 46.87 -11.90 40.87
CA GLU A 135 46.65 -13.33 40.73
C GLU A 135 45.17 -13.69 40.88
N ARG A 136 44.41 -12.81 41.50
CA ARG A 136 42.99 -13.07 41.75
C ARG A 136 42.09 -12.44 40.69
N VAL A 137 40.80 -12.29 41.00
CA VAL A 137 39.83 -11.81 40.03
C VAL A 137 38.74 -10.96 40.67
N PRO A 138 38.35 -9.88 39.99
CA PRO A 138 37.33 -8.94 40.45
C PRO A 138 35.95 -9.55 40.66
N GLY A 139 35.65 -10.65 39.97
CA GLY A 139 34.37 -11.31 40.11
C GLY A 139 33.23 -10.52 39.50
N GLY A 140 32.00 -10.95 39.78
CA GLY A 140 30.81 -10.28 39.27
C GLY A 140 30.71 -10.34 37.76
N SER A 141 29.96 -9.40 37.19
CA SER A 141 29.91 -9.27 35.74
C SER A 141 30.63 -8.00 35.33
N SER A 142 30.47 -6.95 36.12
CA SER A 142 31.14 -5.69 35.85
C SER A 142 32.44 -5.59 36.65
N GLY A 143 33.27 -6.61 36.54
CA GLY A 143 34.52 -6.66 37.27
C GLY A 143 35.42 -5.47 36.98
N GLY A 144 35.84 -5.34 35.72
CA GLY A 144 36.73 -4.27 35.32
C GLY A 144 36.33 -2.91 35.86
N SER A 145 35.02 -2.69 36.02
CA SER A 145 34.52 -1.47 36.63
C SER A 145 34.95 -1.37 38.10
N ALA A 146 34.52 -2.35 38.89
CA ALA A 146 34.78 -2.36 40.32
C ALA A 146 36.22 -2.72 40.68
N ALA A 147 37.13 -2.59 39.72
CA ALA A 147 38.54 -2.91 39.97
C ALA A 147 39.44 -1.76 39.54
N ALA A 148 38.94 -0.92 38.65
CA ALA A 148 39.67 0.28 38.25
C ALA A 148 39.22 1.42 39.14
N VAL A 149 38.25 1.12 40.00
CA VAL A 149 37.79 2.06 41.02
C VAL A 149 38.56 1.81 42.29
N SER A 150 38.62 0.55 42.70
CA SER A 150 39.45 0.16 43.84
C SER A 150 40.86 0.66 43.61
N ALA A 151 41.46 0.24 42.50
CA ALA A 151 42.84 0.59 42.17
C ALA A 151 43.08 2.10 42.14
N GLY A 152 42.03 2.87 41.90
CA GLY A 152 42.12 4.32 41.99
C GLY A 152 42.45 5.06 40.71
N MET A 153 42.13 4.46 39.57
CA MET A 153 42.27 5.15 38.29
C MET A 153 41.09 6.09 38.09
N VAL A 154 40.05 5.89 38.90
CA VAL A 154 38.87 6.72 38.76
C VAL A 154 38.06 6.83 40.06
N VAL A 155 37.34 7.94 40.18
CA VAL A 155 36.59 8.28 41.37
C VAL A 155 35.41 7.35 41.62
N ALA A 156 34.72 6.95 40.54
CA ALA A 156 33.60 6.02 40.61
C ALA A 156 33.21 5.48 39.23
N ALA A 157 32.46 4.38 39.23
CA ALA A 157 32.05 3.73 37.98
C ALA A 157 30.57 3.32 37.97
N LEU A 158 30.09 2.93 36.80
CA LEU A 158 28.74 2.38 36.66
C LEU A 158 28.84 0.93 36.20
N GLY A 159 27.84 0.13 36.51
CA GLY A 159 27.84 -1.27 36.12
C GLY A 159 26.49 -1.96 36.18
N SER A 160 26.20 -2.82 35.21
CA SER A 160 24.94 -3.55 35.20
C SER A 160 25.00 -4.66 36.25
N ASP A 161 23.85 -5.02 36.80
CA ASP A 161 23.77 -6.06 37.81
C ASP A 161 22.59 -6.98 37.52
N THR A 162 22.89 -8.20 37.06
CA THR A 162 21.84 -9.15 36.71
C THR A 162 21.76 -10.30 37.71
N GLY A 163 22.91 -10.81 38.11
CA GLY A 163 22.97 -11.83 39.13
C GLY A 163 23.87 -11.33 40.23
N GLY A 164 23.63 -10.09 40.66
CA GLY A 164 24.58 -9.39 41.49
C GLY A 164 25.83 -9.26 40.64
N SER A 165 25.86 -8.23 39.81
CA SER A 165 26.98 -8.02 38.91
C SER A 165 27.69 -6.72 39.20
N VAL A 166 27.20 -5.99 40.22
CA VAL A 166 27.89 -4.82 40.74
C VAL A 166 28.27 -5.06 42.19
N ARG A 167 27.43 -5.80 42.90
CA ARG A 167 27.72 -6.15 44.29
C ARG A 167 28.91 -7.08 44.38
N GLN A 168 28.79 -8.24 43.75
CA GLN A 168 29.84 -9.24 43.75
C GLN A 168 31.23 -8.63 43.59
N PRO A 169 31.49 -7.97 42.45
CA PRO A 169 32.82 -7.43 42.16
C PRO A 169 33.23 -6.26 43.06
N ALA A 170 32.28 -5.69 43.80
CA ALA A 170 32.60 -4.63 44.74
C ALA A 170 33.12 -5.24 46.03
N SER A 171 32.39 -6.22 46.55
CA SER A 171 32.80 -6.91 47.77
C SER A 171 34.08 -7.70 47.53
N LEU A 172 34.18 -8.31 46.35
CA LEU A 172 35.31 -9.19 46.05
C LEU A 172 36.55 -8.40 45.62
N CYS A 173 36.35 -7.13 45.26
CA CYS A 173 37.44 -6.28 44.79
C CYS A 173 37.74 -5.16 45.79
N GLY A 174 36.84 -4.97 46.75
CA GLY A 174 37.12 -4.10 47.88
C GLY A 174 36.27 -2.86 48.11
N VAL A 175 35.39 -2.52 47.18
CA VAL A 175 34.67 -1.26 47.31
C VAL A 175 33.13 -1.37 47.43
N VAL A 176 32.45 -0.24 47.19
CA VAL A 176 31.00 -0.15 47.38
C VAL A 176 30.24 -0.25 46.06
N GLY A 177 29.40 -1.28 45.96
CA GLY A 177 28.56 -1.45 44.79
C GLY A 177 27.09 -1.37 45.16
N TYR A 178 26.34 -0.53 44.45
CA TYR A 178 24.92 -0.41 44.73
C TYR A 178 24.06 -0.89 43.58
N LYS A 179 22.92 -1.48 43.91
CA LYS A 179 21.95 -1.94 42.91
C LYS A 179 20.57 -1.38 43.21
N PRO A 180 20.25 -0.20 42.66
CA PRO A 180 18.91 0.36 42.85
C PRO A 180 17.86 -0.68 42.51
N THR A 181 16.60 -0.35 42.78
CA THR A 181 15.52 -1.30 42.54
C THR A 181 15.06 -1.29 41.09
N TYR A 182 14.83 -2.47 40.53
CA TYR A 182 14.39 -2.56 39.16
C TYR A 182 13.23 -1.59 38.94
N GLY A 183 13.57 -0.39 38.48
CA GLY A 183 12.56 0.62 38.16
C GLY A 183 12.98 2.04 38.45
N LEU A 184 14.26 2.24 38.76
CA LEU A 184 14.73 3.55 39.20
C LEU A 184 15.77 4.18 38.30
N VAL A 185 16.42 3.36 37.48
CA VAL A 185 17.44 3.82 36.55
C VAL A 185 17.19 3.31 35.14
N SER A 186 17.22 4.22 34.17
CA SER A 186 16.96 3.85 32.80
C SER A 186 17.84 2.68 32.33
N ARG A 187 17.20 1.62 31.86
CA ARG A 187 17.89 0.52 31.21
C ARG A 187 18.09 0.83 29.73
N TYR A 188 17.63 2.00 29.31
CA TYR A 188 17.78 2.42 27.92
C TYR A 188 19.21 2.83 27.70
N GLY A 189 19.90 2.10 26.83
CA GLY A 189 21.31 2.33 26.59
C GLY A 189 22.14 1.26 27.25
N LEU A 190 21.49 0.41 28.04
CA LEU A 190 22.17 -0.76 28.60
C LEU A 190 21.89 -1.95 27.72
N VAL A 191 22.93 -2.42 27.04
CA VAL A 191 22.81 -3.65 26.27
C VAL A 191 22.33 -4.73 27.23
N ALA A 192 21.02 -4.89 27.28
CA ALA A 192 20.39 -5.74 28.28
C ALA A 192 20.61 -7.21 27.98
N PHE A 193 20.91 -7.97 29.02
CA PHE A 193 21.07 -9.42 28.91
C PHE A 193 19.84 -10.12 29.46
N ALA A 194 19.32 -9.59 30.57
CA ALA A 194 17.99 -9.96 31.05
C ALA A 194 17.21 -8.66 31.27
N SER A 195 16.01 -8.57 30.73
CA SER A 195 15.28 -7.32 30.80
C SER A 195 14.64 -7.13 32.17
N SER A 196 14.31 -8.23 32.83
CA SER A 196 13.50 -8.18 34.04
C SER A 196 14.32 -7.85 35.28
N LEU A 197 15.59 -8.19 35.25
CA LEU A 197 16.42 -8.20 36.46
C LEU A 197 17.48 -7.10 36.42
N ASP A 198 18.06 -6.89 35.25
CA ASP A 198 19.09 -5.88 35.06
C ASP A 198 18.84 -4.59 35.81
N GLN A 199 19.93 -3.88 36.09
CA GLN A 199 19.87 -2.51 36.57
C GLN A 199 21.26 -1.92 36.74
N ILE A 200 21.46 -0.76 36.11
CA ILE A 200 22.70 -0.01 36.21
C ILE A 200 22.81 0.62 37.59
N GLY A 201 23.94 0.38 38.25
CA GLY A 201 24.19 0.94 39.57
C GLY A 201 25.59 1.52 39.71
N PRO A 202 25.81 2.33 40.75
CA PRO A 202 27.14 2.89 40.97
C PRO A 202 28.10 1.85 41.52
N ILE A 203 29.39 2.20 41.52
CA ILE A 203 30.46 1.41 42.13
C ILE A 203 31.50 2.42 42.59
N THR A 204 31.66 2.57 43.90
CA THR A 204 32.44 3.70 44.41
C THR A 204 33.25 3.43 45.69
N LYS A 205 33.89 4.48 46.18
CA LYS A 205 34.76 4.40 47.35
C LYS A 205 34.03 4.67 48.67
N THR A 206 33.31 5.79 48.71
CA THR A 206 32.49 6.14 49.85
C THR A 206 31.10 5.56 49.61
N VAL A 207 30.42 5.17 50.68
CA VAL A 207 29.03 4.75 50.57
C VAL A 207 28.18 6.00 50.55
N ARG A 208 28.83 7.14 50.46
CA ARG A 208 28.17 8.43 50.26
C ARG A 208 28.04 8.74 48.76
N ASP A 209 28.87 8.08 47.96
CA ASP A 209 28.84 8.28 46.53
C ASP A 209 27.88 7.29 45.89
N ALA A 210 27.88 6.06 46.40
CA ALA A 210 26.92 5.06 45.96
C ALA A 210 25.53 5.64 46.14
N ALA A 211 25.38 6.49 47.15
CA ALA A 211 24.11 7.15 47.41
C ALA A 211 24.00 8.46 46.65
N ILE A 212 25.14 9.09 46.36
CA ILE A 212 25.12 10.38 45.67
C ILE A 212 24.91 10.19 44.16
N LEU A 213 25.42 9.09 43.62
CA LEU A 213 25.27 8.79 42.18
C LEU A 213 23.81 8.58 41.80
N MET A 214 23.09 7.84 42.65
CA MET A 214 21.68 7.58 42.42
C MET A 214 20.88 8.85 42.19
N GLU A 215 20.98 9.81 43.09
CA GLU A 215 20.20 11.05 42.98
C GLU A 215 20.59 11.87 41.73
N ILE A 216 21.43 11.28 40.88
CA ILE A 216 21.78 11.89 39.61
C ILE A 216 21.41 10.97 38.45
N ILE A 217 21.75 9.69 38.58
CA ILE A 217 21.48 8.72 37.52
C ILE A 217 20.15 7.99 37.74
N SER A 218 19.05 8.73 37.67
CA SER A 218 17.76 8.11 37.91
C SER A 218 16.60 8.90 37.32
N GLY A 219 15.42 8.71 37.91
CA GLY A 219 14.21 9.33 37.40
C GLY A 219 13.60 8.46 36.32
N ARG A 220 12.30 8.62 36.13
CA ARG A 220 11.60 7.94 35.05
C ARG A 220 12.25 8.36 33.73
N ASP A 221 12.18 7.49 32.72
CA ASP A 221 12.60 7.85 31.37
C ASP A 221 11.59 7.37 30.34
N GLU A 222 11.28 8.24 29.38
CA GLU A 222 10.32 7.91 28.34
C GLU A 222 10.96 7.04 27.26
N ASN A 223 12.12 6.49 27.58
CA ASN A 223 12.86 5.64 26.65
C ASN A 223 12.97 4.24 27.23
N ASP A 224 12.42 4.08 28.43
CA ASP A 224 12.27 2.78 29.04
C ASP A 224 10.90 2.81 29.71
N ALA A 225 9.97 2.02 29.19
CA ALA A 225 8.61 2.02 29.72
C ALA A 225 8.50 1.20 30.99
N THR A 226 9.64 0.82 31.57
CA THR A 226 9.66 0.08 32.82
C THR A 226 10.46 0.79 33.91
N THR A 227 10.26 2.10 34.06
CA THR A 227 10.95 2.82 35.11
C THR A 227 10.07 3.78 35.89
N VAL A 228 8.75 3.66 35.71
CA VAL A 228 7.80 4.63 36.28
C VAL A 228 8.15 5.12 37.69
N ASN A 229 7.87 6.40 37.88
CA ASN A 229 8.36 7.21 39.00
C ASN A 229 8.10 6.67 40.41
N ARG A 230 8.74 7.33 41.36
CA ARG A 230 8.62 6.98 42.76
C ARG A 230 9.33 8.03 43.61
N LYS A 231 8.76 8.33 44.77
CA LYS A 231 9.31 9.33 45.68
C LYS A 231 10.50 8.74 46.45
N VAL A 232 11.68 8.76 45.84
CA VAL A 232 12.84 8.09 46.43
C VAL A 232 14.06 8.99 46.71
N ASP A 233 14.49 8.99 47.97
CA ASP A 233 15.64 9.80 48.40
C ASP A 233 16.78 8.91 48.87
N PHE A 234 17.96 9.14 48.31
CA PHE A 234 19.14 8.33 48.63
C PHE A 234 20.03 9.06 49.62
N LEU A 235 19.68 10.31 49.89
CA LEU A 235 20.40 11.14 50.85
C LEU A 235 19.50 11.52 52.04
N SER A 236 19.87 12.59 52.74
CA SER A 236 19.10 13.08 53.88
C SER A 236 19.22 12.18 55.11
N GLU A 237 18.71 10.96 55.02
CA GLU A 237 18.75 10.04 56.16
C GLU A 237 20.02 9.18 56.14
N ILE A 238 20.92 9.50 55.22
CA ILE A 238 22.15 8.72 55.02
C ILE A 238 22.94 8.47 56.31
N GLU A 239 23.49 9.54 56.88
CA GLU A 239 24.26 9.46 58.11
C GLU A 239 23.32 9.33 59.32
N GLU A 240 22.83 8.12 59.58
CA GLU A 240 21.91 7.91 60.70
C GLU A 240 21.85 6.45 61.16
N GLY A 241 22.88 6.02 61.87
CA GLY A 241 22.95 4.65 62.37
C GLY A 241 21.61 4.04 62.70
N VAL A 242 21.41 2.82 62.22
CA VAL A 242 20.23 2.05 62.52
C VAL A 242 20.15 1.76 64.02
N SER A 243 19.76 2.77 64.80
CA SER A 243 19.84 2.68 66.25
C SER A 243 18.57 2.11 66.90
N GLY A 244 17.64 1.64 66.08
CA GLY A 244 16.41 1.05 66.59
C GLY A 244 15.61 0.33 65.53
N MET A 245 16.19 -0.70 64.92
CA MET A 245 15.54 -1.44 63.85
C MET A 245 15.71 -2.94 63.98
N LYS A 246 14.63 -3.68 63.74
CA LYS A 246 14.70 -5.13 63.65
C LYS A 246 15.20 -5.50 62.25
N PHE A 247 15.96 -6.59 62.15
CA PHE A 247 16.47 -7.05 60.86
C PHE A 247 16.07 -8.50 60.60
N ALA A 248 16.73 -9.11 59.62
CA ALA A 248 16.44 -10.49 59.24
C ALA A 248 17.65 -11.18 58.64
N VAL A 249 17.77 -12.49 58.85
CA VAL A 249 18.86 -13.25 58.27
C VAL A 249 18.38 -14.58 57.69
N PRO A 250 18.97 -15.00 56.57
CA PRO A 250 18.66 -16.25 55.87
C PRO A 250 18.85 -17.48 56.77
N GLU A 251 18.81 -18.67 56.17
CA GLU A 251 18.88 -19.90 56.94
C GLU A 251 19.85 -20.91 56.35
N GLU A 252 19.71 -21.19 55.07
CA GLU A 252 20.71 -21.97 54.36
C GLU A 252 21.93 -21.08 54.15
N ILE A 253 21.79 -19.83 54.59
CA ILE A 253 22.93 -18.92 54.70
C ILE A 253 24.00 -19.63 55.53
N TYR A 254 23.56 -20.61 56.31
CA TYR A 254 24.44 -21.41 57.14
C TYR A 254 24.26 -22.90 56.85
N GLU A 255 24.04 -23.24 55.58
CA GLU A 255 23.78 -24.63 55.20
C GLU A 255 24.40 -25.01 53.86
N HIS A 256 25.61 -24.52 53.63
CA HIS A 256 26.42 -24.90 52.49
C HIS A 256 27.84 -25.16 53.02
N ASP A 257 28.65 -24.10 53.00
CA ASP A 257 30.02 -24.13 53.51
C ASP A 257 30.76 -22.84 53.15
N ILE A 258 30.35 -21.71 53.72
CA ILE A 258 31.03 -20.44 53.48
C ILE A 258 32.50 -20.58 53.82
N GLU A 259 33.39 -20.04 52.99
CA GLU A 259 34.81 -20.09 53.32
C GLU A 259 35.02 -19.60 54.74
N GLU A 260 35.81 -20.34 55.51
CA GLU A 260 35.96 -20.07 56.93
C GLU A 260 36.12 -18.59 57.25
N GLY A 261 37.19 -17.99 56.75
CA GLY A 261 37.48 -16.59 57.02
C GLY A 261 36.34 -15.64 56.68
N VAL A 262 35.32 -16.15 56.00
CA VAL A 262 34.21 -15.31 55.54
C VAL A 262 33.18 -15.05 56.63
N SER A 263 32.33 -16.04 56.93
CA SER A 263 31.28 -15.87 57.93
C SER A 263 31.84 -15.39 59.26
N GLU A 264 33.15 -15.52 59.42
CA GLU A 264 33.84 -15.08 60.63
C GLU A 264 33.85 -13.56 60.76
N ARG A 265 34.53 -12.89 59.83
CA ARG A 265 34.56 -11.43 59.81
C ARG A 265 33.22 -10.90 59.29
N PHE A 266 32.24 -11.80 59.28
CA PHE A 266 30.86 -11.45 59.00
C PHE A 266 30.08 -11.35 60.30
N GLU A 267 30.19 -12.39 61.13
CA GLU A 267 29.50 -12.43 62.41
C GLU A 267 29.78 -11.18 63.23
N GLU A 268 30.79 -10.42 62.81
CA GLU A 268 31.06 -9.12 63.40
C GLU A 268 29.94 -8.15 63.05
N ALA A 269 29.55 -8.15 61.79
CA ALA A 269 28.45 -7.33 61.32
C ALA A 269 27.23 -7.46 62.24
N LEU A 270 26.98 -8.70 62.69
CA LEU A 270 25.93 -8.93 63.68
C LEU A 270 26.06 -7.99 64.87
N LYS A 271 27.11 -8.19 65.66
CA LYS A 271 27.30 -7.42 66.88
C LYS A 271 27.76 -5.98 66.65
N LEU A 272 28.61 -5.74 65.66
CA LEU A 272 29.09 -4.39 65.37
C LEU A 272 27.93 -3.49 64.96
N LEU A 273 26.75 -4.11 64.87
CA LEU A 273 25.49 -3.41 64.60
C LEU A 273 24.71 -3.35 65.90
N GLU A 274 24.57 -4.51 66.55
CA GLU A 274 23.92 -4.59 67.86
C GLU A 274 24.60 -3.64 68.86
N ARG A 275 25.85 -3.28 68.56
CA ARG A 275 26.60 -2.30 69.35
C ARG A 275 26.03 -0.91 69.14
N LEU A 276 25.32 -0.72 68.02
CA LEU A 276 24.60 0.52 67.77
C LEU A 276 23.14 0.33 68.18
N GLY A 277 22.81 -0.90 68.61
CA GLY A 277 21.52 -1.22 69.18
C GLY A 277 20.45 -1.59 68.17
N ALA A 278 20.47 -2.84 67.70
CA ALA A 278 19.46 -3.31 66.76
C ALA A 278 19.31 -4.83 66.77
N LYS A 279 18.05 -5.28 66.68
CA LYS A 279 17.72 -6.71 66.68
C LYS A 279 18.24 -7.41 65.43
N VAL A 280 19.26 -8.25 65.59
CA VAL A 280 19.78 -9.03 64.48
C VAL A 280 19.15 -10.43 64.46
N GLU A 281 17.87 -10.49 64.76
CA GLU A 281 17.14 -11.76 64.80
C GLU A 281 17.02 -12.41 63.43
N ARG A 282 16.35 -13.56 63.37
CA ARG A 282 16.33 -14.37 62.15
C ARG A 282 14.94 -14.92 61.84
N VAL A 283 14.68 -15.17 60.55
CA VAL A 283 13.46 -15.86 60.10
C VAL A 283 13.78 -16.86 58.97
N LYS A 284 13.01 -17.94 58.91
CA LYS A 284 13.28 -19.02 57.94
C LYS A 284 12.38 -18.98 56.71
N ILE A 285 13.00 -18.72 55.56
CA ILE A 285 12.31 -18.72 54.28
C ILE A 285 12.62 -20.02 53.52
N PRO A 286 11.57 -20.67 53.00
CA PRO A 286 11.69 -21.98 52.35
C PRO A 286 12.06 -21.87 50.88
N HIS A 287 11.07 -21.55 50.04
CA HIS A 287 11.22 -21.58 48.60
C HIS A 287 12.38 -20.75 48.06
N ILE A 288 12.86 -19.80 48.86
CA ILE A 288 14.05 -19.03 48.50
C ILE A 288 15.21 -20.00 48.23
N LYS A 289 15.11 -21.19 48.81
CA LYS A 289 16.08 -22.27 48.60
C LYS A 289 16.48 -22.41 47.14
N TYR A 290 15.56 -22.10 46.23
CA TYR A 290 15.76 -22.35 44.81
C TYR A 290 16.44 -21.19 44.08
N SER A 291 15.91 -19.99 44.28
CA SER A 291 16.35 -18.78 43.58
C SER A 291 17.25 -18.99 42.36
N VAL A 292 18.53 -19.28 42.59
CA VAL A 292 19.50 -19.39 41.51
C VAL A 292 19.06 -20.40 40.44
N ALA A 293 18.50 -21.52 40.88
CA ALA A 293 17.94 -22.49 39.95
C ALA A 293 16.82 -21.84 39.16
N THR A 294 16.07 -20.96 39.82
CA THR A 294 14.99 -20.22 39.20
C THR A 294 15.52 -19.07 38.33
N TYR A 295 16.57 -18.41 38.79
CA TYR A 295 17.17 -17.31 38.03
C TYR A 295 17.95 -17.80 36.81
N TYR A 296 18.36 -19.06 36.83
CA TYR A 296 19.07 -19.61 35.66
C TYR A 296 18.15 -20.26 34.62
N VAL A 297 16.86 -20.27 34.89
CA VAL A 297 15.88 -20.52 33.86
C VAL A 297 15.62 -19.17 33.20
N ILE A 298 14.91 -18.30 33.91
CA ILE A 298 14.54 -16.97 33.43
C ILE A 298 15.62 -16.24 32.63
N ALA A 299 16.78 -16.02 33.24
CA ALA A 299 17.76 -15.10 32.67
C ALA A 299 18.30 -15.51 31.30
N PRO A 300 18.92 -16.69 31.20
CA PRO A 300 19.45 -17.10 29.90
C PRO A 300 18.31 -17.43 28.94
N ALA A 301 17.08 -17.43 29.45
CA ALA A 301 15.90 -17.48 28.59
C ALA A 301 15.75 -16.12 27.91
N GLU A 302 15.69 -15.07 28.72
CA GLU A 302 15.60 -13.73 28.20
C GLU A 302 16.80 -13.43 27.31
N ALA A 303 17.91 -14.12 27.55
CA ALA A 303 19.12 -13.92 26.76
C ALA A 303 18.95 -14.42 25.35
N SER A 304 18.32 -15.58 25.21
CA SER A 304 18.12 -16.18 23.91
C SER A 304 17.09 -15.45 23.06
N SER A 305 16.99 -14.13 23.27
CA SER A 305 16.14 -13.28 22.45
C SER A 305 16.60 -11.83 22.56
N ASN A 306 17.01 -11.44 23.77
CA ASN A 306 17.64 -10.14 23.96
C ASN A 306 18.92 -10.09 23.15
N LEU A 307 19.55 -11.24 22.97
CA LEU A 307 20.75 -11.33 22.16
C LEU A 307 20.42 -11.81 20.76
N ALA A 308 19.19 -12.25 20.55
CA ALA A 308 18.79 -12.69 19.22
C ALA A 308 19.10 -11.63 18.19
N ARG A 309 19.32 -10.40 18.65
CA ARG A 309 19.43 -9.26 17.74
C ARG A 309 20.81 -9.11 17.10
N PHE A 310 21.82 -9.73 17.70
CA PHE A 310 23.18 -9.66 17.16
C PHE A 310 23.37 -10.80 16.17
N ASP A 311 23.24 -10.46 14.89
CA ASP A 311 23.04 -11.45 13.85
C ASP A 311 23.83 -11.14 12.60
N GLY A 312 24.81 -10.27 12.72
CA GLY A 312 25.61 -9.85 11.59
C GLY A 312 24.78 -9.15 10.52
N VAL A 313 23.48 -9.04 10.78
CA VAL A 313 22.60 -8.46 9.78
C VAL A 313 22.94 -7.00 9.52
N LYS A 314 22.96 -6.19 10.58
CA LYS A 314 22.98 -4.73 10.40
C LYS A 314 24.10 -3.96 11.13
N TYR A 315 24.80 -4.64 12.04
CA TYR A 315 25.95 -4.01 12.71
C TYR A 315 26.85 -5.02 13.44
N GLY A 316 28.11 -4.64 13.62
CA GLY A 316 29.03 -5.49 14.35
C GLY A 316 29.77 -6.48 13.47
N LEU A 317 29.79 -7.73 13.88
CA LEU A 317 30.59 -8.75 13.21
C LEU A 317 29.80 -9.42 12.12
N ARG A 318 30.49 -9.80 11.04
CA ARG A 318 29.86 -10.53 9.95
C ARG A 318 30.83 -11.41 9.15
N ILE A 319 30.55 -12.71 9.13
CA ILE A 319 31.36 -13.70 8.43
C ILE A 319 30.96 -13.83 6.96
N LYS A 320 31.84 -13.39 6.05
CA LYS A 320 31.47 -13.24 4.66
C LYS A 320 31.13 -14.57 3.96
N GLU A 321 30.03 -15.19 4.40
CA GLU A 321 29.56 -16.47 3.88
C GLU A 321 28.55 -16.29 2.75
N LYS A 322 28.62 -17.16 1.74
CA LYS A 322 27.78 -16.99 0.55
C LYS A 322 26.27 -17.19 0.77
N GLY A 323 25.88 -17.91 1.81
CA GLY A 323 24.48 -18.15 2.09
C GLY A 323 24.01 -17.51 3.39
N LEU A 324 22.72 -17.25 3.53
CA LEU A 324 22.22 -16.61 4.73
C LEU A 324 22.16 -17.59 5.91
N ARG A 325 21.56 -18.76 5.71
CA ARG A 325 21.52 -19.79 6.75
C ARG A 325 22.92 -20.02 7.34
N GLU A 326 23.94 -19.85 6.51
CA GLU A 326 25.32 -19.92 6.97
C GLU A 326 25.65 -18.68 7.80
N MET A 327 25.50 -17.52 7.17
CA MET A 327 25.95 -16.25 7.76
C MET A 327 25.53 -16.05 9.22
N TYR A 328 24.24 -16.15 9.49
CA TYR A 328 23.76 -16.05 10.87
C TYR A 328 24.61 -16.89 11.81
N MET A 329 24.58 -18.21 11.58
CA MET A 329 25.22 -19.15 12.49
C MET A 329 26.73 -18.91 12.61
N LYS A 330 27.45 -18.97 11.50
CA LYS A 330 28.91 -18.83 11.54
C LYS A 330 29.35 -17.46 12.08
N THR A 331 28.42 -16.51 12.14
CA THR A 331 28.72 -15.22 12.76
C THR A 331 28.39 -15.27 14.25
N ARG A 332 27.21 -15.78 14.60
CA ARG A 332 26.80 -15.91 15.99
C ARG A 332 27.64 -16.94 16.77
N ASN A 333 28.43 -17.72 16.04
CA ASN A 333 29.28 -18.75 16.65
C ASN A 333 30.66 -18.18 16.97
N VAL A 334 31.27 -17.56 15.97
CA VAL A 334 32.60 -17.04 16.10
C VAL A 334 32.57 -15.66 16.76
N GLY A 335 31.37 -15.16 16.99
CA GLY A 335 31.18 -13.87 17.61
C GLY A 335 30.91 -14.00 19.09
N PHE A 336 29.78 -14.60 19.43
CA PHE A 336 29.45 -14.87 20.83
C PHE A 336 30.54 -15.72 21.48
N GLY A 337 30.51 -17.01 21.16
CA GLY A 337 31.47 -17.94 21.69
C GLY A 337 31.51 -17.98 23.21
N GLU A 338 32.33 -18.88 23.73
CA GLU A 338 32.64 -18.97 25.16
C GLU A 338 31.40 -19.19 26.04
N GLU A 339 31.26 -18.36 27.08
CA GLU A 339 30.17 -18.53 28.03
C GLU A 339 28.82 -18.28 27.39
N VAL A 340 28.62 -17.05 26.94
CA VAL A 340 27.41 -16.65 26.25
C VAL A 340 26.78 -17.80 25.49
N ARG A 341 27.48 -18.29 24.48
CA ARG A 341 27.05 -19.44 23.69
C ARG A 341 26.07 -20.32 24.47
N ARG A 342 26.58 -20.91 25.55
CA ARG A 342 25.85 -21.92 26.30
C ARG A 342 24.64 -21.38 27.05
N ARG A 343 24.63 -20.08 27.32
CA ARG A 343 23.47 -19.45 27.96
C ARG A 343 22.34 -19.29 26.95
N ILE A 344 22.66 -18.69 25.80
CA ILE A 344 21.69 -18.50 24.72
C ILE A 344 21.10 -19.85 24.32
N MET A 345 21.81 -20.92 24.64
CA MET A 345 21.33 -22.27 24.35
C MET A 345 20.29 -22.74 25.34
N ILE A 346 20.68 -22.88 26.61
CA ILE A 346 19.76 -23.36 27.62
C ILE A 346 18.48 -22.52 27.63
N GLY A 347 18.59 -21.28 27.19
CA GLY A 347 17.47 -20.36 27.16
C GLY A 347 16.46 -20.69 26.06
N THR A 348 16.93 -20.76 24.82
CA THR A 348 16.07 -21.15 23.71
C THR A 348 15.40 -22.47 24.05
N PHE A 349 16.11 -23.30 24.81
CA PHE A 349 15.57 -24.59 25.24
C PHE A 349 14.49 -24.43 26.31
N THR A 350 14.57 -23.37 27.09
CA THR A 350 13.60 -23.11 28.13
C THR A 350 12.28 -22.68 27.53
N LEU A 351 12.32 -22.27 26.27
CA LEU A 351 11.18 -21.67 25.61
C LEU A 351 10.66 -22.53 24.47
N SER A 352 11.29 -23.68 24.26
CA SER A 352 11.00 -24.53 23.11
C SER A 352 9.62 -25.16 23.15
N ALA A 353 9.33 -25.97 22.14
CA ALA A 353 8.03 -26.61 21.97
C ALA A 353 7.49 -27.25 23.25
N ALA A 354 8.06 -28.40 23.62
CA ALA A 354 7.57 -29.17 24.76
C ALA A 354 8.40 -28.95 26.03
N TYR A 355 8.43 -27.71 26.51
CA TYR A 355 9.11 -27.38 27.75
C TYR A 355 8.62 -26.09 28.37
N TYR A 356 7.85 -25.30 27.61
CA TYR A 356 7.48 -23.96 28.05
C TYR A 356 6.87 -23.94 29.45
N GLU A 357 5.58 -24.27 29.56
CA GLU A 357 4.91 -24.24 30.86
C GLU A 357 5.68 -25.14 31.84
N ALA A 358 6.43 -26.07 31.30
CA ALA A 358 7.25 -26.97 32.11
C ALA A 358 8.34 -26.20 32.86
N TYR A 359 9.43 -25.89 32.16
CA TYR A 359 10.54 -25.18 32.77
C TYR A 359 10.27 -23.68 32.98
N PHE A 360 10.03 -22.96 31.89
CA PHE A 360 9.96 -21.50 31.96
C PHE A 360 8.85 -20.95 32.85
N ASN A 361 7.61 -20.99 32.35
CA ASN A 361 6.48 -20.42 33.09
C ASN A 361 6.53 -20.76 34.57
N LYS A 362 6.86 -22.03 34.87
CA LYS A 362 7.06 -22.47 36.25
C LYS A 362 7.99 -21.49 36.96
N ALA A 363 9.20 -21.36 36.43
CA ALA A 363 10.21 -20.47 36.99
C ALA A 363 9.68 -19.05 37.09
N MET A 364 8.90 -18.64 36.10
CA MET A 364 8.34 -17.28 36.09
C MET A 364 7.35 -17.11 37.23
N LYS A 365 6.86 -18.22 37.76
CA LYS A 365 5.92 -18.20 38.88
C LYS A 365 6.67 -18.35 40.20
N VAL A 366 7.69 -19.20 40.20
CA VAL A 366 8.55 -19.36 41.37
C VAL A 366 9.19 -18.01 41.72
N ARG A 367 9.40 -17.17 40.71
CA ARG A 367 9.91 -15.82 40.93
C ARG A 367 8.85 -14.90 41.56
N ARG A 368 7.62 -15.37 41.63
CA ARG A 368 6.58 -14.66 42.39
C ARG A 368 6.32 -15.43 43.68
N LYS A 369 6.90 -16.63 43.77
CA LYS A 369 6.98 -17.33 45.05
C LYS A 369 8.03 -16.61 45.89
N ILE A 370 9.28 -16.74 45.47
CA ILE A 370 10.39 -16.07 46.14
C ILE A 370 10.11 -14.58 46.28
N SER A 371 9.56 -13.98 45.22
CA SER A 371 9.25 -12.56 45.26
C SER A 371 8.31 -12.26 46.43
N ASP A 372 7.22 -13.01 46.51
CA ASP A 372 6.20 -12.78 47.52
C ASP A 372 6.70 -13.04 48.94
N GLU A 373 7.48 -14.10 49.12
CA GLU A 373 8.04 -14.44 50.44
C GLU A 373 9.07 -13.42 50.92
N LEU A 374 10.15 -13.26 50.14
CA LEU A 374 11.16 -12.25 50.43
C LEU A 374 10.50 -10.92 50.76
N ASN A 375 9.39 -10.65 50.08
CA ASN A 375 8.76 -9.33 50.13
C ASN A 375 8.18 -8.93 51.48
N GLU A 376 7.12 -9.61 51.91
CA GLU A 376 6.49 -9.27 53.17
C GLU A 376 7.43 -9.48 54.36
N VAL A 377 8.54 -10.16 54.12
CA VAL A 377 9.62 -10.22 55.10
C VAL A 377 10.16 -8.80 55.29
N LEU A 378 10.11 -8.01 54.22
CA LEU A 378 10.38 -6.58 54.30
C LEU A 378 9.13 -5.86 54.78
N SER A 379 8.23 -6.59 55.43
CA SER A 379 7.00 -5.98 55.95
C SER A 379 6.61 -6.47 57.35
N GLN A 380 7.62 -6.88 58.12
CA GLN A 380 7.49 -6.95 59.57
C GLN A 380 8.59 -6.03 60.10
N TYR A 381 9.75 -6.12 59.48
CA TYR A 381 10.86 -5.25 59.81
C TYR A 381 11.62 -4.78 58.58
N ASP A 382 12.69 -4.04 58.83
CA ASP A 382 13.46 -3.42 57.76
C ASP A 382 14.40 -4.40 57.08
N ALA A 383 15.56 -3.91 56.68
CA ALA A 383 16.50 -4.65 55.83
C ALA A 383 16.73 -6.13 56.17
N ILE A 384 16.90 -6.93 55.13
CA ILE A 384 17.48 -8.25 55.26
C ILE A 384 18.98 -8.02 55.11
N LEU A 385 19.77 -9.08 55.02
CA LEU A 385 21.21 -8.93 54.78
C LEU A 385 21.92 -10.26 54.68
N THR A 386 23.16 -10.20 54.22
CA THR A 386 23.93 -11.38 53.89
C THR A 386 25.31 -10.93 53.43
N PRO A 387 26.29 -11.85 53.49
CA PRO A 387 27.57 -11.58 52.83
C PRO A 387 27.32 -11.43 51.35
N THR A 388 27.76 -10.33 50.76
CA THR A 388 27.70 -10.23 49.31
C THR A 388 28.38 -11.47 48.75
N SER A 389 29.59 -11.74 49.22
CA SER A 389 30.37 -12.87 48.74
C SER A 389 30.16 -14.11 49.59
N PRO A 390 30.31 -15.30 48.98
CA PRO A 390 30.42 -16.58 49.68
C PRO A 390 31.86 -17.06 49.61
N VAL A 391 32.74 -16.20 49.08
CA VAL A 391 34.14 -16.55 48.91
C VAL A 391 35.10 -15.35 48.91
N THR A 392 36.29 -15.60 49.43
CA THR A 392 37.40 -14.65 49.40
C THR A 392 37.47 -13.90 48.07
N ALA A 393 38.07 -14.53 47.06
CA ALA A 393 38.23 -13.95 45.73
C ALA A 393 39.14 -14.81 44.85
N PHE A 394 38.58 -15.88 44.30
CA PHE A 394 39.36 -16.96 43.69
C PHE A 394 40.54 -16.57 42.78
N LYS A 395 41.43 -17.54 42.58
CA LYS A 395 42.71 -17.33 41.88
C LYS A 395 42.57 -17.35 40.35
N ILE A 396 43.55 -16.78 39.66
CA ILE A 396 43.46 -16.51 38.20
C ILE A 396 42.89 -17.66 37.37
N GLY A 397 43.22 -18.90 37.75
CA GLY A 397 42.71 -20.06 37.05
C GLY A 397 41.50 -20.63 37.76
N GLU A 398 40.63 -21.30 37.01
CA GLU A 398 39.37 -21.75 37.60
C GLU A 398 38.91 -23.14 37.15
N ILE A 399 38.42 -23.92 38.11
CA ILE A 399 37.79 -25.20 37.82
C ILE A 399 36.85 -25.02 36.64
N LYS A 400 37.23 -25.55 35.48
CA LYS A 400 36.40 -25.40 34.28
C LYS A 400 35.05 -26.10 34.48
N ASP A 401 34.13 -25.38 35.09
CA ASP A 401 32.84 -25.92 35.50
C ASP A 401 31.85 -24.77 35.68
N PRO A 402 30.98 -24.58 34.68
CA PRO A 402 29.98 -23.51 34.78
C PRO A 402 29.21 -23.57 36.09
N LEU A 403 28.62 -24.73 36.40
CA LEU A 403 27.83 -24.91 37.63
C LEU A 403 28.39 -24.12 38.81
N THR A 404 29.72 -24.16 38.95
CA THR A 404 30.42 -23.48 40.04
C THR A 404 30.01 -22.01 40.12
N TYR A 405 30.37 -21.26 39.08
CA TYR A 405 30.01 -19.85 39.01
C TYR A 405 28.52 -19.66 39.24
N TYR A 406 27.71 -20.45 38.55
CA TYR A 406 26.25 -20.32 38.59
C TYR A 406 25.69 -20.48 40.00
N LEU A 407 26.55 -20.84 40.94
CA LEU A 407 26.18 -20.94 42.34
C LEU A 407 26.83 -19.84 43.16
N MET A 408 28.00 -19.39 42.70
CA MET A 408 28.83 -18.44 43.44
C MET A 408 28.10 -17.13 43.72
N ASP A 409 26.77 -17.18 43.65
CA ASP A 409 25.95 -16.02 43.94
C ASP A 409 25.08 -16.23 45.18
N ILE A 410 23.95 -16.92 44.99
CA ILE A 410 22.86 -16.98 45.98
C ILE A 410 22.61 -15.64 46.67
N PHE A 411 23.57 -15.21 47.48
CA PHE A 411 23.46 -13.95 48.21
C PHE A 411 23.09 -12.77 47.31
N THR A 412 23.26 -12.93 46.01
CA THR A 412 23.02 -11.82 45.10
C THR A 412 21.72 -11.96 44.30
N ILE A 413 21.47 -13.17 43.81
CA ILE A 413 20.34 -13.45 42.91
C ILE A 413 18.96 -12.86 43.26
N PRO A 414 18.44 -13.17 44.46
CA PRO A 414 17.02 -12.91 44.76
C PRO A 414 16.68 -11.43 44.83
N ALA A 415 17.68 -10.59 45.06
CA ALA A 415 17.47 -9.15 45.01
C ALA A 415 16.98 -8.78 43.61
N ASN A 416 17.53 -9.49 42.62
CA ASN A 416 17.11 -9.30 41.24
C ASN A 416 15.66 -9.73 41.01
N LEU A 417 15.29 -10.88 41.58
CA LEU A 417 13.96 -11.42 41.37
C LEU A 417 12.88 -10.60 42.09
N ALA A 418 13.16 -9.31 42.27
CA ALA A 418 12.18 -8.38 42.82
C ALA A 418 12.66 -6.94 42.64
N GLY A 419 13.81 -6.79 41.99
CA GLY A 419 14.42 -5.48 41.85
C GLY A 419 15.20 -5.13 43.10
N LEU A 420 14.57 -5.35 44.26
CA LEU A 420 15.18 -5.18 45.59
C LEU A 420 16.50 -4.41 45.59
N PRO A 421 16.51 -3.23 46.21
CA PRO A 421 17.77 -2.49 46.35
C PRO A 421 18.78 -3.33 47.13
N ALA A 422 20.07 -3.05 47.00
CA ALA A 422 21.09 -3.84 47.68
C ALA A 422 22.51 -3.31 47.51
N ILE A 423 23.12 -2.87 48.61
CA ILE A 423 24.50 -2.40 48.59
C ILE A 423 25.44 -3.52 48.99
N SER A 424 26.71 -3.37 48.62
CA SER A 424 27.77 -4.23 49.10
C SER A 424 28.87 -3.33 49.66
N VAL A 425 28.95 -3.24 50.98
CA VAL A 425 29.91 -2.37 51.65
C VAL A 425 31.01 -3.20 52.30
N PRO A 426 32.28 -2.79 52.15
CA PRO A 426 33.42 -3.53 52.69
C PRO A 426 33.54 -3.47 54.22
N PHE A 427 34.15 -4.49 54.79
CA PHE A 427 34.13 -4.73 56.23
C PHE A 427 35.00 -5.96 56.51
N GLY A 428 36.06 -6.11 55.72
CA GLY A 428 36.91 -7.28 55.82
C GLY A 428 38.32 -7.06 55.29
N PHE A 429 38.96 -8.16 54.88
CA PHE A 429 40.36 -8.18 54.51
C PHE A 429 40.73 -9.66 54.53
N SER A 430 39.71 -10.49 54.75
CA SER A 430 39.87 -11.92 55.08
C SER A 430 40.62 -12.76 54.04
N ASN A 431 41.46 -13.67 54.53
CA ASN A 431 42.36 -14.45 53.69
C ASN A 431 43.22 -13.51 52.87
N ASN A 432 43.22 -12.25 53.29
CA ASN A 432 43.88 -11.14 52.62
C ASN A 432 43.26 -10.75 51.28
N LEU A 433 41.94 -10.82 51.21
CA LEU A 433 41.18 -10.39 50.03
C LEU A 433 39.83 -9.80 50.46
N PRO A 434 39.79 -8.48 50.63
CA PRO A 434 38.80 -7.62 51.29
C PRO A 434 37.36 -7.80 50.85
N VAL A 435 36.68 -8.81 51.37
CA VAL A 435 35.27 -9.04 51.06
C VAL A 435 34.35 -8.38 52.08
N GLY A 436 33.33 -7.69 51.60
CA GLY A 436 32.38 -7.00 52.46
C GLY A 436 31.03 -7.69 52.54
N VAL A 437 30.04 -6.96 53.04
CA VAL A 437 28.69 -7.50 53.22
C VAL A 437 27.63 -6.80 52.39
N GLN A 438 26.44 -7.40 52.37
CA GLN A 438 25.29 -6.84 51.64
C GLN A 438 24.11 -6.54 52.56
N VAL A 439 23.28 -5.60 52.14
CA VAL A 439 22.10 -5.20 52.91
C VAL A 439 20.87 -5.07 52.02
N ILE A 440 20.18 -6.19 51.79
CA ILE A 440 18.94 -6.21 51.02
C ILE A 440 17.98 -5.11 51.48
N GLY A 441 17.03 -4.75 50.63
CA GLY A 441 16.05 -3.74 50.97
C GLY A 441 14.62 -4.11 50.60
N ARG A 442 13.67 -3.29 51.04
CA ARG A 442 12.28 -3.48 50.66
C ARG A 442 12.16 -3.21 49.18
N ARG A 443 11.32 -3.97 48.50
CA ARG A 443 11.07 -3.70 47.10
C ARG A 443 10.79 -2.21 47.00
N PHE A 444 11.54 -1.54 46.14
CA PHE A 444 11.33 -0.13 45.82
C PHE A 444 11.31 0.80 47.05
N ALA A 445 12.00 0.38 48.12
CA ALA A 445 12.22 1.25 49.28
C ALA A 445 13.72 1.45 49.53
N ASP A 446 14.28 2.48 48.90
CA ASP A 446 15.72 2.65 48.77
C ASP A 446 16.44 3.29 49.94
N GLY A 447 16.25 4.61 50.08
CA GLY A 447 16.97 5.41 51.04
C GLY A 447 17.41 4.68 52.28
N LYS A 448 16.53 3.83 52.80
CA LYS A 448 16.80 3.09 54.03
C LYS A 448 18.07 2.24 53.98
N VAL A 449 18.37 1.66 52.82
CA VAL A 449 19.56 0.84 52.69
C VAL A 449 20.81 1.72 52.58
N PHE A 450 20.59 2.99 52.26
CA PHE A 450 21.69 3.97 52.21
C PHE A 450 21.88 4.64 53.56
N ARG A 451 21.27 4.05 54.59
CA ARG A 451 21.48 4.47 55.95
C ARG A 451 22.27 3.35 56.61
N ILE A 452 21.75 2.14 56.49
CA ILE A 452 22.38 0.94 57.03
C ILE A 452 23.77 0.74 56.45
N ALA A 453 24.02 1.35 55.30
CA ALA A 453 25.33 1.28 54.67
C ALA A 453 26.35 2.10 55.46
N ARG A 454 26.26 3.43 55.35
CA ARG A 454 27.17 4.32 56.08
C ARG A 454 27.30 3.90 57.53
N ALA A 455 26.21 3.39 58.11
CA ALA A 455 26.25 2.85 59.45
C ALA A 455 27.50 2.00 59.59
N ILE A 456 27.49 0.84 58.93
CA ILE A 456 28.65 -0.04 58.93
C ILE A 456 29.94 0.71 58.58
N GLU A 457 29.96 1.29 57.38
CA GLU A 457 31.18 1.90 56.82
C GLU A 457 32.02 2.70 57.82
N LYS A 458 31.38 3.27 58.84
CA LYS A 458 32.15 3.94 59.88
C LYS A 458 32.24 3.15 61.20
N ASN A 459 31.08 2.76 61.75
CA ASN A 459 31.03 1.99 62.99
C ASN A 459 31.58 0.57 62.82
N SER A 460 32.75 0.48 62.18
CA SER A 460 33.40 -0.79 61.91
C SER A 460 34.91 -0.68 62.06
N PRO A 461 35.54 -1.68 62.69
CA PRO A 461 37.00 -1.72 62.73
C PRO A 461 37.56 -1.80 61.31
N TYR A 462 38.86 -1.50 61.16
CA TYR A 462 39.53 -1.53 59.85
C TYR A 462 39.46 -0.18 59.11
N ASN A 463 38.24 0.31 58.90
CA ASN A 463 38.01 1.53 58.13
C ASN A 463 38.48 2.81 58.84
N GLU A 464 39.65 3.31 58.47
CA GLU A 464 40.11 4.59 59.01
C GLU A 464 39.71 5.75 58.11
N ASN A 465 39.50 6.92 58.71
CA ASN A 465 38.99 8.11 58.01
C ASN A 465 37.50 7.98 57.71
N GLY A 466 36.97 6.79 57.87
CA GLY A 466 35.58 6.50 57.56
C GLY A 466 35.46 5.63 56.33
N MET A 467 36.54 5.54 55.55
CA MET A 467 36.53 4.76 54.32
C MET A 467 37.62 3.67 54.29
N PHE A 468 37.16 2.43 54.33
CA PHE A 468 38.02 1.26 54.10
C PHE A 468 39.10 1.56 53.07
N PRO A 469 40.32 1.03 53.30
CA PRO A 469 41.52 1.32 52.52
C PRO A 469 41.51 0.85 51.06
N LEU A 470 42.41 1.42 50.26
CA LEU A 470 42.52 1.08 48.85
C LEU A 470 43.89 0.48 48.51
N PRO A 471 43.89 -0.60 47.72
CA PRO A 471 45.06 -1.36 47.26
C PRO A 471 46.15 -0.52 46.60
N GLU A 472 47.35 -0.56 47.19
CA GLU A 472 48.51 0.12 46.61
C GLU A 472 49.01 -0.66 45.39
N VAL A 473 49.17 0.06 44.28
CA VAL A 473 49.40 -0.56 42.98
C VAL A 473 50.81 -0.32 42.43
N LYS A 474 51.47 -1.39 41.99
CA LYS A 474 52.86 -1.35 41.55
C LYS A 474 53.22 -0.22 40.57
N ALA A 475 53.45 0.98 41.12
CA ALA A 475 53.85 2.14 40.33
C ALA A 475 54.46 3.23 41.22
N MET B 1 -24.23 -25.28 -4.70
CA MET B 1 -25.44 -25.74 -4.02
C MET B 1 -25.23 -27.15 -3.48
N ARG B 2 -24.60 -27.99 -4.29
CA ARG B 2 -24.41 -29.40 -3.96
C ARG B 2 -23.33 -29.61 -2.89
N TYR B 3 -22.16 -29.03 -3.11
CA TYR B 3 -21.06 -29.10 -2.14
C TYR B 3 -20.96 -27.83 -1.28
N ARG B 4 -20.63 -27.99 0.00
CA ARG B 4 -20.58 -26.87 0.92
C ARG B 4 -19.14 -26.48 1.33
N PRO B 5 -18.74 -25.23 1.01
CA PRO B 5 -17.43 -24.68 1.35
C PRO B 5 -17.42 -23.87 2.65
N VAL B 6 -16.42 -24.11 3.50
CA VAL B 6 -16.22 -23.28 4.69
C VAL B 6 -14.91 -22.50 4.63
N ILE B 7 -15.03 -21.18 4.57
CA ILE B 7 -13.88 -20.29 4.45
C ILE B 7 -13.67 -19.46 5.70
N GLY B 8 -12.41 -19.33 6.10
CA GLY B 8 -12.01 -18.46 7.19
C GLY B 8 -10.67 -17.83 6.86
N LEU B 9 -10.57 -16.52 7.05
CA LEU B 9 -9.37 -15.81 6.64
C LEU B 9 -8.61 -15.14 7.79
N GLU B 10 -7.31 -14.94 7.59
CA GLU B 10 -6.47 -14.15 8.47
C GLU B 10 -6.26 -12.79 7.81
N ILE B 11 -6.30 -11.71 8.59
CA ILE B 11 -6.15 -10.37 8.05
C ILE B 11 -5.14 -9.56 8.83
N HIS B 12 -4.18 -8.94 8.13
CA HIS B 12 -3.30 -7.96 8.76
C HIS B 12 -3.75 -6.56 8.38
N VAL B 13 -3.48 -5.58 9.23
CA VAL B 13 -3.88 -4.19 8.95
C VAL B 13 -2.83 -3.16 9.33
N GLN B 14 -2.52 -2.29 8.37
CA GLN B 14 -1.66 -1.15 8.67
C GLN B 14 -2.52 -0.02 9.20
N LEU B 15 -2.22 0.43 10.42
CA LEU B 15 -2.96 1.53 11.00
C LEU B 15 -2.34 2.86 10.61
N SER B 16 -3.16 3.81 10.19
CA SER B 16 -2.68 5.08 9.69
C SER B 16 -2.26 6.06 10.80
N THR B 17 -1.33 5.64 11.66
CA THR B 17 -0.93 6.45 12.79
C THR B 17 0.04 7.57 12.41
N LYS B 18 0.72 8.13 13.41
CA LYS B 18 1.73 9.15 13.19
C LYS B 18 3.03 8.54 13.67
N THR B 19 3.36 8.81 14.93
CA THR B 19 4.39 8.07 15.62
C THR B 19 4.19 6.62 15.23
N LYS B 20 5.30 5.92 14.98
CA LYS B 20 5.29 4.49 14.65
C LYS B 20 4.63 3.63 15.71
N ALA B 21 5.29 2.54 16.10
CA ALA B 21 4.64 1.51 16.89
C ALA B 21 5.21 1.36 18.29
N PHE B 22 6.52 1.44 18.42
CA PHE B 22 7.13 1.38 19.73
C PHE B 22 8.22 2.40 19.83
N CYS B 23 8.02 3.53 19.19
CA CYS B 23 9.01 4.61 19.20
C CYS B 23 8.43 5.85 18.54
N SER B 24 9.32 6.75 18.13
CA SER B 24 8.92 8.09 17.78
C SER B 24 9.26 8.46 16.34
N CYS B 25 9.28 7.46 15.48
CA CYS B 25 9.50 7.71 14.06
C CYS B 25 8.18 7.72 13.31
N PRO B 26 8.09 8.49 12.22
CA PRO B 26 6.88 8.47 11.39
C PRO B 26 6.68 7.09 10.75
N ALA B 27 5.45 6.58 10.83
CA ALA B 27 5.14 5.25 10.31
C ALA B 27 4.36 5.32 8.99
N ASP B 28 4.18 6.53 8.49
CA ASP B 28 3.64 6.73 7.16
C ASP B 28 4.83 6.96 6.24
N VAL B 29 5.45 5.87 5.82
CA VAL B 29 6.75 5.92 5.17
C VAL B 29 6.75 5.27 3.77
N PHE B 30 5.77 5.61 2.94
CA PHE B 30 5.67 4.97 1.64
C PHE B 30 6.71 5.51 0.67
N GLU B 31 6.45 6.67 0.08
CA GLU B 31 7.40 7.28 -0.85
C GLU B 31 8.66 7.79 -0.13
N LEU B 32 9.24 6.93 0.69
CA LEU B 32 10.40 7.30 1.47
C LEU B 32 11.61 6.48 1.07
N PRO B 33 12.71 7.17 0.78
CA PRO B 33 13.96 6.50 0.43
C PRO B 33 14.30 5.53 1.53
N PRO B 34 15.00 4.44 1.19
CA PRO B 34 15.34 3.40 2.16
C PRO B 34 15.98 3.93 3.44
N ASN B 35 15.67 3.30 4.56
CA ASN B 35 16.28 3.65 5.83
C ASN B 35 16.45 5.15 6.02
N THR B 36 15.36 5.89 5.96
CA THR B 36 15.32 7.29 6.36
C THR B 36 14.41 7.47 7.57
N ALA B 37 13.61 6.45 7.86
CA ALA B 37 12.77 6.46 9.03
C ALA B 37 13.27 5.42 10.01
N ILE B 38 14.58 5.43 10.21
CA ILE B 38 15.17 4.56 11.21
C ILE B 38 15.28 5.34 12.50
N CYS B 39 15.29 4.63 13.62
CA CYS B 39 15.61 5.19 14.93
C CYS B 39 16.30 4.10 15.73
N PRO B 40 17.19 4.49 16.64
CA PRO B 40 17.86 3.50 17.48
C PRO B 40 16.97 2.32 17.87
N VAL B 41 15.68 2.55 18.11
CA VAL B 41 14.80 1.49 18.67
C VAL B 41 14.20 0.53 17.65
N CYS B 42 13.45 1.06 16.69
CA CYS B 42 12.73 0.27 15.70
C CYS B 42 13.69 -0.45 14.76
N THR B 43 14.99 -0.18 14.95
CA THR B 43 16.04 -0.69 14.10
C THR B 43 16.85 -1.75 14.83
N GLY B 44 16.51 -1.97 16.09
CA GLY B 44 17.04 -3.07 16.86
C GLY B 44 18.47 -2.88 17.32
N GLN B 45 18.93 -1.64 17.33
CA GLN B 45 20.25 -1.29 17.84
C GLN B 45 20.42 -1.85 19.25
N PRO B 46 21.67 -2.04 19.71
CA PRO B 46 21.75 -2.60 21.05
C PRO B 46 21.35 -1.57 22.10
N GLY B 47 20.65 -2.04 23.14
CA GLY B 47 20.25 -1.18 24.24
C GLY B 47 19.11 -0.25 23.86
N ALA B 48 18.13 -0.79 23.14
CA ALA B 48 16.98 -0.01 22.73
C ALA B 48 15.73 -0.62 23.31
N LEU B 49 14.83 0.21 23.79
CA LEU B 49 13.60 -0.30 24.40
C LEU B 49 12.36 0.34 23.78
N PRO B 50 11.27 -0.43 23.69
CA PRO B 50 10.02 -0.02 23.06
C PRO B 50 9.08 0.77 23.98
N VAL B 51 8.55 1.89 23.51
CA VAL B 51 7.65 2.72 24.29
C VAL B 51 6.26 2.78 23.68
N PRO B 52 5.29 2.04 24.27
CA PRO B 52 3.96 1.90 23.67
C PRO B 52 3.38 3.23 23.19
N ASN B 53 3.05 3.31 21.91
CA ASN B 53 2.44 4.51 21.34
C ASN B 53 0.98 4.55 21.75
N GLU B 54 0.53 5.69 22.26
CA GLU B 54 -0.86 5.81 22.68
C GLU B 54 -1.78 5.59 21.48
N GLU B 55 -1.65 6.46 20.48
CA GLU B 55 -2.45 6.40 19.25
C GLU B 55 -2.65 4.99 18.70
N MET B 56 -1.61 4.18 18.71
CA MET B 56 -1.72 2.79 18.27
C MET B 56 -2.84 2.04 19.00
N ILE B 57 -3.09 2.44 20.24
CA ILE B 57 -4.08 1.78 21.10
C ILE B 57 -5.49 2.32 20.83
N ARG B 58 -5.58 3.65 20.78
CA ARG B 58 -6.79 4.37 20.42
C ARG B 58 -7.42 3.71 19.21
N PHE B 59 -6.62 3.55 18.16
CA PHE B 59 -7.05 2.95 16.89
C PHE B 59 -7.58 1.53 17.06
N ALA B 60 -6.84 0.70 17.77
CA ALA B 60 -7.28 -0.68 18.01
C ALA B 60 -8.65 -0.70 18.66
N VAL B 61 -8.82 0.01 19.77
CA VAL B 61 -10.11 -0.01 20.47
C VAL B 61 -11.26 0.41 19.57
N LYS B 62 -11.06 1.45 18.78
CA LYS B 62 -12.07 1.89 17.83
C LYS B 62 -12.53 0.74 16.95
N THR B 63 -11.59 0.08 16.26
CA THR B 63 -11.92 -1.04 15.38
C THR B 63 -12.43 -2.25 16.16
N ALA B 64 -11.96 -2.44 17.39
CA ALA B 64 -12.45 -3.52 18.24
C ALA B 64 -13.94 -3.31 18.53
N LEU B 65 -14.30 -2.04 18.81
CA LEU B 65 -15.68 -1.67 19.08
C LEU B 65 -16.55 -1.91 17.87
N ALA B 66 -16.24 -1.24 16.76
CA ALA B 66 -16.99 -1.42 15.51
C ALA B 66 -17.16 -2.90 15.19
N LEU B 67 -16.13 -3.70 15.46
CA LEU B 67 -16.21 -5.14 15.22
C LEU B 67 -16.93 -5.89 16.34
N ASN B 68 -17.65 -5.14 17.19
CA ASN B 68 -18.43 -5.73 18.26
C ASN B 68 -17.62 -6.70 19.10
N CYS B 69 -16.38 -6.31 19.39
CA CYS B 69 -15.47 -7.17 20.14
C CYS B 69 -15.48 -6.87 21.62
N LYS B 70 -15.83 -7.89 22.40
CA LYS B 70 -15.57 -7.86 23.81
C LYS B 70 -14.11 -7.44 23.90
N ILE B 71 -13.85 -6.27 24.48
CA ILE B 71 -12.48 -5.77 24.58
C ILE B 71 -11.74 -6.46 25.73
N HIS B 72 -10.69 -5.85 26.25
CA HIS B 72 -9.93 -6.47 27.33
C HIS B 72 -9.19 -5.52 28.29
N LYS B 73 -9.93 -4.97 29.24
CA LYS B 73 -9.38 -4.43 30.47
C LYS B 73 -7.85 -4.59 30.58
N TYR B 74 -7.41 -5.83 30.69
CA TYR B 74 -6.00 -6.17 30.85
C TYR B 74 -5.47 -6.66 29.51
N SER B 75 -4.21 -6.39 29.23
CA SER B 75 -3.62 -6.76 27.93
C SER B 75 -2.10 -6.79 27.97
N ARG B 76 -1.51 -7.95 27.71
CA ARG B 76 -0.06 -8.14 27.79
C ARG B 76 0.63 -8.02 26.43
N PHE B 77 1.92 -7.72 26.44
CA PHE B 77 2.73 -7.68 25.22
C PHE B 77 3.69 -8.86 25.18
N ASP B 78 3.84 -9.44 24.00
CA ASP B 78 4.61 -10.67 23.88
C ASP B 78 5.66 -10.56 22.79
N ARG B 79 6.58 -11.53 22.76
CA ARG B 79 7.68 -11.52 21.82
C ARG B 79 7.62 -12.74 20.91
N LYS B 80 7.45 -12.50 19.61
CA LYS B 80 7.40 -13.61 18.66
C LYS B 80 8.77 -13.79 18.03
N ASN B 81 9.58 -14.67 18.63
CA ASN B 81 10.95 -14.86 18.19
C ASN B 81 11.11 -15.54 16.84
N TYR B 82 11.97 -14.99 15.99
CA TYR B 82 12.31 -15.61 14.72
C TYR B 82 13.34 -14.76 13.98
N PHE B 83 14.10 -15.38 13.08
CA PHE B 83 15.14 -14.66 12.35
C PHE B 83 14.79 -14.39 10.88
N TYR B 84 14.96 -13.14 10.46
CA TYR B 84 14.87 -12.78 9.06
C TYR B 84 15.40 -11.35 8.90
N PRO B 85 16.18 -11.10 7.84
CA PRO B 85 16.78 -9.79 7.56
C PRO B 85 15.79 -8.63 7.62
N ASP B 86 14.52 -8.88 7.34
CA ASP B 86 13.53 -7.80 7.38
C ASP B 86 13.01 -7.54 8.80
N LEU B 87 13.55 -8.27 9.77
CA LEU B 87 13.10 -8.14 11.15
C LEU B 87 14.24 -7.98 12.14
N PRO B 88 14.60 -6.72 12.43
CA PRO B 88 15.64 -6.28 13.36
C PRO B 88 15.74 -7.05 14.67
N LYS B 89 14.85 -6.75 15.60
CA LYS B 89 15.01 -7.20 16.99
C LYS B 89 15.38 -8.68 17.14
N GLY B 90 15.23 -9.46 16.09
CA GLY B 90 15.40 -10.90 16.19
C GLY B 90 14.13 -11.52 16.71
N TYR B 91 13.15 -10.66 17.00
CA TYR B 91 11.84 -11.07 17.45
C TYR B 91 10.83 -10.03 16.98
N GLN B 92 9.54 -10.29 17.17
CA GLN B 92 8.53 -9.28 16.88
C GLN B 92 7.55 -9.08 18.04
N ILE B 93 7.21 -7.83 18.33
CA ILE B 93 6.28 -7.55 19.42
C ILE B 93 4.83 -7.75 18.95
N SER B 94 4.21 -8.82 19.45
CA SER B 94 2.82 -9.15 19.14
C SER B 94 2.00 -9.30 20.41
N GLN B 95 0.93 -10.07 20.34
CA GLN B 95 0.07 -10.33 21.50
C GLN B 95 -0.55 -11.72 21.46
N TYR B 96 0.27 -12.75 21.62
CA TYR B 96 -0.24 -14.13 21.57
C TYR B 96 -1.32 -14.35 22.63
N PHE B 97 -0.91 -14.45 23.90
CA PHE B 97 -1.89 -14.51 24.98
C PHE B 97 -2.24 -13.12 25.47
N TYR B 98 -3.53 -12.80 25.45
CA TYR B 98 -4.08 -11.55 25.99
C TYR B 98 -4.44 -10.46 24.98
N PRO B 99 -4.75 -10.85 23.72
CA PRO B 99 -5.15 -9.85 22.73
C PRO B 99 -6.03 -8.76 23.35
N ILE B 100 -5.76 -7.51 23.00
CA ILE B 100 -6.48 -6.39 23.59
C ILE B 100 -7.99 -6.56 23.46
N ALA B 101 -8.44 -7.27 22.43
CA ALA B 101 -9.87 -7.48 22.20
C ALA B 101 -10.15 -8.87 21.65
N THR B 102 -10.91 -9.66 22.41
CA THR B 102 -11.25 -11.00 21.97
C THR B 102 -12.69 -11.07 21.49
N GLU B 103 -12.93 -11.96 20.53
CA GLU B 103 -14.27 -12.36 20.09
C GLU B 103 -15.23 -11.24 19.68
N GLY B 104 -15.69 -11.29 18.43
CA GLY B 104 -16.62 -10.32 17.90
C GLY B 104 -17.39 -10.83 16.69
N PHE B 105 -17.75 -9.92 15.77
CA PHE B 105 -18.47 -10.28 14.56
C PHE B 105 -18.73 -9.08 13.62
N LEU B 106 -18.64 -9.32 12.32
CA LEU B 106 -18.91 -8.29 11.33
C LEU B 106 -20.03 -8.80 10.43
N GLU B 107 -21.07 -7.99 10.26
CA GLU B 107 -22.18 -8.38 9.42
C GLU B 107 -21.98 -7.89 7.98
N ILE B 108 -22.19 -8.81 7.04
CA ILE B 108 -22.02 -8.50 5.62
C ILE B 108 -23.33 -8.23 4.91
N ASP B 109 -23.37 -7.14 4.15
CA ASP B 109 -24.45 -6.91 3.20
C ASP B 109 -24.71 -8.26 2.57
N GLY B 110 -23.64 -9.05 2.49
CA GLY B 110 -23.71 -10.39 1.95
C GLY B 110 -24.17 -10.35 0.52
N ASP B 111 -23.25 -10.56 -0.41
CA ASP B 111 -23.63 -10.86 -1.77
C ASP B 111 -24.50 -12.12 -1.63
N GLU B 112 -24.63 -12.59 -0.39
CA GLU B 112 -25.58 -13.64 -0.03
C GLU B 112 -26.40 -13.33 1.24
N GLY B 113 -27.68 -13.03 1.05
CA GLY B 113 -28.70 -13.10 2.09
C GLY B 113 -28.66 -12.29 3.37
N ARG B 114 -27.58 -11.56 3.62
CA ARG B 114 -27.42 -10.79 4.86
C ARG B 114 -27.01 -11.68 6.04
N LYS B 115 -25.71 -11.78 6.28
CA LYS B 115 -25.13 -12.75 7.21
C LYS B 115 -24.27 -12.09 8.31
N LYS B 116 -24.03 -12.81 9.39
CA LYS B 116 -23.07 -12.37 10.41
C LYS B 116 -21.82 -13.22 10.30
N VAL B 117 -20.66 -12.65 10.65
CA VAL B 117 -19.40 -13.40 10.60
C VAL B 117 -18.51 -13.18 11.85
N ARG B 118 -18.24 -14.28 12.56
CA ARG B 118 -17.60 -14.22 13.87
C ARG B 118 -16.10 -13.87 13.85
N ILE B 119 -15.74 -12.81 14.54
CA ILE B 119 -14.34 -12.45 14.81
C ILE B 119 -13.78 -13.39 15.89
N ARG B 120 -12.49 -13.70 15.85
CA ARG B 120 -11.90 -14.52 16.91
C ARG B 120 -11.03 -13.71 17.88
N ARG B 121 -9.83 -13.35 17.45
CA ARG B 121 -8.96 -12.49 18.24
C ARG B 121 -8.85 -11.14 17.55
N LEU B 122 -8.02 -10.26 18.09
CA LEU B 122 -7.87 -8.92 17.50
C LEU B 122 -6.71 -8.16 18.12
N HIS B 123 -5.50 -8.69 17.98
CA HIS B 123 -4.34 -8.16 18.68
C HIS B 123 -3.50 -7.19 17.82
N LEU B 124 -2.40 -6.72 18.41
CA LEU B 124 -1.48 -5.77 17.78
C LEU B 124 -0.11 -6.38 17.43
N GLU B 125 0.46 -5.97 16.30
CA GLU B 125 1.81 -6.42 15.93
C GLU B 125 2.66 -5.29 15.39
N GLU B 126 3.97 -5.53 15.33
CA GLU B 126 4.94 -4.51 14.99
C GLU B 126 5.13 -4.35 13.48
N ASP B 127 5.26 -5.46 12.77
CA ASP B 127 5.51 -5.48 11.32
C ASP B 127 6.97 -5.20 10.96
N ALA B 128 7.58 -6.14 10.26
CA ALA B 128 8.98 -6.01 9.85
C ALA B 128 9.12 -5.07 8.64
N GLY B 129 10.26 -5.15 7.94
CA GLY B 129 10.51 -4.26 6.83
C GLY B 129 10.65 -4.96 5.49
N LYS B 130 10.88 -4.18 4.44
CA LYS B 130 10.99 -4.74 3.10
C LYS B 130 12.30 -5.51 2.93
N LEU B 131 12.18 -6.77 2.54
CA LEU B 131 13.32 -7.55 2.10
C LEU B 131 13.12 -7.84 0.62
N VAL B 132 13.99 -7.32 -0.23
CA VAL B 132 13.90 -7.62 -1.65
C VAL B 132 15.15 -8.35 -2.12
N HIS B 133 14.96 -9.45 -2.84
CA HIS B 133 16.10 -10.16 -3.38
C HIS B 133 16.63 -9.44 -4.59
N GLU B 134 17.74 -9.94 -5.10
CA GLU B 134 18.44 -9.37 -6.23
C GLU B 134 17.59 -9.41 -7.49
N GLY B 135 16.73 -8.41 -7.64
CA GLY B 135 15.85 -8.32 -8.79
C GLY B 135 14.95 -9.52 -9.05
N ASP B 136 13.95 -9.73 -8.19
CA ASP B 136 12.96 -10.79 -8.38
C ASP B 136 11.90 -10.92 -7.27
N SER B 137 10.84 -11.67 -7.56
CA SER B 137 9.70 -11.83 -6.65
C SER B 137 9.73 -13.15 -5.86
N ILE B 138 8.87 -14.10 -6.26
CA ILE B 138 8.78 -15.40 -5.60
C ILE B 138 10.02 -16.28 -5.83
N THR B 139 11.22 -15.70 -5.72
CA THR B 139 12.44 -16.44 -6.07
C THR B 139 13.81 -16.02 -5.43
N ARG B 140 14.84 -15.94 -6.25
CA ARG B 140 16.21 -16.01 -5.73
C ARG B 140 17.28 -15.39 -6.63
N ALA B 141 18.44 -15.17 -6.03
CA ALA B 141 19.67 -14.77 -6.74
C ALA B 141 20.86 -14.80 -5.78
N SER B 142 21.58 -13.68 -5.70
CA SER B 142 22.85 -13.63 -4.95
C SER B 142 22.88 -12.76 -3.68
N TYR B 143 22.00 -11.78 -3.60
CA TYR B 143 21.98 -10.86 -2.47
C TYR B 143 20.63 -10.16 -2.34
N SER B 144 20.19 -9.97 -1.10
CA SER B 144 18.92 -9.32 -0.82
C SER B 144 19.15 -7.98 -0.11
N LEU B 145 18.20 -7.06 -0.24
CA LEU B 145 18.35 -5.72 0.32
C LEU B 145 17.31 -5.44 1.39
N VAL B 146 17.75 -5.01 2.56
CA VAL B 146 16.81 -4.71 3.64
C VAL B 146 16.51 -3.23 3.75
N ASP B 147 15.22 -2.90 3.84
CA ASP B 147 14.74 -1.53 4.02
C ASP B 147 13.86 -1.46 5.26
N MET B 148 14.41 -0.92 6.34
CA MET B 148 13.75 -0.97 7.65
C MET B 148 12.68 0.11 7.87
N ASN B 149 12.63 1.10 6.98
CA ASN B 149 11.63 2.15 7.09
C ASN B 149 10.32 1.67 7.72
N ARG B 150 9.90 0.48 7.33
CA ARG B 150 8.59 -0.06 7.71
C ARG B 150 8.61 -0.75 9.05
N CYS B 151 9.81 -1.01 9.56
CA CYS B 151 9.97 -1.74 10.82
C CYS B 151 9.31 -0.99 11.96
N GLY B 152 8.35 -1.63 12.62
CA GLY B 152 7.63 -1.00 13.72
C GLY B 152 6.55 -0.03 13.31
N VAL B 153 5.69 -0.44 12.37
CA VAL B 153 4.49 0.33 12.05
C VAL B 153 3.29 -0.45 12.59
N PRO B 154 2.42 0.24 13.34
CA PRO B 154 1.33 -0.43 14.04
C PRO B 154 0.51 -1.33 13.12
N LEU B 155 0.55 -2.63 13.41
CA LEU B 155 -0.27 -3.60 12.69
C LEU B 155 -1.37 -4.12 13.60
N ILE B 156 -2.55 -4.36 13.02
CA ILE B 156 -3.57 -5.16 13.69
C ILE B 156 -3.92 -6.39 12.86
N GLU B 157 -3.84 -7.56 13.48
CA GLU B 157 -4.11 -8.81 12.77
C GLU B 157 -5.40 -9.42 13.28
N ILE B 158 -6.49 -9.21 12.54
CA ILE B 158 -7.80 -9.78 12.89
C ILE B 158 -7.94 -11.18 12.34
N VAL B 159 -8.28 -12.14 13.19
CA VAL B 159 -8.58 -13.49 12.72
C VAL B 159 -10.06 -13.79 12.89
N THR B 160 -10.62 -14.50 11.92
CA THR B 160 -12.05 -14.62 11.79
C THR B 160 -12.44 -16.07 11.59
N GLU B 161 -13.54 -16.48 12.22
CA GLU B 161 -14.02 -17.86 12.18
C GLU B 161 -14.30 -18.32 10.75
N PRO B 162 -14.27 -19.65 10.51
CA PRO B 162 -14.56 -20.20 9.18
C PRO B 162 -16.00 -19.99 8.73
N ASP B 163 -16.62 -18.92 9.20
CA ASP B 163 -18.00 -18.57 8.83
C ASP B 163 -18.17 -18.45 7.32
N ILE B 164 -17.45 -17.52 6.71
CA ILE B 164 -17.59 -17.23 5.28
C ILE B 164 -17.89 -18.47 4.45
N SER B 165 -18.85 -18.33 3.52
CA SER B 165 -19.33 -19.45 2.71
C SER B 165 -18.94 -19.30 1.24
N SER B 166 -19.27 -18.13 0.69
CA SER B 166 -19.02 -17.85 -0.72
C SER B 166 -17.71 -17.09 -0.92
N PRO B 167 -16.90 -17.50 -1.91
CA PRO B 167 -15.77 -16.65 -2.30
C PRO B 167 -16.23 -15.22 -2.59
N ARG B 168 -17.53 -14.96 -2.50
CA ARG B 168 -18.04 -13.60 -2.57
C ARG B 168 -18.16 -13.03 -1.16
N GLU B 169 -18.76 -13.81 -0.26
CA GLU B 169 -18.86 -13.39 1.12
C GLU B 169 -17.46 -12.99 1.60
N ALA B 170 -16.45 -13.63 1.02
CA ALA B 170 -15.06 -13.28 1.27
C ALA B 170 -14.76 -11.88 0.73
N ARG B 171 -14.90 -11.71 -0.59
CA ARG B 171 -14.70 -10.39 -1.20
C ARG B 171 -15.38 -9.31 -0.39
N VAL B 172 -16.69 -9.48 -0.17
CA VAL B 172 -17.47 -8.45 0.49
C VAL B 172 -17.19 -8.37 1.99
N PHE B 173 -16.65 -9.43 2.58
CA PHE B 173 -16.24 -9.32 3.97
C PHE B 173 -15.13 -8.27 4.11
N MET B 174 -14.18 -8.32 3.18
CA MET B 174 -13.07 -7.39 3.20
C MET B 174 -13.43 -6.10 2.48
N GLU B 175 -14.45 -6.15 1.64
CA GLU B 175 -14.94 -4.90 1.06
C GLU B 175 -15.57 -4.09 2.19
N LYS B 176 -16.29 -4.77 3.07
CA LYS B 176 -16.89 -4.11 4.22
C LYS B 176 -15.77 -3.55 5.09
N LEU B 177 -14.84 -4.42 5.44
CA LEU B 177 -13.72 -4.08 6.33
C LEU B 177 -12.92 -2.84 5.92
N ARG B 178 -12.56 -2.74 4.65
CA ARG B 178 -11.93 -1.52 4.14
C ARG B 178 -12.88 -0.34 4.27
N SER B 179 -14.11 -0.54 3.83
CA SER B 179 -15.07 0.55 3.73
C SER B 179 -15.56 0.99 5.10
N ILE B 180 -15.09 0.28 6.12
CA ILE B 180 -15.30 0.67 7.52
C ILE B 180 -14.15 1.53 7.99
N VAL B 181 -12.95 1.01 7.78
CA VAL B 181 -11.74 1.63 8.27
C VAL B 181 -11.33 2.89 7.49
N ARG B 182 -11.53 2.89 6.17
CA ARG B 182 -11.32 4.09 5.36
C ARG B 182 -12.27 5.16 5.90
N TYR B 183 -12.98 4.81 6.98
CA TYR B 183 -14.03 5.65 7.55
C TYR B 183 -13.71 6.16 8.97
N LEU B 184 -13.65 5.26 9.96
CA LEU B 184 -13.39 5.69 11.34
C LEU B 184 -12.05 6.41 11.51
N GLY B 185 -11.16 6.26 10.53
CA GLY B 185 -9.92 7.01 10.47
C GLY B 185 -8.71 6.23 10.96
N VAL B 186 -8.77 4.91 10.87
CA VAL B 186 -7.72 4.09 11.45
C VAL B 186 -6.89 3.27 10.46
N SER B 187 -7.03 3.57 9.17
CA SER B 187 -6.30 2.89 8.09
C SER B 187 -6.81 3.35 6.73
N THR B 188 -6.03 3.13 5.69
CA THR B 188 -6.55 3.37 4.35
C THR B 188 -7.22 2.10 3.85
N GLY B 189 -6.80 0.97 4.44
CA GLY B 189 -7.41 -0.32 4.16
C GLY B 189 -7.23 -0.80 2.73
N ASP B 190 -6.51 -0.01 1.93
CA ASP B 190 -6.35 -0.28 0.48
C ASP B 190 -5.25 -1.31 0.17
N MET B 191 -5.67 -2.54 -0.10
CA MET B 191 -4.79 -3.69 -0.33
C MET B 191 -3.64 -3.42 -1.29
N GLU B 192 -3.85 -2.52 -2.24
CA GLU B 192 -2.86 -2.27 -3.28
C GLU B 192 -1.51 -1.84 -2.70
N LYS B 193 -1.52 -0.76 -1.92
CA LYS B 193 -0.30 -0.27 -1.25
C LYS B 193 0.03 -1.10 -0.01
N GLY B 194 -0.33 -2.39 -0.04
CA GLY B 194 -0.07 -3.30 1.06
C GLY B 194 -0.49 -2.75 2.41
N ALA B 195 -1.72 -2.24 2.48
CA ALA B 195 -2.28 -1.67 3.70
C ALA B 195 -3.30 -2.65 4.27
N LEU B 196 -3.81 -3.49 3.40
CA LEU B 196 -4.71 -4.55 3.80
C LEU B 196 -4.21 -5.86 3.19
N ARG B 197 -3.74 -6.79 4.03
CA ARG B 197 -3.24 -8.07 3.54
C ARG B 197 -4.18 -9.16 4.04
N CYS B 198 -4.03 -10.37 3.52
CA CYS B 198 -4.81 -11.52 4.01
C CYS B 198 -4.40 -12.89 3.48
N ASP B 199 -4.57 -13.91 4.32
CA ASP B 199 -4.42 -15.32 3.96
C ASP B 199 -5.78 -15.95 4.19
N ALA B 200 -6.02 -17.16 3.71
CA ALA B 200 -7.36 -17.75 3.84
C ALA B 200 -7.41 -19.28 3.97
N ASN B 201 -8.54 -19.79 4.49
CA ASN B 201 -8.78 -21.22 4.71
C ASN B 201 -10.01 -21.77 3.96
N ILE B 202 -9.99 -23.05 3.56
CA ILE B 202 -11.16 -23.66 2.88
C ILE B 202 -11.38 -25.15 3.17
N SER B 203 -12.56 -25.66 2.82
CA SER B 203 -12.94 -27.07 3.07
C SER B 203 -14.30 -27.53 2.45
N VAL B 204 -14.65 -28.81 2.66
CA VAL B 204 -15.95 -29.37 2.22
C VAL B 204 -16.08 -30.91 2.36
N VAL B 205 -17.30 -31.41 2.60
CA VAL B 205 -17.63 -32.85 2.52
C VAL B 205 -19.05 -33.15 1.96
N ASP B 206 -20.03 -33.36 2.83
CA ASP B 206 -21.37 -33.83 2.42
C ASP B 206 -22.21 -32.73 1.78
N THR B 207 -23.41 -32.53 2.34
CA THR B 207 -24.28 -31.41 2.01
C THR B 207 -24.71 -30.74 3.32
N GLU B 208 -24.93 -31.56 4.33
CA GLU B 208 -25.13 -31.11 5.71
C GLU B 208 -23.94 -31.60 6.53
N THR B 209 -23.39 -30.75 7.40
CA THR B 209 -22.08 -31.00 7.99
C THR B 209 -22.04 -31.49 9.43
N GLY B 210 -20.89 -32.07 9.79
CA GLY B 210 -20.62 -32.50 11.15
C GLY B 210 -19.37 -31.84 11.70
N ARG B 211 -18.56 -31.26 10.81
CA ARG B 211 -17.39 -30.47 11.21
C ARG B 211 -16.89 -29.61 10.05
N GLN B 212 -15.73 -29.97 9.49
CA GLN B 212 -15.14 -29.22 8.38
C GLN B 212 -14.36 -30.13 7.41
N SER B 213 -13.04 -29.98 7.39
CA SER B 213 -12.17 -30.81 6.54
C SER B 213 -10.68 -30.40 6.60
N ASN B 214 -10.30 -29.70 7.65
CA ASN B 214 -8.99 -29.02 7.77
C ASN B 214 -8.59 -28.15 6.57
N ARG B 215 -7.93 -27.04 6.89
CA ARG B 215 -7.67 -25.96 5.95
C ARG B 215 -6.83 -26.32 4.72
N VAL B 216 -6.36 -25.28 4.03
CA VAL B 216 -5.41 -25.39 2.93
C VAL B 216 -4.53 -24.15 3.03
N GLU B 217 -5.18 -22.99 3.15
CA GLU B 217 -4.52 -21.70 3.35
C GLU B 217 -3.94 -21.10 2.07
N VAL B 218 -4.31 -19.86 1.79
CA VAL B 218 -3.85 -19.17 0.57
C VAL B 218 -3.13 -17.85 0.84
N LYS B 219 -1.97 -17.91 1.48
CA LYS B 219 -1.15 -16.72 1.61
C LYS B 219 -0.92 -16.12 0.23
N ASN B 220 -0.66 -14.81 0.17
CA ASN B 220 -0.30 -14.17 -1.08
C ASN B 220 -1.46 -14.05 -2.06
N MET B 221 -1.89 -12.82 -2.31
CA MET B 221 -2.96 -12.52 -3.26
C MET B 221 -3.52 -11.12 -3.00
N ASN B 222 -2.80 -10.08 -3.41
CA ASN B 222 -3.35 -8.73 -3.28
C ASN B 222 -4.64 -8.62 -4.08
N SER B 223 -5.32 -7.48 -3.99
CA SER B 223 -6.55 -7.26 -4.75
C SER B 223 -7.73 -8.09 -4.26
N PHE B 224 -8.91 -7.48 -4.27
CA PHE B 224 -10.12 -8.18 -3.85
C PHE B 224 -10.66 -9.05 -4.98
N ARG B 225 -10.56 -8.56 -6.21
CA ARG B 225 -11.01 -9.31 -7.38
C ARG B 225 -10.05 -10.45 -7.65
N PHE B 226 -9.09 -10.61 -6.75
CA PHE B 226 -8.05 -11.61 -6.88
C PHE B 226 -8.08 -12.57 -5.70
N VAL B 227 -8.84 -12.22 -4.67
CA VAL B 227 -9.06 -13.14 -3.57
C VAL B 227 -10.28 -13.97 -3.88
N GLU B 228 -11.13 -13.45 -4.76
CA GLU B 228 -12.30 -14.18 -5.21
C GLU B 228 -11.87 -15.22 -6.24
N ARG B 229 -11.40 -14.75 -7.40
CA ARG B 229 -11.01 -15.63 -8.51
C ARG B 229 -9.92 -16.64 -8.10
N ALA B 230 -9.41 -16.50 -6.87
CA ALA B 230 -8.35 -17.38 -6.38
C ALA B 230 -8.85 -18.34 -5.30
N LEU B 231 -9.93 -17.96 -4.62
CA LEU B 231 -10.62 -18.90 -3.75
C LEU B 231 -11.67 -19.57 -4.63
N GLU B 232 -12.04 -18.88 -5.70
CA GLU B 232 -12.80 -19.49 -6.78
C GLU B 232 -12.01 -20.71 -7.24
N TYR B 233 -10.81 -20.49 -7.74
CA TYR B 233 -9.97 -21.58 -8.23
C TYR B 233 -9.68 -22.66 -7.15
N GLU B 234 -9.51 -22.26 -5.90
CA GLU B 234 -9.23 -23.23 -4.84
C GLU B 234 -10.54 -23.86 -4.37
N PHE B 235 -11.37 -24.19 -5.35
CA PHE B 235 -12.67 -24.80 -5.11
C PHE B 235 -12.99 -25.67 -6.31
N GLU B 236 -12.76 -25.12 -7.49
CA GLU B 236 -12.91 -25.86 -8.73
C GLU B 236 -12.01 -27.09 -8.72
N ARG B 237 -10.97 -27.06 -7.87
CA ARG B 237 -10.06 -28.20 -7.77
C ARG B 237 -10.18 -28.97 -6.44
N ILE B 238 -11.01 -28.47 -5.54
CA ILE B 238 -11.26 -29.20 -4.28
C ILE B 238 -12.49 -30.10 -4.43
N VAL B 239 -13.16 -29.99 -5.57
CA VAL B 239 -14.36 -30.77 -5.85
C VAL B 239 -14.03 -32.06 -6.61
N LYS B 240 -13.11 -31.96 -7.55
CA LYS B 240 -12.47 -33.12 -8.12
C LYS B 240 -11.66 -33.78 -6.99
N ALA B 241 -12.38 -34.19 -5.94
CA ALA B 241 -11.78 -34.63 -4.70
C ALA B 241 -12.36 -35.97 -4.29
N MET B 242 -13.20 -35.96 -3.25
CA MET B 242 -13.97 -37.15 -2.90
C MET B 242 -14.98 -37.37 -4.01
N GLU B 243 -14.77 -36.61 -5.09
CA GLU B 243 -15.45 -36.81 -6.37
C GLU B 243 -14.38 -37.27 -7.36
N ARG B 244 -13.58 -38.24 -6.92
CA ARG B 244 -12.53 -38.86 -7.74
C ARG B 244 -11.62 -39.69 -6.84
N GLY B 245 -12.12 -40.02 -5.65
CA GLY B 245 -11.31 -40.63 -4.63
C GLY B 245 -10.27 -39.62 -4.18
N GLU B 246 -10.49 -39.01 -3.02
CA GLU B 246 -9.57 -38.01 -2.47
C GLU B 246 -10.09 -37.39 -1.17
N ASP B 247 -9.16 -37.09 -0.26
CA ASP B 247 -9.47 -36.41 0.99
C ASP B 247 -9.10 -34.93 0.89
N VAL B 248 -9.64 -34.12 1.79
CA VAL B 248 -9.31 -32.69 1.85
C VAL B 248 -8.19 -32.46 2.87
N GLU B 249 -6.95 -32.33 2.35
CA GLU B 249 -5.73 -32.49 3.15
C GLU B 249 -4.95 -31.19 3.44
N ARG B 250 -3.73 -31.36 3.96
CA ARG B 250 -2.87 -30.23 4.32
C ARG B 250 -1.87 -29.87 3.23
N GLU B 251 -1.34 -28.65 3.35
CA GLU B 251 -0.36 -28.07 2.44
C GLU B 251 -0.74 -26.60 2.36
N THR B 252 0.14 -25.78 1.80
CA THR B 252 -0.18 -24.36 1.67
C THR B 252 0.18 -23.80 0.30
N ARG B 253 -0.67 -22.90 -0.18
CA ARG B 253 -0.59 -22.42 -1.55
C ARG B 253 -0.72 -20.91 -1.65
N GLY B 254 0.04 -20.32 -2.57
CA GLY B 254 -0.12 -18.93 -2.92
C GLY B 254 -0.61 -18.95 -4.34
N TRP B 255 -0.81 -17.79 -4.94
CA TRP B 255 -1.48 -17.71 -6.23
C TRP B 255 -0.77 -16.81 -7.24
N ASP B 256 -0.52 -17.33 -8.43
CA ASP B 256 0.17 -16.55 -9.46
C ASP B 256 -0.78 -15.54 -10.07
N MET B 257 -0.54 -14.26 -9.79
CA MET B 257 -1.39 -13.19 -10.32
C MET B 257 -1.20 -12.98 -11.83
N ALA B 258 -0.36 -13.81 -12.44
CA ALA B 258 -0.11 -13.71 -13.89
C ALA B 258 -1.00 -14.67 -14.66
N THR B 259 -0.77 -15.97 -14.48
CA THR B 259 -1.59 -17.01 -15.08
C THR B 259 -3.04 -16.92 -14.60
N LYS B 260 -3.34 -17.67 -13.53
CA LYS B 260 -4.60 -17.60 -12.82
C LYS B 260 -4.67 -18.82 -11.90
N ILE B 261 -3.51 -19.24 -11.41
CA ILE B 261 -3.38 -20.52 -10.70
C ILE B 261 -2.82 -20.40 -9.28
N THR B 262 -2.56 -21.56 -8.68
CA THR B 262 -2.02 -21.65 -7.32
C THR B 262 -1.02 -22.82 -7.18
N VAL B 263 -0.02 -22.68 -6.29
CA VAL B 263 1.05 -23.67 -6.15
C VAL B 263 1.26 -24.14 -4.69
N SER B 264 2.13 -25.13 -4.49
CA SER B 264 2.38 -25.68 -3.16
C SER B 264 3.44 -24.91 -2.34
N MET B 265 4.66 -25.44 -2.25
CA MET B 265 5.73 -24.75 -1.51
C MET B 265 7.14 -24.96 -2.08
N ARG B 266 8.02 -23.99 -1.83
CA ARG B 266 9.40 -24.01 -2.34
C ARG B 266 10.37 -23.20 -1.47
N GLY B 267 9.90 -22.06 -0.96
CA GLY B 267 10.72 -21.22 -0.11
C GLY B 267 11.09 -21.93 1.17
N LYS B 268 10.07 -22.30 1.94
CA LYS B 268 10.22 -23.16 3.12
C LYS B 268 10.55 -22.43 4.43
N GLU B 269 9.86 -21.31 4.70
CA GLU B 269 9.92 -20.66 6.01
C GLU B 269 8.77 -21.17 6.86
N GLU B 270 8.88 -22.43 7.27
CA GLU B 270 7.76 -23.25 7.74
C GLU B 270 7.07 -22.85 9.05
N GLU B 271 6.28 -23.78 9.57
CA GLU B 271 5.57 -23.63 10.85
C GLU B 271 6.48 -24.07 12.01
N SER B 272 7.57 -23.33 12.19
CA SER B 272 8.60 -23.69 13.14
C SER B 272 8.13 -23.56 14.59
N ASP B 273 9.06 -23.16 15.46
CA ASP B 273 8.81 -22.97 16.89
C ASP B 273 9.07 -21.51 17.25
N TYR B 274 8.00 -20.76 17.53
CA TYR B 274 8.09 -19.31 17.66
C TYR B 274 8.35 -18.83 19.08
N ARG B 275 8.36 -19.74 20.04
CA ARG B 275 8.66 -19.39 21.42
C ARG B 275 8.01 -18.07 21.81
N TYR B 276 6.75 -18.14 22.24
CA TYR B 276 6.04 -16.95 22.69
C TYR B 276 6.20 -16.73 24.20
N PHE B 277 7.02 -15.76 24.58
CA PHE B 277 7.05 -15.31 25.98
C PHE B 277 6.65 -13.85 26.08
N PRO B 278 6.30 -13.40 27.30
CA PRO B 278 5.90 -12.01 27.54
C PRO B 278 7.07 -11.03 27.44
N GLU B 279 6.82 -9.83 26.91
CA GLU B 279 7.86 -8.83 26.67
C GLU B 279 8.23 -8.05 27.92
N PRO B 280 9.33 -8.46 28.57
CA PRO B 280 9.72 -7.82 29.84
C PRO B 280 10.06 -6.36 29.63
N ASP B 281 10.34 -5.96 28.39
CA ASP B 281 10.67 -4.58 28.10
C ASP B 281 9.45 -3.67 28.25
N ILE B 282 8.27 -4.27 28.33
CA ILE B 282 7.04 -3.50 28.50
C ILE B 282 6.14 -4.06 29.59
N PRO B 283 5.70 -3.18 30.50
CA PRO B 283 4.75 -3.52 31.55
C PRO B 283 3.35 -3.57 30.93
N PRO B 284 2.45 -4.39 31.50
CA PRO B 284 1.15 -4.68 30.91
C PRO B 284 0.27 -3.46 30.65
N VAL B 285 -0.56 -3.52 29.61
CA VAL B 285 -1.47 -2.42 29.29
C VAL B 285 -2.86 -2.62 29.92
N VAL B 286 -3.20 -1.71 30.82
CA VAL B 286 -4.47 -1.75 31.51
C VAL B 286 -5.29 -0.51 31.13
N LEU B 287 -6.42 -0.76 30.48
CA LEU B 287 -7.22 0.32 29.91
C LEU B 287 -8.23 0.86 30.91
N SER B 288 -8.06 2.14 31.25
CA SER B 288 -8.94 2.83 32.18
C SER B 288 -10.42 2.69 31.82
N ASP B 289 -11.19 2.05 32.70
CA ASP B 289 -12.63 2.16 32.60
C ASP B 289 -12.88 3.66 32.54
N GLU B 290 -12.22 4.36 33.46
CA GLU B 290 -12.32 5.80 33.59
C GLU B 290 -11.53 6.49 32.49
N TYR B 291 -12.03 6.42 31.26
CA TYR B 291 -11.32 6.93 30.08
C TYR B 291 -11.87 6.31 28.80
N LEU B 292 -12.16 5.02 28.90
CA LEU B 292 -12.55 4.23 27.74
C LEU B 292 -13.99 4.55 27.29
N GLU B 293 -14.86 4.85 28.26
CA GLU B 293 -16.21 5.33 27.96
C GLU B 293 -16.09 6.74 27.41
N GLU B 294 -14.85 7.17 27.21
CA GLU B 294 -14.53 8.47 26.64
C GLU B 294 -14.03 8.30 25.20
N VAL B 295 -13.65 7.07 24.84
CA VAL B 295 -13.32 6.75 23.45
C VAL B 295 -14.30 5.75 22.86
N LYS B 296 -15.55 5.85 23.32
CA LYS B 296 -16.67 5.19 22.66
C LYS B 296 -17.53 6.35 22.19
N LYS B 297 -17.18 7.54 22.70
CA LYS B 297 -17.86 8.77 22.35
C LYS B 297 -16.99 9.55 21.39
N GLU B 298 -15.78 9.02 21.16
CA GLU B 298 -14.87 9.58 20.18
C GLU B 298 -15.20 9.03 18.80
N LEU B 299 -15.43 7.73 18.75
CA LEU B 299 -15.64 7.05 17.47
C LEU B 299 -16.96 7.48 16.87
N PRO B 300 -16.96 7.69 15.54
CA PRO B 300 -18.07 8.33 14.82
C PRO B 300 -19.19 7.35 14.50
N GLU B 301 -20.35 7.94 14.23
CA GLU B 301 -21.55 7.19 13.94
C GLU B 301 -21.39 6.54 12.57
N LEU B 302 -21.49 5.21 12.54
CA LEU B 302 -21.40 4.49 11.27
C LEU B 302 -22.68 4.72 10.44
N PRO B 303 -22.52 4.87 9.12
CA PRO B 303 -23.56 5.31 8.20
C PRO B 303 -24.81 4.44 8.19
N ASP B 304 -24.83 3.36 8.98
CA ASP B 304 -25.99 2.47 9.03
C ASP B 304 -27.02 2.97 10.05
N GLU B 305 -26.54 3.57 11.13
CA GLU B 305 -27.45 4.12 12.13
C GLU B 305 -27.60 5.62 11.92
N LYS B 306 -26.58 6.26 11.36
CA LYS B 306 -26.70 7.67 10.99
C LYS B 306 -27.97 7.75 10.15
N ALA B 307 -28.33 6.64 9.53
CA ALA B 307 -29.59 6.54 8.82
C ALA B 307 -30.69 6.25 9.83
N GLU B 308 -30.59 5.11 10.51
CA GLU B 308 -31.56 4.76 11.54
C GLU B 308 -32.01 5.96 12.35
N ARG B 309 -31.12 6.93 12.54
CA ARG B 309 -31.47 8.20 13.18
C ARG B 309 -32.40 9.02 12.31
N PHE B 310 -31.83 9.71 11.32
CA PHE B 310 -32.59 10.48 10.35
C PHE B 310 -33.95 9.81 10.11
N MET B 311 -33.91 8.50 9.94
CA MET B 311 -35.09 7.65 9.74
C MET B 311 -36.25 8.00 10.67
N ARG B 312 -36.55 7.07 11.58
CA ARG B 312 -37.68 7.24 12.50
C ARG B 312 -37.38 8.27 13.59
N GLU B 313 -36.39 9.13 13.35
CA GLU B 313 -36.03 10.17 14.33
C GLU B 313 -35.75 11.57 13.73
N TYR B 314 -36.14 11.76 12.46
CA TYR B 314 -36.06 13.04 11.73
C TYR B 314 -37.20 13.12 10.72
N GLY B 315 -37.98 12.04 10.66
CA GLY B 315 -39.18 12.01 9.82
C GLY B 315 -38.91 11.50 8.43
N LEU B 316 -37.64 11.50 8.05
CA LEU B 316 -37.23 11.10 6.70
C LEU B 316 -37.47 9.61 6.43
N PRO B 317 -37.94 9.29 5.22
CA PRO B 317 -38.12 7.89 4.82
C PRO B 317 -36.80 7.15 4.64
N GLU B 318 -36.86 5.84 4.88
CA GLU B 318 -35.74 4.93 4.67
C GLU B 318 -34.93 5.35 3.45
N TYR B 319 -35.61 5.55 2.32
CA TYR B 319 -34.94 5.98 1.10
C TYR B 319 -34.22 7.32 1.27
N ASP B 320 -34.98 8.36 1.58
CA ASP B 320 -34.42 9.70 1.73
C ASP B 320 -33.22 9.69 2.66
N ALA B 321 -33.31 8.95 3.75
CA ALA B 321 -32.23 8.91 4.72
C ALA B 321 -31.04 8.17 4.15
N LYS B 322 -31.28 6.94 3.70
CA LYS B 322 -30.23 6.10 3.13
C LYS B 322 -29.32 6.86 2.16
N VAL B 323 -29.92 7.71 1.32
CA VAL B 323 -29.16 8.53 0.36
C VAL B 323 -28.32 9.59 1.05
N LEU B 324 -28.93 10.34 1.96
CA LEU B 324 -28.26 11.43 2.65
C LEU B 324 -27.01 11.00 3.43
N THR B 325 -26.97 9.74 3.84
CA THR B 325 -25.94 9.25 4.75
C THR B 325 -24.73 8.56 4.07
N SER B 326 -24.58 8.74 2.77
CA SER B 326 -23.41 8.24 2.08
C SER B 326 -22.30 9.21 2.35
N SER B 327 -22.16 10.18 1.44
CA SER B 327 -21.22 11.28 1.61
C SER B 327 -21.40 11.79 3.03
N LYS B 328 -20.54 11.34 3.96
CA LYS B 328 -20.66 11.71 5.36
C LYS B 328 -20.56 13.21 5.54
N GLU B 329 -19.74 13.85 4.70
CA GLU B 329 -19.68 15.31 4.65
C GLU B 329 -21.07 15.90 4.40
N LEU B 330 -21.77 15.33 3.43
CA LEU B 330 -23.13 15.73 3.07
C LEU B 330 -24.09 15.48 4.24
N ALA B 331 -24.11 14.24 4.71
CA ALA B 331 -24.82 13.88 5.93
C ALA B 331 -24.64 14.91 7.05
N GLU B 332 -23.46 15.53 7.12
CA GLU B 332 -23.25 16.56 8.10
C GLU B 332 -23.96 17.83 7.66
N PHE B 333 -23.69 18.27 6.43
CA PHE B 333 -24.32 19.47 5.91
C PHE B 333 -25.83 19.45 5.90
N PHE B 334 -26.41 18.26 6.09
CA PHE B 334 -27.85 18.15 6.23
C PHE B 334 -28.23 18.73 7.57
N GLU B 335 -27.63 18.20 8.63
CA GLU B 335 -27.88 18.63 9.99
C GLU B 335 -27.40 20.05 10.25
N GLU B 336 -26.13 20.31 9.94
CA GLU B 336 -25.61 21.68 9.89
C GLU B 336 -26.71 22.62 9.39
N CYS B 337 -27.52 22.11 8.47
CA CYS B 337 -28.58 22.88 7.82
C CYS B 337 -29.91 22.82 8.59
N VAL B 338 -30.27 21.62 9.04
CA VAL B 338 -31.50 21.46 9.77
C VAL B 338 -31.44 22.36 11.01
N LYS B 339 -30.39 22.22 11.80
CA LYS B 339 -30.14 23.10 12.93
C LYS B 339 -30.74 24.49 12.73
N VAL B 340 -30.41 25.13 11.61
CA VAL B 340 -30.83 26.51 11.37
C VAL B 340 -32.21 26.66 10.73
N VAL B 341 -32.81 25.56 10.31
CA VAL B 341 -34.16 25.58 9.76
C VAL B 341 -34.84 24.23 10.03
N ASN B 342 -35.40 24.10 11.23
CA ASN B 342 -35.86 22.80 11.74
C ASN B 342 -36.98 22.12 10.96
N ARG B 343 -36.96 22.28 9.63
CA ARG B 343 -37.83 21.56 8.72
C ARG B 343 -36.99 20.67 7.81
N PRO B 344 -36.90 19.38 8.16
CA PRO B 344 -36.01 18.40 7.52
C PRO B 344 -36.64 17.93 6.22
N LYS B 345 -37.92 17.55 6.33
CA LYS B 345 -38.82 17.34 5.21
C LYS B 345 -38.38 17.90 3.85
N ASP B 346 -38.20 19.22 3.77
CA ASP B 346 -37.85 19.92 2.53
C ASP B 346 -36.33 20.00 2.31
N LEU B 347 -35.60 20.27 3.38
CA LEU B 347 -34.14 20.27 3.33
C LEU B 347 -33.61 19.06 2.59
N SER B 348 -34.08 17.89 3.00
CA SER B 348 -33.79 16.66 2.29
C SER B 348 -33.85 16.91 0.78
N ASN B 349 -35.04 16.76 0.21
CA ASN B 349 -35.20 16.92 -1.25
C ASN B 349 -34.17 17.83 -1.88
N TRP B 350 -34.18 19.10 -1.50
CA TRP B 350 -33.28 20.09 -2.08
C TRP B 350 -31.80 19.69 -2.18
N ILE B 351 -31.27 19.08 -1.13
CA ILE B 351 -29.86 18.68 -1.07
C ILE B 351 -29.67 17.40 -1.82
N MET B 352 -30.70 16.57 -1.81
CA MET B 352 -30.71 15.34 -2.59
C MET B 352 -30.76 15.53 -4.12
N THR B 353 -31.42 16.60 -4.56
CA THR B 353 -31.55 16.86 -5.98
C THR B 353 -30.70 18.06 -6.34
N GLU B 354 -31.29 19.26 -6.24
CA GLU B 354 -30.63 20.48 -6.69
C GLU B 354 -29.18 20.63 -6.22
N VAL B 355 -28.92 20.30 -4.97
CA VAL B 355 -27.59 20.49 -4.36
C VAL B 355 -26.59 19.39 -4.78
N LEU B 356 -26.98 18.16 -4.53
CA LEU B 356 -26.19 16.98 -4.87
C LEU B 356 -25.89 17.00 -6.37
N ARG B 357 -26.57 17.84 -7.10
CA ARG B 357 -26.38 17.88 -8.53
C ARG B 357 -25.15 18.69 -8.90
N GLU B 358 -25.01 19.90 -8.35
CA GLU B 358 -23.92 20.78 -8.74
C GLU B 358 -22.67 20.28 -8.05
N LEU B 359 -22.85 19.43 -7.05
CA LEU B 359 -21.71 18.79 -6.43
C LEU B 359 -21.18 17.73 -7.37
N ASN B 360 -21.75 17.66 -8.57
CA ASN B 360 -21.38 16.67 -9.58
C ASN B 360 -21.10 17.29 -10.94
N GLU B 361 -22.02 18.12 -11.45
CA GLU B 361 -21.86 18.75 -12.77
C GLU B 361 -20.65 19.66 -12.73
N ARG B 362 -20.05 19.69 -11.56
CA ARG B 362 -18.72 20.22 -11.31
C ARG B 362 -18.26 19.38 -10.13
N ASN B 363 -17.06 18.81 -10.17
CA ASN B 363 -16.70 17.92 -9.07
C ASN B 363 -16.28 18.68 -7.81
N ILE B 364 -16.88 18.30 -6.68
CA ILE B 364 -16.69 18.91 -5.36
C ILE B 364 -17.39 18.06 -4.29
N GLU B 365 -17.16 18.41 -3.02
CA GLU B 365 -18.07 18.02 -1.93
C GLU B 365 -18.56 19.31 -1.26
N ILE B 366 -19.75 19.28 -0.65
CA ILE B 366 -20.33 20.49 -0.08
C ILE B 366 -19.19 21.25 0.54
N THR B 367 -18.43 20.48 1.33
CA THR B 367 -17.31 20.94 2.16
C THR B 367 -16.75 22.31 1.82
N GLU B 368 -16.29 22.53 0.60
CA GLU B 368 -16.03 23.91 0.23
C GLU B 368 -16.69 24.33 -1.10
N SER B 369 -17.77 25.10 -0.94
CA SER B 369 -18.61 25.59 -2.01
C SER B 369 -19.51 26.55 -1.27
N LYS B 370 -19.63 27.78 -1.75
CA LYS B 370 -20.25 28.85 -0.96
C LYS B 370 -21.73 28.64 -0.55
N LEU B 371 -22.04 27.53 0.12
CA LEU B 371 -23.45 27.20 0.42
C LEU B 371 -23.73 26.91 1.88
N THR B 372 -24.06 27.95 2.63
CA THR B 372 -24.41 27.83 4.03
C THR B 372 -25.90 27.58 4.16
N PRO B 373 -26.32 26.94 5.25
CA PRO B 373 -27.73 26.77 5.55
C PRO B 373 -28.49 28.09 5.46
N GLN B 374 -27.80 29.20 5.67
CA GLN B 374 -28.43 30.51 5.61
C GLN B 374 -29.00 30.82 4.21
N HIS B 375 -28.66 29.98 3.24
CA HIS B 375 -29.23 30.15 1.92
C HIS B 375 -30.61 29.46 1.84
N PHE B 376 -30.69 28.22 2.31
CA PHE B 376 -31.96 27.54 2.41
C PHE B 376 -32.90 28.33 3.31
N ALA B 377 -32.46 28.55 4.55
CA ALA B 377 -33.21 29.35 5.49
C ALA B 377 -33.83 30.53 4.78
N ASP B 378 -33.08 31.13 3.87
CA ASP B 378 -33.58 32.28 3.13
C ASP B 378 -34.47 31.82 2.00
N LEU B 379 -33.91 31.04 1.08
CA LEU B 379 -34.70 30.47 0.02
C LEU B 379 -36.05 30.19 0.62
N PHE B 380 -36.12 29.16 1.45
CA PHE B 380 -37.34 28.76 2.13
C PHE B 380 -38.24 29.94 2.50
N LYS B 381 -37.98 30.59 3.62
CA LYS B 381 -38.79 31.73 4.02
C LYS B 381 -38.78 32.76 2.90
N LEU B 382 -39.71 32.61 1.96
CA LEU B 382 -39.69 33.36 0.70
C LEU B 382 -40.56 32.62 -0.31
N MET B 383 -40.38 31.30 -0.39
CA MET B 383 -41.37 30.40 -0.97
C MET B 383 -42.51 30.35 0.04
N ASP B 384 -42.16 30.09 1.29
CA ASP B 384 -43.06 30.24 2.43
C ASP B 384 -43.94 31.47 2.31
N GLU B 385 -43.38 32.59 1.89
CA GLU B 385 -44.10 33.87 1.84
C GLU B 385 -44.76 34.15 0.49
N GLY B 386 -44.62 33.23 -0.46
CA GLY B 386 -45.24 33.35 -1.77
C GLY B 386 -44.70 34.44 -2.69
N LYS B 387 -43.42 34.78 -2.56
CA LYS B 387 -42.79 35.72 -3.49
C LYS B 387 -42.04 34.96 -4.60
N ILE B 388 -42.21 33.65 -4.60
CA ILE B 388 -41.35 32.79 -5.38
C ILE B 388 -42.04 31.44 -5.50
N SER B 389 -42.22 31.01 -6.75
CA SER B 389 -42.78 29.70 -7.09
C SER B 389 -41.70 28.65 -6.90
N ILE B 390 -42.08 27.47 -6.43
CA ILE B 390 -41.10 26.42 -6.30
C ILE B 390 -40.34 26.29 -7.60
N LYS B 391 -40.94 26.73 -8.71
CA LYS B 391 -40.24 26.82 -10.00
C LYS B 391 -39.10 27.83 -9.97
N ILE B 392 -39.41 29.12 -9.98
CA ILE B 392 -38.38 30.13 -9.75
C ILE B 392 -37.36 29.80 -8.63
N ALA B 393 -37.80 29.18 -7.55
CA ALA B 393 -36.87 28.88 -6.46
C ALA B 393 -35.95 27.71 -6.81
N LYS B 394 -36.14 27.17 -8.02
CA LYS B 394 -35.23 26.16 -8.60
C LYS B 394 -34.43 26.79 -9.73
N GLU B 395 -35.07 27.71 -10.44
CA GLU B 395 -34.41 28.48 -11.49
C GLU B 395 -33.23 29.31 -10.90
N ILE B 396 -33.48 29.97 -9.78
CA ILE B 396 -32.49 30.83 -9.16
C ILE B 396 -31.34 30.05 -8.52
N PHE B 397 -31.63 28.83 -8.11
CA PHE B 397 -30.75 28.06 -7.23
C PHE B 397 -29.32 27.80 -7.67
N PRO B 398 -29.05 27.73 -8.98
CA PRO B 398 -27.65 27.64 -9.38
C PRO B 398 -26.92 28.96 -9.19
N GLU B 399 -27.39 30.04 -9.82
CA GLU B 399 -26.70 31.33 -9.69
C GLU B 399 -26.35 31.64 -8.22
N VAL B 400 -26.98 30.91 -7.30
CA VAL B 400 -26.75 31.11 -5.88
C VAL B 400 -25.68 30.12 -5.42
N PHE B 401 -25.83 28.87 -5.83
CA PHE B 401 -24.80 27.89 -5.51
C PHE B 401 -23.55 28.19 -6.32
N GLU B 402 -23.61 29.24 -7.14
CA GLU B 402 -22.44 29.72 -7.85
C GLU B 402 -21.93 30.96 -7.16
N THR B 403 -22.68 32.06 -7.30
CA THR B 403 -22.25 33.39 -6.85
C THR B 403 -22.22 33.55 -5.33
N GLY B 404 -22.68 32.54 -4.59
CA GLY B 404 -22.84 32.67 -3.15
C GLY B 404 -24.00 33.61 -2.83
N LYS B 405 -24.24 34.57 -3.73
CA LYS B 405 -25.36 35.49 -3.63
C LYS B 405 -26.48 34.84 -2.83
N MET B 406 -27.12 35.62 -1.98
CA MET B 406 -28.19 35.11 -1.14
C MET B 406 -29.45 35.02 -2.00
N PRO B 407 -30.16 33.88 -1.94
CA PRO B 407 -31.37 33.69 -2.77
C PRO B 407 -32.14 34.99 -2.91
N SER B 408 -32.77 35.45 -1.82
CA SER B 408 -33.62 36.64 -1.81
C SER B 408 -32.97 37.86 -2.46
N GLN B 409 -31.67 37.77 -2.66
CA GLN B 409 -30.90 38.87 -3.22
C GLN B 409 -30.99 38.86 -4.74
N ILE B 410 -30.72 37.72 -5.35
CA ILE B 410 -30.74 37.61 -6.80
C ILE B 410 -32.16 37.77 -7.38
N VAL B 411 -33.16 37.73 -6.50
CA VAL B 411 -34.56 37.93 -6.90
C VAL B 411 -34.89 39.42 -6.95
N GLU B 412 -34.22 40.17 -6.10
CA GLU B 412 -34.39 41.62 -6.03
C GLU B 412 -33.65 42.25 -7.22
N GLU B 413 -33.13 41.42 -8.11
CA GLU B 413 -32.27 41.89 -9.20
C GLU B 413 -32.85 41.59 -10.57
N LYS B 414 -33.33 40.37 -10.75
CA LYS B 414 -34.01 40.00 -11.98
C LYS B 414 -35.51 40.23 -11.85
N GLY B 415 -35.95 40.47 -10.61
CA GLY B 415 -37.34 40.79 -10.29
C GLY B 415 -38.29 39.60 -10.32
N LEU B 416 -37.83 38.46 -9.82
CA LEU B 416 -38.52 37.20 -10.09
C LEU B 416 -39.76 36.91 -9.22
N THR B 417 -40.33 37.95 -8.62
CA THR B 417 -41.45 37.79 -7.69
C THR B 417 -42.67 37.19 -8.36
N GLN B 418 -43.06 35.99 -7.93
CA GLN B 418 -44.19 35.22 -8.48
C GLN B 418 -45.43 36.02 -8.90
N ILE B 419 -45.41 36.63 -10.08
CA ILE B 419 -46.57 37.36 -10.53
C ILE B 419 -47.72 36.41 -10.76
N ASN B 420 -48.49 36.18 -9.70
CA ASN B 420 -49.75 35.48 -9.80
C ASN B 420 -50.83 36.48 -9.50
N ASP B 421 -50.44 37.74 -9.50
CA ASP B 421 -51.37 38.86 -9.41
C ASP B 421 -52.45 38.76 -10.48
N GLU B 422 -52.98 39.93 -10.83
CA GLU B 422 -54.07 40.03 -11.79
C GLU B 422 -54.05 38.82 -12.68
N LYS B 423 -55.23 38.30 -12.97
CA LYS B 423 -55.35 37.27 -13.96
C LYS B 423 -55.29 37.94 -15.33
N LEU B 424 -54.09 38.46 -15.62
CA LEU B 424 -53.62 38.74 -16.98
C LEU B 424 -52.94 37.49 -17.48
N ILE B 425 -52.92 36.49 -16.60
CA ILE B 425 -52.67 35.11 -16.96
C ILE B 425 -53.92 34.66 -17.72
N GLU B 426 -55.06 35.14 -17.25
CA GLU B 426 -56.31 34.94 -17.98
C GLU B 426 -56.13 35.55 -19.36
N GLU B 427 -55.47 36.70 -19.42
CA GLU B 427 -55.32 37.46 -20.66
C GLU B 427 -54.32 36.79 -21.62
N LEU B 428 -53.06 36.66 -21.18
CA LEU B 428 -52.03 36.04 -21.99
C LEU B 428 -52.45 34.68 -22.51
N VAL B 429 -53.07 33.89 -21.65
CA VAL B 429 -53.51 32.55 -22.04
C VAL B 429 -54.58 32.55 -23.14
N LYS B 430 -55.30 33.65 -23.30
CA LYS B 430 -56.28 33.72 -24.39
C LYS B 430 -55.59 33.96 -25.73
N LYS B 431 -54.90 35.09 -25.85
CA LYS B 431 -54.05 35.37 -27.00
C LYS B 431 -53.20 34.13 -27.30
N ALA B 432 -53.03 33.29 -26.28
CA ALA B 432 -52.26 32.07 -26.44
C ALA B 432 -52.88 31.15 -27.47
N MET B 433 -54.19 31.15 -27.58
CA MET B 433 -54.89 30.28 -28.52
C MET B 433 -55.22 30.99 -29.83
N GLU B 434 -55.50 32.29 -29.73
CA GLU B 434 -55.75 33.09 -30.93
C GLU B 434 -54.67 32.73 -31.95
N GLN B 435 -53.42 32.88 -31.54
CA GLN B 435 -52.28 32.64 -32.42
C GLN B 435 -51.64 31.24 -32.24
N ASN B 436 -52.46 30.20 -32.14
CA ASN B 436 -51.97 28.83 -31.99
C ASN B 436 -53.08 27.75 -31.95
N PRO B 437 -54.06 27.84 -32.87
CA PRO B 437 -55.25 27.00 -32.79
C PRO B 437 -55.06 25.50 -33.07
N LYS B 438 -53.99 25.10 -33.76
CA LYS B 438 -53.78 23.66 -33.97
C LYS B 438 -53.73 23.00 -32.61
N ALA B 439 -53.30 23.79 -31.62
CA ALA B 439 -53.04 23.30 -30.28
C ALA B 439 -54.33 23.15 -29.48
N VAL B 440 -55.07 24.23 -29.33
CA VAL B 440 -56.35 24.13 -28.65
C VAL B 440 -57.17 22.99 -29.26
N GLN B 441 -57.15 22.92 -30.61
CA GLN B 441 -57.87 21.86 -31.33
C GLN B 441 -57.37 20.53 -30.79
N ASP B 442 -56.07 20.46 -30.56
CA ASP B 442 -55.43 19.26 -30.02
C ASP B 442 -55.97 18.88 -28.66
N TYR B 443 -56.14 19.85 -27.78
CA TYR B 443 -56.71 19.59 -26.46
C TYR B 443 -58.21 19.34 -26.57
N LYS B 444 -58.80 19.76 -27.68
CA LYS B 444 -60.21 19.50 -27.92
C LYS B 444 -60.43 17.99 -27.99
N SER B 445 -59.34 17.23 -28.07
CA SER B 445 -59.42 15.79 -28.24
C SER B 445 -58.35 15.00 -27.49
N GLY B 446 -57.10 15.41 -27.65
CA GLY B 446 -55.99 14.80 -26.92
C GLY B 446 -55.76 15.52 -25.60
N LYS B 447 -56.33 14.98 -24.54
CA LYS B 447 -56.27 15.64 -23.23
C LYS B 447 -54.87 15.66 -22.61
N LYS B 448 -54.23 14.49 -22.59
CA LYS B 448 -52.90 14.37 -21.99
C LYS B 448 -52.12 15.66 -22.21
N LYS B 449 -51.30 16.04 -21.22
CA LYS B 449 -50.72 17.39 -21.14
C LYS B 449 -50.65 18.10 -22.50
N ALA B 450 -51.81 18.57 -22.95
CA ALA B 450 -51.88 19.30 -24.20
C ALA B 450 -51.82 20.78 -23.86
N ALA B 451 -52.31 21.10 -22.67
CA ALA B 451 -52.26 22.46 -22.17
C ALA B 451 -50.86 22.74 -21.68
N GLY B 452 -50.09 21.65 -21.51
CA GLY B 452 -48.70 21.75 -21.13
C GLY B 452 -48.00 22.72 -22.06
N PHE B 453 -48.51 22.79 -23.29
CA PHE B 453 -47.98 23.75 -24.24
C PHE B 453 -48.26 25.17 -23.78
N PHE B 454 -49.49 25.42 -23.34
CA PHE B 454 -49.90 26.77 -22.92
C PHE B 454 -49.24 27.17 -21.60
N VAL B 455 -49.17 26.23 -20.66
CA VAL B 455 -48.40 26.44 -19.45
C VAL B 455 -47.10 27.12 -19.86
N GLY B 456 -46.36 26.44 -20.73
CA GLY B 456 -45.09 26.93 -21.23
C GLY B 456 -45.20 28.30 -21.87
N TYR B 457 -46.27 28.54 -22.60
CA TYR B 457 -46.45 29.85 -23.22
C TYR B 457 -46.44 30.91 -22.14
N VAL B 458 -47.32 30.78 -21.15
CA VAL B 458 -47.42 31.82 -20.13
C VAL B 458 -46.06 32.09 -19.48
N MET B 459 -45.35 31.03 -19.11
CA MET B 459 -44.02 31.20 -18.55
C MET B 459 -43.10 31.98 -19.48
N ARG B 460 -42.82 31.41 -20.65
CA ARG B 460 -41.97 32.10 -21.61
C ARG B 460 -42.29 33.59 -21.64
N GLU B 461 -43.57 33.90 -21.51
CA GLU B 461 -44.01 35.28 -21.67
C GLU B 461 -44.07 36.09 -20.37
N THR B 462 -43.46 35.58 -19.31
CA THR B 462 -43.42 36.31 -18.05
C THR B 462 -42.16 36.05 -17.23
N LYS B 463 -41.11 35.55 -17.87
CA LYS B 463 -39.96 35.07 -17.12
C LYS B 463 -40.52 34.03 -16.16
N GLY B 464 -39.72 33.08 -15.70
CA GLY B 464 -40.24 32.16 -14.72
C GLY B 464 -41.04 33.05 -13.80
N LYS B 465 -42.14 32.57 -13.24
CA LYS B 465 -43.01 33.48 -12.52
C LYS B 465 -44.41 32.92 -12.37
N ALA B 466 -45.33 33.52 -13.12
CA ALA B 466 -46.66 32.99 -13.28
C ALA B 466 -47.24 32.50 -11.97
N ASN B 467 -47.07 31.20 -11.75
CA ASN B 467 -47.70 30.47 -10.66
C ASN B 467 -48.27 29.19 -11.22
N PRO B 468 -47.47 28.13 -11.21
CA PRO B 468 -47.98 26.82 -11.57
C PRO B 468 -49.47 26.67 -11.24
N GLU B 469 -49.79 26.53 -9.96
CA GLU B 469 -51.17 26.36 -9.49
C GLU B 469 -52.20 27.19 -10.26
N LEU B 470 -52.13 28.51 -10.11
CA LEU B 470 -53.06 29.46 -10.72
C LEU B 470 -53.09 29.45 -12.26
N THR B 471 -51.92 29.54 -12.88
CA THR B 471 -51.80 29.50 -14.35
C THR B 471 -52.51 28.27 -14.90
N ASN B 472 -52.22 27.10 -14.34
CA ASN B 472 -52.94 25.89 -14.71
C ASN B 472 -54.45 25.98 -14.50
N ARG B 473 -54.88 26.34 -13.30
CA ARG B 473 -56.31 26.48 -13.01
C ARG B 473 -57.00 27.16 -14.19
N ILE B 474 -56.56 28.37 -14.50
CA ILE B 474 -57.05 29.15 -15.65
C ILE B 474 -57.12 28.40 -16.99
N ILE B 475 -55.97 28.00 -17.51
CA ILE B 475 -55.94 27.31 -18.78
C ILE B 475 -57.01 26.22 -18.82
N GLN B 476 -56.88 25.21 -17.96
CA GLN B 476 -57.72 24.02 -18.11
C GLN B 476 -59.21 24.38 -18.16
N LYS B 477 -59.54 25.65 -17.92
CA LYS B 477 -60.90 26.17 -18.04
C LYS B 477 -61.18 26.94 -19.34
N LEU B 478 -60.20 27.68 -19.85
CA LEU B 478 -60.35 28.37 -21.13
C LEU B 478 -60.26 27.40 -22.31
N LEU B 479 -59.99 26.14 -21.99
CA LEU B 479 -60.13 25.06 -22.93
C LEU B 479 -61.42 24.34 -22.57
N GLU B 480 -62.54 25.06 -22.62
CA GLU B 480 -63.85 24.44 -22.41
C GLU B 480 -64.94 25.08 -23.28
N GLY B 481 -64.70 26.32 -23.71
CA GLY B 481 -65.57 26.97 -24.68
C GLY B 481 -64.81 27.18 -25.97
N GLU B 482 -63.60 26.60 -26.02
CA GLU B 482 -62.62 26.82 -27.08
C GLU B 482 -62.31 28.30 -27.31
N LYS C 4 16.03 -36.20 28.66
CA LYS C 4 16.73 -35.55 29.76
C LYS C 4 18.23 -35.59 29.51
N VAL C 5 18.60 -35.77 28.24
CA VAL C 5 20.00 -35.85 27.81
C VAL C 5 20.07 -36.44 26.39
N THR C 6 20.28 -35.60 25.39
CA THR C 6 20.22 -36.08 24.01
C THR C 6 21.33 -35.51 23.10
N LYS C 7 21.27 -35.89 21.83
CA LYS C 7 22.25 -35.48 20.83
C LYS C 7 21.51 -34.77 19.69
N ASP C 8 20.22 -35.06 19.59
CA ASP C 8 19.38 -34.46 18.56
C ASP C 8 19.05 -33.03 18.91
N LEU C 9 18.98 -32.72 20.20
CA LEU C 9 18.66 -31.36 20.63
C LEU C 9 19.52 -30.36 19.88
N VAL C 10 20.64 -30.82 19.36
CA VAL C 10 21.49 -29.97 18.52
C VAL C 10 20.70 -29.37 17.35
N LEU C 11 19.96 -30.18 16.61
CA LEU C 11 19.11 -29.62 15.55
C LEU C 11 18.17 -28.60 16.17
N HIS C 12 17.06 -29.08 16.70
CA HIS C 12 15.98 -28.23 17.13
C HIS C 12 16.39 -27.10 18.08
N LEU C 13 17.66 -27.09 18.50
CA LEU C 13 18.13 -26.02 19.39
C LEU C 13 19.17 -25.09 18.74
N GLU C 14 20.33 -25.62 18.39
CA GLU C 14 21.35 -24.78 17.78
C GLU C 14 20.90 -24.30 16.39
N ASN C 15 19.75 -24.81 15.96
CA ASN C 15 19.08 -24.36 14.75
C ASN C 15 18.12 -23.20 15.05
N LEU C 16 17.70 -23.10 16.30
CA LEU C 16 16.70 -22.10 16.68
C LEU C 16 17.31 -20.75 17.05
N ALA C 17 18.49 -20.76 17.65
CA ALA C 17 19.22 -19.52 17.92
C ALA C 17 20.23 -19.30 16.81
N ARG C 18 20.01 -19.97 15.69
CA ARG C 18 20.91 -19.95 14.55
C ARG C 18 22.36 -19.85 14.98
N LEU C 19 22.84 -20.91 15.62
CA LEU C 19 24.19 -20.95 16.16
C LEU C 19 24.94 -22.21 15.72
N GLU C 20 25.86 -22.05 14.77
CA GLU C 20 26.71 -23.14 14.35
C GLU C 20 27.52 -23.62 15.56
N LEU C 21 28.18 -24.76 15.42
CA LEU C 21 28.95 -25.32 16.52
C LEU C 21 29.98 -26.33 16.03
N SER C 22 31.03 -25.82 15.38
CA SER C 22 32.08 -26.65 14.78
C SER C 22 32.30 -27.96 15.55
N GLU C 23 32.54 -29.04 14.79
CA GLU C 23 32.68 -30.39 15.34
C GLU C 23 33.46 -30.43 16.65
N ASP C 24 34.29 -29.41 16.86
CA ASP C 24 35.09 -29.28 18.08
C ASP C 24 34.22 -29.17 19.34
N GLN C 25 33.66 -27.99 19.56
CA GLN C 25 32.90 -27.70 20.78
C GLN C 25 31.52 -28.34 20.80
N ARG C 26 31.34 -29.38 19.97
CA ARG C 26 30.08 -30.11 19.89
C ARG C 26 29.70 -30.78 21.21
N GLU C 27 30.11 -32.03 21.36
CA GLU C 27 29.87 -32.80 22.59
C GLU C 27 30.44 -32.07 23.79
N SER C 28 31.04 -30.92 23.53
CA SER C 28 31.61 -30.08 24.57
C SER C 28 30.51 -29.38 25.37
N LEU C 29 29.54 -28.81 24.64
CA LEU C 29 28.40 -28.19 25.27
C LEU C 29 27.68 -29.21 26.16
N MET C 30 27.03 -30.18 25.52
CA MET C 30 26.26 -31.21 26.20
C MET C 30 26.75 -31.53 27.62
N LYS C 31 28.05 -31.78 27.76
CA LYS C 31 28.64 -32.14 29.05
C LYS C 31 28.03 -31.29 30.17
N ASP C 32 28.45 -30.03 30.24
CA ASP C 32 27.97 -29.14 31.30
C ASP C 32 26.59 -28.57 31.03
N PHE C 33 26.00 -28.90 29.88
CA PHE C 33 24.60 -28.57 29.64
C PHE C 33 23.74 -29.61 30.33
N GLN C 34 24.23 -30.85 30.37
CA GLN C 34 23.53 -31.93 31.05
C GLN C 34 23.48 -31.66 32.55
N GLU C 35 24.65 -31.48 33.15
CA GLU C 35 24.74 -31.09 34.55
C GLU C 35 23.83 -29.89 34.81
N ILE C 36 23.99 -28.87 33.97
CA ILE C 36 23.22 -27.64 34.10
C ILE C 36 21.72 -27.95 34.09
N LEU C 37 21.33 -28.80 33.16
CA LEU C 37 19.93 -29.21 33.05
C LEU C 37 19.52 -29.93 34.31
N ASP C 38 20.38 -30.86 34.76
CA ASP C 38 20.09 -31.65 35.95
C ASP C 38 19.84 -30.79 37.18
N TYR C 39 20.76 -29.88 37.50
CA TYR C 39 20.60 -29.03 38.67
C TYR C 39 19.19 -28.40 38.73
N VAL C 40 18.68 -27.93 37.60
CA VAL C 40 17.37 -27.29 37.59
C VAL C 40 16.25 -28.20 38.09
N GLU C 41 16.39 -29.51 37.84
CA GLU C 41 15.39 -30.47 38.28
C GLU C 41 15.04 -30.25 39.76
N LEU C 42 15.95 -29.61 40.48
CA LEU C 42 15.69 -29.21 41.86
C LEU C 42 14.65 -28.11 41.89
N LEU C 43 13.71 -28.20 40.95
CA LEU C 43 12.56 -27.32 40.85
C LEU C 43 11.29 -28.10 41.11
N ASN C 44 11.26 -29.35 40.64
CA ASN C 44 10.08 -30.21 40.66
C ASN C 44 9.28 -30.18 41.95
N GLU C 45 9.86 -29.57 42.98
CA GLU C 45 9.25 -29.48 44.30
C GLU C 45 8.45 -28.18 44.48
N VAL C 46 7.37 -28.04 43.72
CA VAL C 46 6.66 -26.76 43.63
C VAL C 46 5.13 -26.83 43.65
N ASP C 47 4.51 -25.76 43.14
CA ASP C 47 3.06 -25.65 43.08
C ASP C 47 2.58 -25.61 41.63
N VAL C 48 1.97 -26.71 41.20
CA VAL C 48 1.63 -26.94 39.79
C VAL C 48 0.25 -26.41 39.39
N GLU C 49 -0.37 -25.63 40.27
CA GLU C 49 -1.68 -25.06 39.99
C GLU C 49 -1.77 -23.60 40.43
N GLY C 50 -2.72 -22.87 39.83
CA GLY C 50 -2.97 -21.47 40.17
C GLY C 50 -1.86 -20.73 40.87
N VAL C 51 -1.15 -19.89 40.11
CA VAL C 51 -0.03 -19.10 40.62
C VAL C 51 0.44 -18.06 39.58
N GLU C 52 -0.24 -16.92 39.50
CA GLU C 52 0.07 -15.93 38.47
C GLU C 52 1.55 -15.57 38.42
N PRO C 53 2.21 -15.85 37.28
CA PRO C 53 3.65 -15.63 37.06
C PRO C 53 4.08 -14.16 37.11
N MET C 54 5.40 -13.96 37.19
CA MET C 54 5.98 -12.62 37.19
C MET C 54 7.09 -12.51 36.14
N TYR C 55 6.90 -11.60 35.19
CA TYR C 55 7.94 -11.32 34.21
C TYR C 55 8.59 -9.97 34.53
N THR C 56 7.87 -9.15 35.28
CA THR C 56 8.41 -7.87 35.75
C THR C 56 7.91 -7.52 37.14
N PRO C 57 8.81 -6.94 37.96
CA PRO C 57 8.41 -6.29 39.21
C PRO C 57 7.37 -5.21 38.95
N VAL C 58 7.71 -3.98 39.34
CA VAL C 58 6.93 -2.76 39.08
C VAL C 58 5.52 -2.66 39.65
N GLU C 59 4.82 -1.61 39.23
CA GLU C 59 3.39 -1.44 39.44
C GLU C 59 2.74 -1.42 38.05
N ASP C 60 2.03 -2.49 37.73
CA ASP C 60 1.60 -2.77 36.36
C ASP C 60 0.69 -1.73 35.70
N SER C 61 1.29 -0.72 35.08
CA SER C 61 0.57 0.17 34.18
C SER C 61 1.33 0.14 32.87
N ALA C 62 1.45 1.29 32.23
CA ALA C 62 2.26 1.40 31.01
C ALA C 62 2.73 2.82 30.82
N LYS C 63 1.79 3.76 30.94
CA LYS C 63 2.05 5.17 30.71
C LYS C 63 2.67 5.37 29.35
N LEU C 64 1.82 5.47 28.33
CA LEU C 64 2.22 5.39 26.92
C LEU C 64 2.21 6.72 26.15
N ARG C 65 3.27 6.95 25.36
CA ARG C 65 3.54 8.22 24.66
C ARG C 65 2.38 8.82 23.85
N LYS C 66 2.19 10.12 23.99
CA LYS C 66 1.20 10.81 23.18
C LYS C 66 1.86 11.77 22.19
N GLY C 67 3.18 11.68 22.09
CA GLY C 67 3.98 12.64 21.34
C GLY C 67 3.84 12.69 19.82
N ASP C 68 4.82 13.32 19.18
CA ASP C 68 4.78 13.54 17.75
C ASP C 68 5.76 12.67 16.98
N PRO C 69 5.59 12.59 15.64
CA PRO C 69 6.56 11.87 14.81
C PRO C 69 7.82 12.69 14.63
N ARG C 70 8.98 12.09 14.87
CA ARG C 70 10.26 12.79 14.78
C ARG C 70 11.35 11.92 14.16
N PHE C 71 11.99 12.45 13.10
CA PHE C 71 13.10 11.76 12.45
C PHE C 71 14.30 11.77 13.36
N PHE C 72 14.85 10.59 13.65
CA PHE C 72 16.03 10.46 14.51
C PHE C 72 17.13 11.52 14.28
N GLU C 73 17.67 12.04 15.38
CA GLU C 73 18.55 13.21 15.33
C GLU C 73 19.92 12.91 14.71
N MET C 74 20.33 11.64 14.75
CA MET C 74 21.55 11.22 14.07
C MET C 74 21.36 9.84 13.43
N ARG C 75 20.52 9.81 12.39
CA ARG C 75 20.24 8.58 11.66
C ARG C 75 21.50 8.02 11.04
N ASP C 76 22.40 8.91 10.64
CA ASP C 76 23.62 8.56 9.91
C ASP C 76 24.54 7.50 10.56
N LEU C 77 24.68 7.52 11.88
CA LEU C 77 25.53 6.54 12.56
C LEU C 77 24.92 5.15 12.53
N ILE C 78 23.59 5.07 12.50
CA ILE C 78 22.93 3.79 12.42
C ILE C 78 23.34 3.14 11.11
N LYS C 79 23.42 3.96 10.07
CA LYS C 79 23.70 3.44 8.74
C LYS C 79 25.18 3.30 8.36
N LYS C 80 26.06 4.15 8.92
CA LYS C 80 27.50 3.96 8.72
C LYS C 80 28.00 3.00 9.81
N ASN C 81 27.43 1.80 9.78
CA ASN C 81 27.58 0.86 10.86
C ASN C 81 26.97 -0.44 10.35
N PHE C 82 26.54 -0.36 9.09
CA PHE C 82 26.12 -1.51 8.33
C PHE C 82 27.36 -2.23 7.90
N PRO C 83 27.30 -3.56 7.80
CA PRO C 83 28.39 -4.30 7.15
C PRO C 83 28.54 -3.97 5.66
N GLU C 84 27.45 -4.08 4.89
CA GLU C 84 27.50 -3.80 3.44
C GLU C 84 26.25 -3.05 2.97
N GLU C 85 26.35 -2.29 1.89
CA GLU C 85 25.19 -1.52 1.45
C GLU C 85 25.05 -1.38 -0.07
N LYS C 86 23.80 -1.33 -0.54
CA LYS C 86 23.49 -0.94 -1.92
C LYS C 86 22.36 0.09 -1.86
N ASP C 87 22.37 1.04 -2.78
CA ASP C 87 21.36 2.10 -2.85
C ASP C 87 20.58 2.37 -1.57
N GLY C 88 21.27 2.53 -0.45
CA GLY C 88 20.60 2.92 0.78
C GLY C 88 20.08 1.75 1.60
N HIS C 89 20.02 0.57 1.00
CA HIS C 89 19.60 -0.62 1.71
C HIS C 89 20.77 -1.29 2.38
N ILE C 90 20.48 -2.11 3.39
CA ILE C 90 21.45 -3.04 3.90
C ILE C 90 21.53 -4.18 2.89
N LYS C 91 22.75 -4.53 2.49
CA LYS C 91 22.96 -5.64 1.56
C LYS C 91 23.34 -6.88 2.36
N VAL C 92 22.77 -8.01 2.00
CA VAL C 92 23.04 -9.24 2.72
C VAL C 92 22.93 -10.45 1.79
N PRO C 93 23.72 -11.49 2.07
CA PRO C 93 23.80 -12.77 1.37
C PRO C 93 22.47 -13.30 0.85
N GLY C 94 22.38 -13.55 -0.46
CA GLY C 94 21.21 -14.21 -1.02
C GLY C 94 20.91 -15.48 -0.26
N ILE C 95 19.76 -16.09 -0.52
CA ILE C 95 19.40 -17.28 0.24
C ILE C 95 19.79 -18.56 -0.52
N PRO C 120 16.23 48.72 -27.27
CA PRO C 120 15.77 47.72 -26.32
C PRO C 120 14.83 46.78 -27.04
N LYS C 121 15.35 45.96 -27.94
CA LYS C 121 14.51 45.29 -28.93
C LYS C 121 13.98 43.91 -28.55
N LYS C 122 12.70 43.70 -28.85
CA LYS C 122 12.03 42.43 -28.59
C LYS C 122 11.85 41.56 -29.86
N ILE C 123 10.97 40.58 -29.74
CA ILE C 123 10.75 39.63 -30.83
C ILE C 123 9.28 39.19 -30.80
N ARG C 124 8.79 38.56 -31.86
CA ARG C 124 7.43 38.01 -31.83
C ARG C 124 7.39 36.70 -31.03
N ARG C 125 6.19 36.27 -30.64
CA ARG C 125 6.04 35.02 -29.89
C ARG C 125 5.36 33.97 -30.75
N CYS C 126 5.99 32.81 -30.86
CA CYS C 126 5.49 31.75 -31.73
C CYS C 126 4.57 30.80 -30.97
N PHE C 127 3.44 30.46 -31.58
CA PHE C 127 2.55 29.49 -30.95
C PHE C 127 2.62 28.18 -31.73
N GLU C 128 2.77 27.07 -31.00
CA GLU C 128 2.85 25.74 -31.62
C GLU C 128 1.90 25.71 -32.79
N LEU C 129 2.28 25.05 -33.86
CA LEU C 129 1.47 25.07 -35.07
C LEU C 129 0.72 23.77 -35.31
N VAL C 130 -0.47 23.89 -35.89
CA VAL C 130 -1.47 22.85 -35.86
C VAL C 130 -1.07 21.66 -36.68
N ARG C 131 -1.19 20.46 -36.10
CA ARG C 131 -0.69 19.25 -36.75
C ARG C 131 -1.32 17.96 -36.21
N VAL C 132 -2.11 17.27 -37.04
CA VAL C 132 -2.69 15.96 -36.66
C VAL C 132 -2.15 14.74 -37.40
N ARG C 133 -2.38 13.57 -36.84
CA ARG C 133 -1.90 12.32 -37.42
C ARG C 133 -2.98 11.24 -37.58
N PHE C 134 -2.94 10.55 -38.72
CA PHE C 134 -3.75 9.35 -38.86
C PHE C 134 -2.73 8.24 -38.89
N ALA C 135 -2.74 7.42 -37.87
CA ALA C 135 -1.65 6.49 -37.64
C ALA C 135 -2.12 5.07 -37.72
N PRO C 136 -2.54 4.63 -38.91
CA PRO C 136 -3.13 3.29 -39.05
C PRO C 136 -2.05 2.25 -38.92
N SER C 137 -2.41 1.04 -38.50
CA SER C 137 -1.49 -0.07 -38.54
C SER C 137 -1.89 -1.01 -39.67
N PRO C 138 -0.96 -1.30 -40.61
CA PRO C 138 -1.21 -2.11 -41.81
C PRO C 138 -1.67 -3.53 -41.51
N THR C 139 -2.36 -3.71 -40.38
CA THR C 139 -2.87 -5.01 -39.99
C THR C 139 -4.02 -5.50 -40.86
N GLY C 140 -4.38 -4.74 -41.89
CA GLY C 140 -5.53 -5.12 -42.68
C GLY C 140 -6.09 -4.03 -43.59
N HIS C 141 -7.35 -4.19 -43.98
CA HIS C 141 -7.93 -3.31 -44.96
C HIS C 141 -8.61 -2.18 -44.24
N LEU C 142 -8.50 -0.99 -44.80
CA LEU C 142 -9.10 0.20 -44.21
C LEU C 142 -10.61 0.18 -44.37
N HIS C 143 -11.30 0.28 -43.23
CA HIS C 143 -12.76 0.25 -43.21
C HIS C 143 -13.38 1.64 -43.11
N VAL C 144 -14.71 1.71 -43.12
CA VAL C 144 -15.38 3.00 -43.06
C VAL C 144 -15.16 3.60 -41.68
N GLY C 145 -14.63 2.78 -40.77
CA GLY C 145 -14.26 3.24 -39.45
C GLY C 145 -13.14 4.25 -39.50
N GLY C 146 -11.94 3.78 -39.82
CA GLY C 146 -10.76 4.62 -39.92
C GLY C 146 -10.94 5.76 -40.89
N ALA C 147 -12.02 5.69 -41.65
CA ALA C 147 -12.27 6.67 -42.69
C ALA C 147 -12.85 7.96 -42.11
N ARG C 148 -13.78 7.82 -41.17
CA ARG C 148 -14.36 8.93 -40.45
C ARG C 148 -13.30 9.51 -39.53
N THR C 149 -12.72 8.63 -38.72
CA THR C 149 -11.76 9.05 -37.74
C THR C 149 -10.49 9.55 -38.41
N ALA C 150 -10.49 9.60 -39.74
CA ALA C 150 -9.35 10.13 -40.49
C ALA C 150 -9.76 11.42 -41.18
N LEU C 151 -10.88 11.34 -41.89
CA LEU C 151 -11.53 12.53 -42.41
C LEU C 151 -11.70 13.55 -41.27
N PHE C 152 -11.90 13.07 -40.05
CA PHE C 152 -12.02 13.99 -38.94
C PHE C 152 -10.75 14.82 -38.84
N ASN C 153 -9.63 14.14 -38.59
CA ASN C 153 -8.33 14.77 -38.53
C ASN C 153 -8.06 15.60 -39.76
N TRP C 154 -8.35 15.04 -40.93
CA TRP C 154 -8.16 15.77 -42.17
C TRP C 154 -8.84 17.14 -42.15
N MET C 155 -10.14 17.14 -41.89
CA MET C 155 -10.89 18.38 -41.92
C MET C 155 -10.35 19.31 -40.88
N PHE C 156 -10.12 18.81 -39.68
CA PHE C 156 -9.69 19.69 -38.60
C PHE C 156 -8.41 20.41 -38.97
N ALA C 157 -7.50 19.70 -39.61
CA ALA C 157 -6.29 20.33 -40.11
C ALA C 157 -6.61 21.37 -41.19
N ARG C 158 -7.41 20.97 -42.17
CA ARG C 158 -7.72 21.87 -43.29
C ARG C 158 -8.54 23.08 -42.87
N LYS C 159 -9.14 23.04 -41.68
CA LYS C 159 -9.94 24.16 -41.20
C LYS C 159 -9.08 25.08 -40.34
N GLU C 160 -8.24 24.49 -39.52
CA GLU C 160 -7.38 25.27 -38.64
C GLU C 160 -6.12 25.77 -39.37
N GLY C 161 -5.98 25.38 -40.64
CA GLY C 161 -4.88 25.82 -41.48
C GLY C 161 -3.55 25.10 -41.24
N GLY C 162 -3.63 23.92 -40.63
CA GLY C 162 -2.44 23.21 -40.20
C GLY C 162 -2.11 22.09 -41.15
N LYS C 163 -1.66 20.98 -40.61
CA LYS C 163 -1.12 19.93 -41.46
C LYS C 163 -1.60 18.55 -41.06
N PHE C 164 -1.69 17.70 -42.06
CA PHE C 164 -2.16 16.35 -41.87
C PHE C 164 -0.96 15.47 -42.02
N ILE C 165 -0.70 14.66 -41.00
CA ILE C 165 0.41 13.73 -41.07
C ILE C 165 -0.09 12.29 -41.08
N LEU C 166 0.59 11.45 -41.84
CA LEU C 166 0.12 10.10 -42.02
C LEU C 166 1.27 9.21 -41.71
N ARG C 167 1.06 8.29 -40.78
CA ARG C 167 2.11 7.46 -40.22
C ARG C 167 1.75 5.99 -40.15
N ILE C 168 2.48 5.14 -40.87
CA ILE C 168 2.20 3.72 -40.78
C ILE C 168 2.79 3.14 -39.50
N GLU C 169 1.91 2.65 -38.62
CA GLU C 169 2.36 2.07 -37.36
C GLU C 169 2.39 0.55 -37.43
N ASP C 170 3.52 0.02 -37.88
CA ASP C 170 3.66 -1.42 -38.12
C ASP C 170 4.67 -2.07 -37.18
N THR C 171 4.38 -2.04 -35.89
CA THR C 171 5.26 -2.63 -34.89
C THR C 171 4.98 -4.12 -34.68
N ASP C 172 3.85 -4.62 -35.16
CA ASP C 172 3.59 -6.05 -35.08
C ASP C 172 3.91 -6.65 -36.42
N THR C 173 5.00 -7.40 -36.50
CA THR C 173 5.55 -7.79 -37.78
C THR C 173 4.95 -9.09 -38.36
N GLU C 174 3.89 -9.58 -37.74
CA GLU C 174 3.08 -10.61 -38.35
C GLU C 174 1.80 -9.93 -38.77
N ARG C 175 1.17 -9.30 -37.80
CA ARG C 175 -0.09 -8.60 -37.99
C ARG C 175 -0.02 -7.55 -39.10
N SER C 176 1.12 -7.41 -39.78
CA SER C 176 1.28 -6.31 -40.75
C SER C 176 1.77 -6.74 -42.14
N SER C 177 1.94 -5.76 -43.01
CA SER C 177 2.25 -6.03 -44.42
C SER C 177 2.56 -4.75 -45.19
N ARG C 178 3.18 -4.90 -46.36
CA ARG C 178 3.44 -3.78 -47.26
C ARG C 178 2.37 -3.71 -48.35
N GLU C 179 1.56 -4.77 -48.43
CA GLU C 179 0.38 -4.77 -49.26
C GLU C 179 -0.71 -4.02 -48.51
N TYR C 180 -0.99 -4.45 -47.28
CA TYR C 180 -2.00 -3.80 -46.46
C TYR C 180 -1.65 -2.34 -46.27
N GLU C 181 -0.36 -2.04 -46.09
CA GLU C 181 0.08 -0.64 -46.01
C GLU C 181 -0.18 0.07 -47.32
N GLN C 182 0.09 -0.65 -48.40
CA GLN C 182 0.00 -0.14 -49.74
C GLN C 182 -1.46 0.17 -50.12
N GLN C 183 -2.37 -0.69 -49.68
CA GLN C 183 -3.77 -0.57 -50.02
C GLN C 183 -4.48 0.39 -49.08
N ILE C 184 -3.85 0.66 -47.94
CA ILE C 184 -4.39 1.59 -46.95
C ILE C 184 -4.18 3.01 -47.40
N LEU C 185 -3.25 3.20 -48.32
CA LEU C 185 -3.03 4.54 -48.83
C LEU C 185 -3.93 4.79 -50.03
N GLU C 186 -4.26 3.72 -50.76
CA GLU C 186 -5.10 3.86 -51.94
C GLU C 186 -6.52 4.22 -51.58
N SER C 187 -7.18 3.32 -50.85
CA SER C 187 -8.52 3.59 -50.34
C SER C 187 -8.60 5.04 -49.90
N LEU C 188 -7.60 5.47 -49.13
CA LEU C 188 -7.53 6.80 -48.57
C LEU C 188 -7.33 7.91 -49.61
N ARG C 189 -6.45 7.67 -50.59
CA ARG C 189 -6.22 8.63 -51.66
C ARG C 189 -7.52 8.77 -52.47
N TRP C 190 -8.35 7.75 -52.38
CA TRP C 190 -9.64 7.72 -53.06
C TRP C 190 -10.65 8.60 -52.36
N CYS C 191 -10.64 8.58 -51.03
CA CYS C 191 -11.56 9.36 -50.23
C CYS C 191 -11.20 10.83 -50.29
N GLY C 192 -10.09 11.13 -50.95
CA GLY C 192 -9.68 12.51 -51.15
C GLY C 192 -8.98 13.11 -49.95
N LEU C 193 -8.09 12.35 -49.32
CA LEU C 193 -7.46 12.79 -48.09
C LEU C 193 -5.95 12.95 -48.23
N ASP C 194 -5.53 14.00 -48.92
CA ASP C 194 -4.12 14.26 -49.09
C ASP C 194 -3.45 14.56 -47.77
N TRP C 195 -2.39 13.82 -47.47
CA TRP C 195 -1.54 14.13 -46.32
C TRP C 195 -0.35 14.96 -46.76
N ASP C 196 0.06 15.89 -45.89
CA ASP C 196 1.17 16.78 -46.20
C ASP C 196 2.50 16.06 -45.91
N GLU C 197 2.42 14.97 -45.18
CA GLU C 197 3.61 14.24 -44.78
C GLU C 197 3.29 12.75 -44.58
N GLY C 198 3.98 11.90 -45.31
CA GLY C 198 3.75 10.47 -45.16
C GLY C 198 4.95 9.68 -45.61
N PRO C 199 4.79 8.35 -45.66
CA PRO C 199 5.78 7.34 -46.02
C PRO C 199 6.05 7.25 -47.51
N ASP C 200 5.26 7.97 -48.28
CA ASP C 200 5.35 7.88 -49.72
C ASP C 200 6.04 9.10 -50.33
N ILE C 201 6.10 10.19 -49.58
CA ILE C 201 6.74 11.40 -50.07
C ILE C 201 7.51 12.12 -48.99
N GLY C 202 7.71 11.44 -47.86
CA GLY C 202 8.49 11.97 -46.75
C GLY C 202 7.89 13.16 -46.02
N GLY C 203 8.77 14.03 -45.56
CA GLY C 203 8.41 15.15 -44.70
C GLY C 203 9.55 15.37 -43.73
N ASP C 204 9.59 16.53 -43.08
CA ASP C 204 10.77 16.84 -42.29
C ASP C 204 10.94 15.97 -41.07
N PHE C 205 10.09 14.97 -40.88
CA PHE C 205 10.12 14.22 -39.63
C PHE C 205 10.30 12.74 -39.84
N GLY C 206 10.82 12.41 -41.02
CA GLY C 206 11.05 11.03 -41.38
C GLY C 206 11.87 10.26 -40.38
N PRO C 207 11.78 8.93 -40.45
CA PRO C 207 10.89 8.34 -41.46
C PRO C 207 9.48 8.20 -40.90
N TYR C 208 8.52 7.76 -41.72
CA TYR C 208 7.13 7.72 -41.29
C TYR C 208 6.54 6.33 -41.14
N ARG C 209 7.40 5.31 -41.24
CA ARG C 209 7.03 3.99 -40.78
C ARG C 209 7.77 3.81 -39.49
N GLN C 210 7.41 2.81 -38.72
CA GLN C 210 8.01 2.70 -37.40
C GLN C 210 9.11 1.69 -37.44
N SER C 211 8.94 0.68 -38.27
CA SER C 211 9.98 -0.29 -38.51
C SER C 211 11.16 0.42 -39.17
N GLU C 212 10.92 1.63 -39.66
CA GLU C 212 11.99 2.44 -40.21
C GLU C 212 12.61 3.30 -39.13
N ARG C 213 12.15 3.16 -37.89
CA ARG C 213 12.75 3.97 -36.82
C ARG C 213 12.99 3.27 -35.47
N LEU C 214 13.58 2.08 -35.49
CA LEU C 214 14.02 1.42 -34.27
C LEU C 214 15.35 2.05 -33.88
N GLU C 215 15.92 2.76 -34.83
CA GLU C 215 16.99 3.71 -34.57
C GLU C 215 16.70 4.47 -33.28
N ILE C 216 15.47 4.94 -33.15
CA ILE C 216 15.09 5.96 -32.18
C ILE C 216 14.53 5.41 -30.88
N TYR C 217 13.70 4.38 -30.97
CA TYR C 217 13.00 3.91 -29.78
C TYR C 217 13.96 3.40 -28.74
N ARG C 218 14.88 2.52 -29.15
CA ARG C 218 15.84 1.96 -28.20
C ARG C 218 16.65 3.11 -27.63
N GLU C 219 16.99 4.09 -28.46
CA GLU C 219 17.64 5.29 -27.93
C GLU C 219 16.82 5.83 -26.78
N TYR C 220 15.66 6.39 -27.10
CA TYR C 220 14.81 7.03 -26.10
C TYR C 220 14.33 6.11 -24.99
N ALA C 221 14.25 4.81 -25.27
CA ALA C 221 13.92 3.83 -24.24
C ALA C 221 15.02 3.74 -23.19
N GLU C 222 16.27 3.72 -23.63
CA GLU C 222 17.35 3.67 -22.66
C GLU C 222 17.52 5.02 -21.98
N LYS C 223 17.03 6.08 -22.62
CA LYS C 223 16.99 7.39 -22.01
C LYS C 223 16.17 7.31 -20.72
N LEU C 224 15.42 6.22 -20.53
CA LEU C 224 14.58 6.08 -19.36
C LEU C 224 15.11 4.99 -18.44
N VAL C 225 16.13 4.27 -18.87
CA VAL C 225 16.70 3.25 -18.00
C VAL C 225 17.97 3.85 -17.44
N GLU C 226 18.34 4.96 -18.06
CA GLU C 226 19.24 5.93 -17.50
C GLU C 226 18.55 6.41 -16.24
N ASP C 227 17.42 7.07 -16.44
CA ASP C 227 16.57 7.55 -15.35
C ASP C 227 16.03 6.40 -14.52
N LYS C 228 15.43 6.77 -13.41
CA LYS C 228 14.80 5.81 -12.53
C LYS C 228 13.49 5.27 -13.12
N ARG C 229 13.35 5.26 -14.46
CA ARG C 229 12.00 5.09 -15.05
C ARG C 229 11.68 3.80 -15.84
N ALA C 230 12.64 3.25 -16.59
CA ALA C 230 12.41 1.97 -17.27
C ALA C 230 13.46 0.95 -16.84
N TYR C 231 13.15 -0.33 -16.98
CA TYR C 231 14.11 -1.37 -16.60
C TYR C 231 14.09 -2.59 -17.50
N TYR C 232 15.12 -3.43 -17.41
CA TYR C 232 15.24 -4.62 -18.28
C TYR C 232 14.70 -5.88 -17.63
N VAL C 233 14.21 -6.81 -18.45
CA VAL C 233 13.64 -8.07 -17.96
C VAL C 233 14.11 -9.23 -18.82
N VAL C 234 14.66 -10.26 -18.18
CA VAL C 234 15.19 -11.40 -18.89
C VAL C 234 14.33 -12.64 -18.69
N TYR C 235 14.31 -13.51 -19.69
CA TYR C 235 13.44 -14.67 -19.66
C TYR C 235 14.21 -16.00 -19.84
N ASP C 236 13.47 -17.10 -19.80
CA ASP C 236 14.02 -18.44 -19.97
C ASP C 236 14.36 -18.70 -21.44
N LYS C 237 15.54 -19.24 -21.69
CA LYS C 237 15.95 -19.57 -23.05
C LYS C 237 14.86 -20.37 -23.80
N GLU C 238 14.41 -21.47 -23.20
CA GLU C 238 13.47 -22.36 -23.90
C GLU C 238 12.02 -22.27 -23.38
N ASP C 239 11.56 -21.04 -23.17
CA ASP C 239 10.16 -20.72 -22.84
C ASP C 239 10.05 -19.23 -22.55
N PRO C 240 9.97 -18.40 -23.61
CA PRO C 240 10.00 -16.94 -23.47
C PRO C 240 8.85 -16.39 -22.63
N SER C 241 8.15 -17.26 -21.91
CA SER C 241 7.10 -16.80 -21.02
C SER C 241 7.63 -16.38 -19.65
N LYS C 242 8.29 -17.32 -18.96
CA LYS C 242 8.66 -17.12 -17.55
C LYS C 242 9.82 -16.13 -17.32
N GLU C 243 9.60 -15.23 -16.37
CA GLU C 243 10.54 -14.15 -16.08
C GLU C 243 11.65 -14.54 -15.09
N LEU C 244 12.88 -14.15 -15.40
CA LEU C 244 14.04 -14.49 -14.55
C LEU C 244 14.55 -13.36 -13.64
N PHE C 245 15.25 -12.35 -14.17
CA PHE C 245 15.63 -11.22 -13.29
C PHE C 245 15.28 -9.78 -13.72
N THR C 246 16.00 -8.77 -13.20
CA THR C 246 15.61 -7.37 -13.46
C THR C 246 16.66 -6.21 -13.49
N THR C 247 17.68 -6.22 -12.64
CA THR C 247 18.38 -4.93 -12.34
C THR C 247 18.52 -3.98 -13.57
N TYR C 248 18.45 -2.68 -13.25
CA TYR C 248 18.42 -1.53 -14.16
C TYR C 248 19.62 -1.40 -15.10
N GLU C 249 20.37 -2.48 -15.27
CA GLU C 249 21.60 -2.45 -16.04
C GLU C 249 21.51 -3.50 -17.14
N TYR C 250 22.07 -3.16 -18.31
CA TYR C 250 21.99 -3.98 -19.54
C TYR C 250 22.60 -5.36 -19.34
N PRO C 251 21.80 -6.41 -19.56
CA PRO C 251 22.29 -7.77 -19.32
C PRO C 251 23.27 -8.23 -20.37
N HIS C 252 24.34 -7.48 -20.56
CA HIS C 252 25.44 -7.85 -21.43
C HIS C 252 25.51 -9.36 -21.57
N GLU C 253 26.02 -9.99 -20.52
CA GLU C 253 26.19 -11.43 -20.49
C GLU C 253 24.98 -12.18 -21.05
N TYR C 254 23.82 -11.87 -20.52
CA TYR C 254 22.61 -12.63 -20.80
C TYR C 254 22.05 -12.46 -22.23
N LYS C 255 22.35 -11.34 -22.86
CA LYS C 255 21.82 -11.07 -24.18
C LYS C 255 22.66 -11.73 -25.27
N GLU C 256 23.90 -12.10 -24.91
CA GLU C 256 24.76 -12.85 -25.81
C GLU C 256 24.76 -14.34 -25.50
N LYS C 257 24.32 -14.69 -24.29
CA LYS C 257 24.06 -16.08 -23.93
C LYS C 257 22.73 -16.52 -24.53
N GLY C 258 22.11 -15.62 -25.28
CA GLY C 258 20.92 -15.97 -26.03
C GLY C 258 19.67 -16.09 -25.17
N HIS C 259 19.39 -15.04 -24.40
CA HIS C 259 18.11 -14.91 -23.75
C HIS C 259 17.41 -13.73 -24.40
N PRO C 260 16.12 -13.55 -24.14
CA PRO C 260 15.44 -12.33 -24.58
C PRO C 260 15.45 -11.23 -23.51
N VAL C 261 15.32 -9.97 -23.94
CA VAL C 261 15.12 -8.87 -23.02
C VAL C 261 14.12 -7.86 -23.51
N THR C 262 13.18 -7.54 -22.62
CA THR C 262 12.25 -6.43 -22.80
C THR C 262 12.67 -5.27 -21.91
N ILE C 263 12.22 -4.07 -22.26
CA ILE C 263 12.28 -2.95 -21.33
C ILE C 263 10.85 -2.61 -20.89
N LYS C 264 10.65 -2.47 -19.59
CA LYS C 264 9.36 -2.05 -19.05
C LYS C 264 9.45 -0.66 -18.44
N PHE C 265 8.32 0.01 -18.37
CA PHE C 265 8.21 1.33 -17.77
C PHE C 265 7.84 1.23 -16.30
N LYS C 266 8.65 1.82 -15.43
CA LYS C 266 8.32 1.78 -14.01
C LYS C 266 7.20 2.74 -13.71
N VAL C 267 5.98 2.21 -13.65
CA VAL C 267 4.84 3.00 -13.20
C VAL C 267 5.19 3.41 -11.78
N LEU C 268 5.05 4.70 -11.48
CA LEU C 268 5.17 5.18 -10.12
C LEU C 268 3.78 5.37 -9.56
N PRO C 269 3.67 5.46 -8.24
CA PRO C 269 2.36 5.68 -7.62
C PRO C 269 1.99 7.13 -7.80
N GLY C 270 0.68 7.39 -7.85
CA GLY C 270 0.16 8.74 -8.05
C GLY C 270 -1.18 8.78 -8.76
N LYS C 271 -1.47 9.88 -9.43
CA LYS C 271 -2.67 9.99 -10.23
C LYS C 271 -2.38 10.69 -11.56
N THR C 272 -2.93 10.15 -12.63
CA THR C 272 -2.76 10.75 -13.95
C THR C 272 -4.09 11.15 -14.57
N SER C 273 -4.12 12.32 -15.18
CA SER C 273 -5.37 12.91 -15.63
C SER C 273 -5.14 13.79 -16.84
N PHE C 274 -6.23 14.19 -17.48
CA PHE C 274 -6.16 15.11 -18.62
C PHE C 274 -7.52 15.65 -19.00
N GLU C 275 -7.51 16.69 -19.82
CA GLU C 275 -8.75 17.13 -20.43
C GLU C 275 -8.96 16.32 -21.71
N ASP C 276 -10.16 16.38 -22.30
CA ASP C 276 -10.42 15.66 -23.54
C ASP C 276 -11.57 16.32 -24.28
N LEU C 277 -11.27 17.04 -25.35
CA LEU C 277 -12.27 17.90 -25.99
C LEU C 277 -13.67 17.27 -26.10
N LEU C 278 -13.73 15.95 -26.24
CA LEU C 278 -15.02 15.30 -26.37
C LEU C 278 -15.46 14.64 -25.07
N LYS C 279 -14.54 13.92 -24.43
CA LYS C 279 -14.90 13.16 -23.22
C LYS C 279 -14.67 13.92 -21.90
N GLY C 280 -14.61 15.25 -21.98
CA GLY C 280 -14.35 16.10 -20.82
C GLY C 280 -13.19 15.66 -19.93
N TYR C 281 -13.12 16.23 -18.73
CA TYR C 281 -12.05 15.91 -17.77
C TYR C 281 -11.99 14.40 -17.42
N MET C 282 -10.77 13.86 -17.36
CA MET C 282 -10.58 12.42 -17.25
C MET C 282 -9.41 12.11 -16.31
N GLU C 283 -9.57 11.14 -15.41
CA GLU C 283 -8.51 10.85 -14.42
C GLU C 283 -8.42 9.38 -14.05
N PHE C 284 -7.22 8.88 -13.77
CA PHE C 284 -7.04 7.43 -13.77
C PHE C 284 -6.35 6.78 -12.57
N ASP C 285 -5.37 7.45 -12.00
CA ASP C 285 -4.52 6.84 -10.98
C ASP C 285 -3.84 5.59 -11.53
N ASN C 286 -2.67 5.28 -10.98
CA ASN C 286 -1.80 4.28 -11.59
C ASN C 286 -1.56 3.10 -10.68
N SER C 287 -2.41 2.94 -9.68
CA SER C 287 -2.38 1.74 -8.88
C SER C 287 -3.24 0.72 -9.64
N THR C 288 -3.73 1.16 -10.79
CA THR C 288 -4.49 0.27 -11.65
C THR C 288 -3.66 -0.18 -12.85
N LEU C 289 -2.61 0.59 -13.17
CA LEU C 289 -1.74 0.25 -14.30
C LEU C 289 -0.45 -0.37 -13.83
N GLU C 290 -0.34 -1.68 -14.03
CA GLU C 290 0.84 -2.44 -13.62
C GLU C 290 2.00 -2.20 -14.59
N ASP C 291 3.23 -2.25 -14.07
CA ASP C 291 4.43 -2.13 -14.89
C ASP C 291 4.29 -2.74 -16.30
N PHE C 292 4.47 -1.93 -17.35
CA PHE C 292 4.22 -2.39 -18.71
C PHE C 292 5.32 -2.26 -19.78
N ILE C 293 5.56 -3.36 -20.50
CA ILE C 293 6.53 -3.47 -21.61
C ILE C 293 6.55 -2.32 -22.62
N ILE C 294 7.70 -1.71 -22.85
CA ILE C 294 7.79 -0.67 -23.88
C ILE C 294 8.86 -0.92 -24.93
N MET C 295 9.41 -2.11 -24.94
CA MET C 295 10.37 -2.50 -25.97
C MET C 295 10.43 -4.00 -26.02
N LYS C 296 10.01 -4.55 -27.16
CA LYS C 296 9.86 -5.99 -27.36
C LYS C 296 11.17 -6.77 -27.31
N SER C 297 11.06 -8.08 -27.34
CA SER C 297 12.22 -8.95 -27.36
C SER C 297 12.98 -8.71 -28.65
N ASN C 298 12.26 -8.18 -29.63
CA ASN C 298 12.76 -8.09 -31.00
C ASN C 298 13.07 -6.67 -31.45
N GLY C 299 13.48 -5.82 -30.51
CA GLY C 299 13.95 -4.50 -30.84
C GLY C 299 12.89 -3.49 -31.25
N PHE C 300 11.64 -3.95 -31.42
CA PHE C 300 10.52 -3.09 -31.76
C PHE C 300 9.81 -2.55 -30.52
N PRO C 301 9.24 -1.35 -30.61
CA PRO C 301 8.46 -0.83 -29.49
C PRO C 301 7.11 -1.53 -29.31
N THR C 302 6.47 -1.29 -28.17
CA THR C 302 5.09 -1.66 -27.91
C THR C 302 4.34 -0.45 -28.42
N TYR C 303 3.04 -0.60 -28.66
CA TYR C 303 2.23 0.48 -29.22
C TYR C 303 2.41 1.74 -28.39
N ASN C 304 2.08 1.63 -27.11
CA ASN C 304 1.90 2.82 -26.30
C ASN C 304 3.15 3.68 -26.20
N PHE C 305 4.31 3.04 -26.13
CA PHE C 305 5.58 3.77 -26.05
C PHE C 305 5.92 4.37 -27.42
N ALA C 306 5.69 3.56 -28.45
CA ALA C 306 5.99 3.92 -29.83
C ALA C 306 5.39 5.25 -30.29
N VAL C 307 4.10 5.43 -30.05
CA VAL C 307 3.47 6.73 -30.25
C VAL C 307 4.26 7.84 -29.61
N VAL C 308 3.92 8.10 -28.35
CA VAL C 308 4.55 9.14 -27.55
C VAL C 308 5.83 9.64 -28.18
N VAL C 309 6.81 8.75 -28.32
CA VAL C 309 8.09 9.14 -28.88
C VAL C 309 7.84 9.77 -30.24
N ASP C 310 7.25 9.00 -31.15
CA ASP C 310 6.91 9.47 -32.48
C ASP C 310 5.93 10.63 -32.43
N ASP C 311 4.97 10.55 -31.52
CA ASP C 311 3.93 11.56 -31.38
C ASP C 311 4.48 12.91 -30.90
N HIS C 312 5.60 12.82 -30.19
CA HIS C 312 6.31 13.98 -29.64
C HIS C 312 7.23 14.53 -30.69
N LEU C 313 8.11 13.66 -31.17
CA LEU C 313 9.09 14.00 -32.20
C LEU C 313 8.41 14.64 -33.40
N MET C 314 7.30 14.05 -33.82
CA MET C 314 6.60 14.53 -35.01
C MET C 314 5.84 15.81 -34.74
N ARG C 315 6.17 16.48 -33.64
CA ARG C 315 5.55 17.75 -33.34
C ARG C 315 4.05 17.73 -33.61
N ILE C 316 3.31 16.97 -32.81
CA ILE C 316 1.88 16.82 -33.03
C ILE C 316 1.07 17.54 -31.97
N SER C 317 0.39 18.61 -32.36
CA SER C 317 -0.42 19.43 -31.44
C SER C 317 -1.71 18.78 -30.94
N HIS C 318 -2.44 18.14 -31.85
CA HIS C 318 -3.71 17.54 -31.50
C HIS C 318 -3.80 16.08 -31.91
N VAL C 319 -4.14 15.22 -30.98
CA VAL C 319 -4.39 13.84 -31.32
C VAL C 319 -5.87 13.68 -31.33
N PHE C 320 -6.44 13.18 -32.42
CA PHE C 320 -7.86 12.88 -32.44
C PHE C 320 -7.98 11.43 -32.87
N ARG C 321 -8.38 10.57 -31.96
CA ARG C 321 -8.33 9.15 -32.25
C ARG C 321 -9.54 8.37 -31.75
N GLY C 322 -9.46 7.06 -31.94
CA GLY C 322 -10.52 6.16 -31.54
C GLY C 322 -10.73 5.93 -30.05
N GLU C 323 -11.88 6.37 -29.55
CA GLU C 323 -12.40 5.91 -28.28
C GLU C 323 -11.86 4.56 -27.83
N ASP C 324 -11.39 3.72 -28.74
CA ASP C 324 -10.84 2.45 -28.30
C ASP C 324 -9.53 2.69 -27.53
N HIS C 325 -9.07 3.94 -27.55
CA HIS C 325 -7.77 4.32 -27.01
C HIS C 325 -7.80 5.21 -25.75
N LEU C 326 -8.99 5.49 -25.24
CA LEU C 326 -9.08 6.34 -24.07
C LEU C 326 -8.31 5.66 -22.98
N SER C 327 -8.76 4.46 -22.62
CA SER C 327 -8.17 3.72 -21.52
C SER C 327 -6.67 3.51 -21.69
N ASN C 328 -6.10 4.21 -22.66
CA ASN C 328 -4.69 4.11 -23.00
C ASN C 328 -3.94 5.42 -22.84
N THR C 329 -4.67 6.52 -22.76
CA THR C 329 -4.04 7.84 -22.65
C THR C 329 -3.31 8.10 -21.33
N PRO C 330 -3.65 7.36 -20.27
CA PRO C 330 -2.81 7.32 -19.08
C PRO C 330 -1.42 6.78 -19.36
N LYS C 331 -1.33 5.49 -19.66
CA LYS C 331 -0.04 4.86 -19.92
C LYS C 331 0.82 5.81 -20.74
N GLN C 332 0.20 6.46 -21.73
CA GLN C 332 0.95 7.34 -22.61
C GLN C 332 1.35 8.63 -21.87
N LEU C 333 0.46 9.10 -21.02
CA LEU C 333 0.69 10.33 -20.28
C LEU C 333 1.76 10.16 -19.19
N MET C 334 1.86 8.96 -18.65
CA MET C 334 2.96 8.68 -17.75
C MET C 334 4.25 8.91 -18.50
N ILE C 335 4.47 8.11 -19.54
CA ILE C 335 5.61 8.30 -20.41
C ILE C 335 5.91 9.80 -20.63
N TYR C 336 5.06 10.53 -21.35
CA TYR C 336 5.34 11.95 -21.60
C TYR C 336 5.94 12.70 -20.40
N GLU C 337 5.38 12.47 -19.22
CA GLU C 337 5.85 13.15 -18.01
C GLU C 337 6.83 12.24 -17.30
N ALA C 338 7.98 12.06 -17.92
CA ALA C 338 9.03 11.18 -17.43
C ALA C 338 10.13 11.39 -18.42
N PHE C 339 9.73 11.89 -19.57
CA PHE C 339 10.63 12.46 -20.54
C PHE C 339 10.57 13.95 -20.28
N GLY C 340 9.63 14.37 -19.43
CA GLY C 340 9.40 15.78 -19.20
C GLY C 340 8.94 16.55 -20.44
N TRP C 341 8.00 15.94 -21.18
CA TRP C 341 7.48 16.51 -22.42
C TRP C 341 6.02 16.95 -22.28
N GLU C 342 5.74 18.15 -22.75
CA GLU C 342 4.38 18.64 -23.02
C GLU C 342 3.59 17.69 -23.95
N ALA C 343 2.45 17.19 -23.46
CA ALA C 343 1.56 16.34 -24.28
C ALA C 343 0.57 17.14 -25.14
N PRO C 344 -0.13 16.46 -26.06
CA PRO C 344 -1.06 17.16 -26.95
C PRO C 344 -2.49 17.20 -26.45
N VAL C 345 -3.33 18.03 -27.05
CA VAL C 345 -4.73 17.99 -26.72
C VAL C 345 -5.23 16.62 -27.11
N PHE C 346 -6.16 16.05 -26.37
CA PHE C 346 -6.72 14.79 -26.80
C PHE C 346 -8.17 14.95 -27.10
N MET C 347 -8.75 13.89 -27.63
CA MET C 347 -9.99 14.00 -28.36
C MET C 347 -10.27 12.59 -28.77
N HIS C 348 -10.86 11.84 -27.87
CA HIS C 348 -11.31 10.51 -28.23
C HIS C 348 -12.75 10.46 -28.75
N ILE C 349 -12.81 10.42 -30.09
CA ILE C 349 -14.00 10.27 -30.93
C ILE C 349 -14.52 8.85 -30.81
N PRO C 350 -15.85 8.67 -30.97
CA PRO C 350 -16.49 7.35 -30.95
C PRO C 350 -16.28 6.47 -32.21
N LEU C 351 -16.52 5.18 -32.05
CA LEU C 351 -16.37 4.23 -33.14
C LEU C 351 -17.62 4.15 -34.00
N ILE C 352 -17.50 3.70 -35.24
CA ILE C 352 -18.68 3.29 -35.99
C ILE C 352 -18.76 1.79 -35.84
N LEU C 353 -19.97 1.29 -35.60
CA LEU C 353 -20.15 -0.08 -35.17
C LEU C 353 -20.62 -0.96 -36.32
N GLY C 354 -20.74 -2.25 -36.05
CA GLY C 354 -21.35 -3.17 -36.98
C GLY C 354 -22.82 -3.31 -36.65
N SER C 355 -23.54 -4.08 -37.46
CA SER C 355 -24.97 -4.28 -37.23
C SER C 355 -25.18 -5.03 -35.94
N ASP C 356 -24.08 -5.49 -35.34
CA ASP C 356 -24.15 -6.29 -34.13
C ASP C 356 -23.61 -5.57 -32.91
N ARG C 357 -23.93 -4.28 -32.81
CA ARG C 357 -23.52 -3.45 -31.67
C ARG C 357 -22.07 -3.76 -31.28
N THR C 358 -21.12 -3.24 -32.06
CA THR C 358 -19.69 -3.50 -31.84
C THR C 358 -18.81 -2.87 -32.92
N PRO C 359 -17.56 -2.56 -32.57
CA PRO C 359 -16.73 -1.80 -33.51
C PRO C 359 -16.29 -2.60 -34.72
N LEU C 360 -16.14 -1.90 -35.83
CA LEU C 360 -15.57 -2.48 -37.04
C LEU C 360 -14.11 -2.76 -36.75
N SER C 361 -13.39 -3.29 -37.72
CA SER C 361 -12.01 -3.68 -37.50
C SER C 361 -11.34 -4.25 -38.74
N LYS C 362 -10.14 -4.78 -38.55
CA LYS C 362 -9.48 -5.59 -39.56
C LYS C 362 -10.30 -6.89 -39.72
N ARG C 363 -10.76 -7.40 -38.58
CA ARG C 363 -11.59 -8.61 -38.52
C ARG C 363 -12.70 -8.59 -39.57
N HIS C 364 -13.87 -8.04 -39.22
CA HIS C 364 -15.02 -7.97 -40.11
C HIS C 364 -14.64 -8.15 -41.59
N GLY C 365 -13.96 -7.16 -42.15
CA GLY C 365 -13.46 -7.22 -43.51
C GLY C 365 -14.52 -7.12 -44.61
N ALA C 366 -15.77 -6.92 -44.20
CA ALA C 366 -16.89 -6.80 -45.12
C ALA C 366 -17.45 -5.38 -45.12
N THR C 367 -16.72 -4.48 -44.46
CA THR C 367 -17.14 -3.09 -44.37
C THR C 367 -15.94 -2.22 -44.69
N SER C 368 -15.22 -2.66 -45.73
CA SER C 368 -13.96 -2.09 -46.17
C SER C 368 -14.10 -1.08 -47.29
N VAL C 369 -13.52 0.10 -47.16
CA VAL C 369 -13.62 1.11 -48.21
C VAL C 369 -13.53 0.59 -49.64
N GLU C 370 -12.56 -0.27 -49.91
CA GLU C 370 -12.40 -0.86 -51.26
C GLU C 370 -13.76 -1.30 -51.81
N HIS C 371 -14.40 -2.18 -51.06
CA HIS C 371 -15.76 -2.66 -51.31
C HIS C 371 -16.69 -1.59 -51.84
N PHE C 372 -17.10 -0.68 -50.97
CA PHE C 372 -18.03 0.37 -51.35
C PHE C 372 -17.58 1.18 -52.57
N ARG C 373 -16.29 1.10 -52.88
CA ARG C 373 -15.75 1.85 -54.01
C ARG C 373 -16.18 1.24 -55.33
N ARG C 374 -15.86 -0.04 -55.48
CA ARG C 374 -16.13 -0.78 -56.70
C ARG C 374 -17.56 -1.25 -56.69
N GLU C 375 -18.15 -1.36 -55.50
CA GLU C 375 -19.54 -1.79 -55.42
C GLU C 375 -20.46 -0.70 -55.94
N GLY C 376 -19.91 0.48 -56.18
CA GLY C 376 -20.61 1.52 -56.91
C GLY C 376 -20.65 2.88 -56.26
N ILE C 377 -20.44 2.92 -54.94
CA ILE C 377 -20.54 4.17 -54.17
C ILE C 377 -19.49 5.18 -54.60
N LEU C 378 -19.93 6.42 -54.84
CA LEU C 378 -19.03 7.52 -55.22
C LEU C 378 -18.27 8.04 -54.01
N SER C 379 -16.98 8.34 -54.19
CA SER C 379 -16.15 8.86 -53.12
C SER C 379 -16.91 9.94 -52.36
N ARG C 380 -17.18 11.05 -53.03
CA ARG C 380 -17.69 12.23 -52.36
C ARG C 380 -18.94 11.95 -51.54
N ALA C 381 -19.55 10.80 -51.76
CA ALA C 381 -20.76 10.41 -51.05
C ALA C 381 -20.46 9.60 -49.80
N LEU C 382 -19.37 8.86 -49.81
CA LEU C 382 -18.97 8.16 -48.63
C LEU C 382 -18.57 9.23 -47.66
N MET C 383 -17.73 10.16 -48.13
CA MET C 383 -17.25 11.26 -47.29
C MET C 383 -18.41 12.11 -46.79
N ASN C 384 -19.49 12.13 -47.57
CA ASN C 384 -20.74 12.76 -47.16
C ASN C 384 -21.34 12.04 -45.95
N TYR C 385 -21.59 10.74 -46.09
CA TYR C 385 -22.15 9.94 -45.01
C TYR C 385 -21.22 9.82 -43.81
N LEU C 386 -19.93 9.62 -44.06
CA LEU C 386 -19.00 9.55 -42.95
C LEU C 386 -18.99 10.88 -42.21
N ALA C 387 -19.25 11.95 -42.94
CA ALA C 387 -19.30 13.27 -42.34
C ALA C 387 -20.69 13.60 -41.86
N LEU C 388 -21.45 12.57 -41.47
CA LEU C 388 -22.90 12.67 -41.28
C LEU C 388 -23.42 11.58 -40.32
N LEU C 389 -22.83 10.39 -40.40
CA LEU C 389 -23.10 9.32 -39.46
C LEU C 389 -22.76 9.84 -38.08
N GLY C 390 -23.77 10.15 -37.28
CA GLY C 390 -23.53 10.65 -35.95
C GLY C 390 -22.88 12.02 -35.83
N TRP C 391 -23.24 12.94 -36.72
CA TRP C 391 -22.84 14.33 -36.62
C TRP C 391 -24.12 15.11 -36.46
N ARG C 392 -24.05 16.26 -35.82
CA ARG C 392 -25.20 17.17 -35.81
C ARG C 392 -25.56 17.49 -37.26
N VAL C 393 -26.77 17.10 -37.64
CA VAL C 393 -27.25 17.29 -39.00
C VAL C 393 -27.04 18.71 -39.52
N GLU C 394 -27.70 19.67 -38.90
CA GLU C 394 -27.66 21.08 -39.31
C GLU C 394 -27.71 21.30 -40.82
N GLY C 395 -28.91 21.51 -41.36
CA GLY C 395 -29.04 21.92 -42.74
C GLY C 395 -29.20 20.78 -43.72
N ASP C 396 -28.75 20.98 -44.97
CA ASP C 396 -28.96 19.97 -46.00
C ASP C 396 -28.15 18.73 -45.66
N GLU C 397 -28.71 17.57 -45.95
CA GLU C 397 -28.14 16.30 -45.54
C GLU C 397 -27.14 15.81 -46.57
N ILE C 398 -27.15 16.47 -47.74
CA ILE C 398 -26.37 16.09 -48.91
C ILE C 398 -25.35 17.19 -49.18
N PHE C 399 -24.06 16.86 -49.22
CA PHE C 399 -23.02 17.91 -49.37
C PHE C 399 -21.60 17.42 -49.69
N THR C 400 -20.78 18.28 -50.29
CA THR C 400 -19.35 17.98 -50.44
C THR C 400 -18.68 18.11 -49.10
N ILE C 401 -17.49 17.54 -48.98
CA ILE C 401 -16.68 17.76 -47.80
C ILE C 401 -15.95 19.08 -47.85
N GLU C 402 -16.14 19.83 -48.94
CA GLU C 402 -15.70 21.23 -48.97
C GLU C 402 -16.77 22.17 -48.43
N GLU C 403 -17.99 22.03 -48.97
CA GLU C 403 -19.13 22.79 -48.45
C GLU C 403 -19.19 22.67 -46.93
N LYS C 404 -19.12 21.42 -46.46
CA LYS C 404 -19.22 21.11 -45.03
C LYS C 404 -18.16 21.87 -44.25
N LEU C 405 -16.97 22.00 -44.82
CA LEU C 405 -15.86 22.63 -44.10
C LEU C 405 -16.29 23.92 -43.42
N GLN C 406 -16.63 24.93 -44.23
CA GLN C 406 -17.03 26.26 -43.73
C GLN C 406 -18.08 26.28 -42.62
N SER C 407 -18.46 25.11 -42.11
CA SER C 407 -19.30 25.03 -40.93
C SER C 407 -18.82 23.88 -40.05
N PHE C 408 -17.59 23.96 -39.57
CA PHE C 408 -16.98 22.80 -38.94
C PHE C 408 -16.44 23.05 -37.57
N ASP C 409 -16.95 22.29 -36.62
CA ASP C 409 -16.48 22.31 -35.26
C ASP C 409 -16.28 20.86 -34.91
N PRO C 410 -15.12 20.53 -34.39
CA PRO C 410 -14.89 19.13 -34.05
C PRO C 410 -15.76 18.76 -32.87
N LYS C 411 -16.67 19.66 -32.50
CA LYS C 411 -17.55 19.41 -31.37
C LYS C 411 -18.96 18.98 -31.79
N ASP C 412 -19.29 19.16 -33.06
CA ASP C 412 -20.56 18.70 -33.61
C ASP C 412 -20.70 17.18 -33.46
N ILE C 413 -19.58 16.47 -33.39
CA ILE C 413 -19.63 15.02 -33.31
C ILE C 413 -20.37 14.57 -32.06
N SER C 414 -21.18 13.54 -32.20
CA SER C 414 -21.95 12.99 -31.09
C SER C 414 -21.08 12.02 -30.33
N ASN C 415 -21.57 11.59 -29.18
CA ASN C 415 -20.74 10.80 -28.28
C ASN C 415 -20.99 9.31 -28.43
N LYS C 416 -22.05 8.94 -29.12
CA LYS C 416 -22.35 7.52 -29.19
C LYS C 416 -21.59 6.85 -30.34
N GLY C 417 -21.31 5.57 -30.17
CA GLY C 417 -20.84 4.75 -31.27
C GLY C 417 -22.00 4.44 -32.20
N VAL C 418 -22.07 5.17 -33.32
CA VAL C 418 -23.10 4.94 -34.34
C VAL C 418 -22.87 3.61 -35.02
N ILE C 419 -23.92 3.11 -35.68
CA ILE C 419 -23.80 1.92 -36.51
C ILE C 419 -23.83 2.31 -37.97
N PHE C 420 -22.98 1.65 -38.75
CA PHE C 420 -22.88 1.89 -40.19
C PHE C 420 -24.12 1.40 -40.86
N ASP C 421 -24.67 2.20 -41.78
CA ASP C 421 -25.97 1.93 -42.36
C ASP C 421 -25.93 2.04 -43.88
N TYR C 422 -25.62 0.95 -44.57
CA TYR C 422 -25.48 1.03 -46.02
C TYR C 422 -26.73 1.63 -46.67
N GLN C 423 -27.89 1.25 -46.16
CA GLN C 423 -29.12 1.81 -46.68
C GLN C 423 -28.96 3.31 -46.79
N LYS C 424 -28.62 3.97 -45.69
CA LYS C 424 -28.47 5.41 -45.75
C LYS C 424 -27.39 5.80 -46.75
N LEU C 425 -26.27 5.08 -46.73
CA LEU C 425 -25.17 5.41 -47.64
C LEU C 425 -25.64 5.46 -49.09
N GLU C 426 -26.26 4.37 -49.54
CA GLU C 426 -26.66 4.26 -50.93
C GLU C 426 -27.66 5.36 -51.25
N TRP C 427 -28.45 5.74 -50.25
CA TRP C 427 -29.42 6.81 -50.44
C TRP C 427 -28.74 8.13 -50.75
N VAL C 428 -27.75 8.50 -49.93
CA VAL C 428 -27.02 9.72 -50.18
C VAL C 428 -26.15 9.53 -51.41
N ASN C 429 -25.78 8.29 -51.71
CA ASN C 429 -25.05 8.03 -52.93
C ASN C 429 -25.87 8.42 -54.16
N GLY C 430 -27.08 7.88 -54.23
CA GLY C 430 -27.98 8.15 -55.32
C GLY C 430 -28.27 9.62 -55.48
N LYS C 431 -28.78 10.24 -54.41
CA LYS C 431 -29.11 11.65 -54.46
C LYS C 431 -27.95 12.46 -55.05
N HIS C 432 -26.75 11.89 -54.96
CA HIS C 432 -25.53 12.59 -55.36
C HIS C 432 -25.27 12.62 -56.86
N MET C 433 -25.22 11.46 -57.49
CA MET C 433 -25.00 11.42 -58.93
C MET C 433 -26.10 12.18 -59.68
N ARG C 434 -27.34 11.99 -59.24
CA ARG C 434 -28.48 12.67 -59.84
C ARG C 434 -28.42 14.20 -59.73
N ARG C 435 -27.51 14.70 -58.89
CA ARG C 435 -27.47 16.13 -58.56
C ARG C 435 -26.31 16.91 -59.18
N ILE C 436 -25.34 16.21 -59.77
CA ILE C 436 -24.15 16.86 -60.34
C ILE C 436 -24.24 17.05 -61.83
N ASP C 437 -23.21 17.67 -62.40
CA ASP C 437 -23.10 17.78 -63.83
C ASP C 437 -22.89 16.41 -64.48
N LEU C 438 -23.36 16.27 -65.72
CA LEU C 438 -23.42 14.98 -66.42
C LEU C 438 -22.03 14.47 -66.78
N GLU C 439 -21.22 15.35 -67.33
CA GLU C 439 -19.86 14.96 -67.65
C GLU C 439 -19.29 14.28 -66.41
N ASP C 440 -19.39 14.95 -65.28
CA ASP C 440 -18.85 14.42 -64.03
C ASP C 440 -19.17 12.94 -63.88
N LEU C 441 -20.44 12.62 -63.62
CA LEU C 441 -20.84 11.23 -63.43
C LEU C 441 -20.22 10.34 -64.51
N LYS C 442 -20.13 10.87 -65.73
CA LYS C 442 -19.59 10.12 -66.84
C LYS C 442 -18.18 9.65 -66.47
N ARG C 443 -17.24 10.59 -66.40
CA ARG C 443 -15.90 10.30 -65.94
C ARG C 443 -15.92 9.34 -64.73
N GLU C 444 -16.64 9.74 -63.68
CA GLU C 444 -16.76 8.92 -62.46
C GLU C 444 -17.26 7.50 -62.72
N PHE C 445 -18.14 7.36 -63.72
CA PHE C 445 -18.62 6.04 -64.13
C PHE C 445 -17.52 5.24 -64.82
N ILE C 446 -16.85 5.89 -65.77
CA ILE C 446 -15.88 5.20 -66.61
C ILE C 446 -14.67 4.74 -65.82
N GLU C 447 -14.12 5.64 -65.00
CA GLU C 447 -12.94 5.34 -64.22
C GLU C 447 -13.29 4.29 -63.18
N TRP C 448 -14.58 4.25 -62.84
CA TRP C 448 -15.12 3.20 -61.99
C TRP C 448 -15.05 1.88 -62.73
N ALA C 449 -15.38 1.94 -64.02
CA ALA C 449 -15.43 0.75 -64.86
C ALA C 449 -14.14 -0.05 -64.75
N LYS C 450 -13.01 0.62 -64.95
CA LYS C 450 -11.74 -0.06 -64.84
C LYS C 450 -11.57 -0.75 -63.47
N TYR C 451 -11.43 0.03 -62.39
CA TYR C 451 -11.17 -0.53 -61.06
C TYR C 451 -12.09 -1.71 -60.73
N ALA C 452 -13.36 -1.62 -61.09
CA ALA C 452 -14.25 -2.77 -60.99
C ALA C 452 -13.76 -3.80 -61.99
N GLY C 453 -13.75 -3.41 -63.26
CA GLY C 453 -13.28 -4.26 -64.32
C GLY C 453 -14.41 -4.90 -65.09
N LYS C 454 -15.38 -4.08 -65.49
CA LYS C 454 -16.59 -4.58 -66.13
C LYS C 454 -16.42 -4.72 -67.65
N GLU C 455 -15.56 -3.86 -68.19
CA GLU C 455 -15.23 -3.88 -69.61
C GLU C 455 -16.42 -3.44 -70.50
N ILE C 456 -16.47 -2.12 -70.71
CA ILE C 456 -17.50 -1.47 -71.51
C ILE C 456 -16.92 -1.15 -72.88
N PRO C 457 -17.65 -1.54 -73.94
CA PRO C 457 -17.28 -1.30 -75.35
C PRO C 457 -17.78 0.04 -75.90
N SER C 458 -17.15 1.13 -75.47
CA SER C 458 -17.56 2.49 -75.88
C SER C 458 -17.86 2.64 -77.38
N VAL C 459 -18.46 3.77 -77.72
CA VAL C 459 -19.13 3.96 -79.00
C VAL C 459 -19.11 5.43 -79.45
N ASP C 460 -20.30 5.95 -79.74
CA ASP C 460 -20.48 7.34 -80.14
C ASP C 460 -20.31 8.28 -78.95
N GLU C 461 -19.37 9.20 -79.08
CA GLU C 461 -18.97 10.11 -78.00
C GLU C 461 -20.08 11.06 -77.54
N ARG C 462 -21.27 10.88 -78.08
CA ARG C 462 -22.43 11.68 -77.70
C ARG C 462 -23.72 10.97 -78.13
N TYR C 463 -23.79 9.70 -77.73
CA TYR C 463 -25.01 8.90 -77.78
C TYR C 463 -25.08 8.24 -76.41
N PHE C 464 -24.01 7.51 -76.12
CA PHE C 464 -23.73 7.04 -74.78
C PHE C 464 -23.92 8.20 -73.81
N SER C 465 -23.43 9.37 -74.20
CA SER C 465 -23.57 10.58 -73.40
C SER C 465 -25.00 11.09 -73.38
N GLU C 466 -25.93 10.20 -73.70
CA GLU C 466 -27.36 10.52 -73.72
C GLU C 466 -28.16 9.37 -73.09
N THR C 467 -27.71 8.14 -73.32
CA THR C 467 -28.29 7.00 -72.64
C THR C 467 -27.72 6.91 -71.22
N LEU C 468 -26.69 7.71 -70.96
CA LEU C 468 -26.23 7.95 -69.59
C LEU C 468 -27.25 8.86 -68.93
N ARG C 469 -27.38 10.07 -69.47
CA ARG C 469 -28.37 11.06 -69.04
C ARG C 469 -29.66 10.38 -68.57
N ILE C 470 -30.09 9.38 -69.32
CA ILE C 470 -31.34 8.71 -69.06
C ILE C 470 -31.15 7.67 -67.96
N CYS C 471 -30.29 6.69 -68.18
CA CYS C 471 -30.06 5.64 -67.20
C CYS C 471 -29.84 6.16 -65.78
N ARG C 472 -29.10 7.26 -65.63
CA ARG C 472 -28.70 7.75 -64.29
C ARG C 472 -29.89 8.02 -63.38
N GLU C 473 -30.91 8.67 -63.92
CA GLU C 473 -32.08 9.10 -63.14
C GLU C 473 -32.83 8.00 -62.43
N LYS C 474 -32.39 6.76 -62.57
CA LYS C 474 -33.18 5.65 -62.05
C LYS C 474 -32.40 4.71 -61.15
N VAL C 475 -31.15 5.06 -60.85
CA VAL C 475 -30.30 4.17 -60.08
C VAL C 475 -29.39 4.85 -59.06
N ASN C 476 -29.13 4.14 -57.97
CA ASN C 476 -28.39 4.71 -56.85
C ASN C 476 -26.87 4.58 -56.95
N THR C 477 -26.36 3.36 -56.99
CA THR C 477 -24.90 3.16 -57.09
C THR C 477 -24.30 3.44 -58.48
N LEU C 478 -23.58 2.47 -59.01
CA LEU C 478 -22.90 2.58 -60.31
C LEU C 478 -22.81 1.19 -60.88
N SER C 479 -22.84 0.19 -60.02
CA SER C 479 -23.02 -1.18 -60.46
C SER C 479 -24.45 -1.27 -60.92
N GLN C 480 -25.21 -0.24 -60.59
CA GLN C 480 -26.59 -0.15 -61.03
C GLN C 480 -26.66 0.68 -62.29
N LEU C 481 -25.87 1.75 -62.33
CA LEU C 481 -25.79 2.56 -63.53
C LEU C 481 -25.06 1.78 -64.60
N TYR C 482 -24.64 0.57 -64.27
CA TYR C 482 -24.00 -0.29 -65.26
C TYR C 482 -24.99 -1.33 -65.81
N ASP C 483 -25.64 -2.04 -64.90
CA ASP C 483 -26.63 -3.06 -65.26
C ASP C 483 -27.78 -2.47 -66.06
N ILE C 484 -28.20 -1.26 -65.67
CA ILE C 484 -29.30 -0.59 -66.34
C ILE C 484 -28.86 0.02 -67.64
N MET C 485 -27.67 0.59 -67.65
CA MET C 485 -27.10 1.03 -68.92
C MET C 485 -26.85 -0.13 -69.89
N TYR C 486 -26.87 -1.36 -69.37
CA TYR C 486 -26.32 -2.53 -70.06
C TYR C 486 -26.81 -2.86 -71.47
N PRO C 487 -28.13 -2.92 -71.67
CA PRO C 487 -28.64 -3.37 -72.96
C PRO C 487 -28.70 -2.26 -74.01
N PHE C 488 -28.10 -1.12 -73.74
CA PHE C 488 -28.03 -0.07 -74.75
C PHE C 488 -26.76 -0.18 -75.59
N MET C 489 -25.83 -1.04 -75.16
CA MET C 489 -24.55 -1.24 -75.84
C MET C 489 -24.39 -2.67 -76.33
N ASN C 490 -24.05 -3.55 -75.40
CA ASN C 490 -24.14 -4.98 -75.69
C ASN C 490 -25.52 -5.29 -76.27
N ASP C 491 -25.57 -6.03 -77.36
CA ASP C 491 -26.85 -6.33 -77.97
C ASP C 491 -27.30 -7.74 -77.66
N ASP C 492 -26.48 -8.46 -76.91
CA ASP C 492 -26.77 -9.84 -76.55
C ASP C 492 -27.35 -9.97 -75.13
N TYR C 493 -28.19 -9.01 -74.77
CA TYR C 493 -28.69 -8.94 -73.41
C TYR C 493 -29.66 -10.05 -73.06
N GLU C 494 -29.49 -10.62 -71.87
CA GLU C 494 -30.44 -11.58 -71.30
C GLU C 494 -31.87 -11.05 -71.31
N TYR C 495 -32.72 -11.63 -70.48
CA TYR C 495 -34.15 -11.35 -70.54
C TYR C 495 -34.86 -11.51 -69.21
N GLU C 496 -34.11 -11.70 -68.13
CA GLU C 496 -34.72 -11.84 -66.81
C GLU C 496 -35.54 -13.13 -66.68
N LYS C 497 -35.03 -14.06 -65.88
CA LYS C 497 -35.70 -15.32 -65.61
C LYS C 497 -36.98 -15.06 -64.84
N ASP C 498 -37.70 -14.03 -65.25
CA ASP C 498 -38.87 -13.56 -64.53
C ASP C 498 -39.77 -12.68 -65.40
N TYR C 499 -39.16 -11.95 -66.33
CA TYR C 499 -39.92 -11.17 -67.28
C TYR C 499 -40.74 -12.10 -68.14
N VAL C 500 -40.09 -13.15 -68.64
CA VAL C 500 -40.79 -14.24 -69.30
C VAL C 500 -41.99 -14.67 -68.46
N GLU C 501 -41.70 -15.06 -67.22
CA GLU C 501 -42.68 -15.66 -66.30
C GLU C 501 -44.10 -15.08 -66.28
N LYS C 502 -44.23 -13.76 -66.36
CA LYS C 502 -45.57 -13.18 -66.39
C LYS C 502 -45.82 -12.23 -67.57
N PHE C 503 -45.01 -12.32 -68.61
CA PHE C 503 -45.21 -11.47 -69.79
C PHE C 503 -45.03 -12.19 -71.13
N LEU C 504 -44.10 -13.13 -71.18
CA LEU C 504 -43.91 -13.92 -72.40
C LEU C 504 -44.66 -15.25 -72.37
N LYS C 505 -44.55 -15.96 -71.24
CA LYS C 505 -45.33 -17.18 -71.02
C LYS C 505 -46.83 -16.84 -70.91
N ARG C 506 -47.14 -15.57 -71.13
CA ARG C 506 -48.51 -15.10 -71.14
C ARG C 506 -49.15 -15.51 -72.47
N GLU C 507 -50.47 -15.61 -72.48
CA GLU C 507 -51.20 -16.10 -73.66
C GLU C 507 -51.37 -15.03 -74.74
N GLU C 508 -51.44 -13.78 -74.33
CA GLU C 508 -51.67 -12.66 -75.23
C GLU C 508 -50.39 -12.11 -75.83
N ALA C 509 -49.26 -12.68 -75.43
CA ALA C 509 -47.94 -12.12 -75.73
C ALA C 509 -47.69 -11.91 -77.23
N GLU C 510 -47.46 -13.00 -77.97
CA GLU C 510 -47.13 -12.89 -79.39
C GLU C 510 -48.09 -11.97 -80.13
N ARG C 511 -49.36 -12.02 -79.76
CA ARG C 511 -50.37 -11.18 -80.39
C ARG C 511 -49.91 -9.73 -80.35
N VAL C 512 -49.30 -9.35 -79.24
CA VAL C 512 -49.01 -7.97 -78.97
C VAL C 512 -47.63 -7.57 -79.48
N LEU C 513 -46.59 -8.27 -79.03
CA LEU C 513 -45.25 -7.99 -79.50
C LEU C 513 -45.31 -7.85 -81.00
N GLU C 514 -46.27 -8.55 -81.59
CA GLU C 514 -46.45 -8.58 -83.02
C GLU C 514 -47.13 -7.32 -83.54
N GLU C 515 -48.33 -7.02 -83.07
CA GLU C 515 -49.01 -5.81 -83.51
C GLU C 515 -48.04 -4.66 -83.33
N ALA C 516 -47.40 -4.68 -82.15
CA ALA C 516 -46.32 -3.77 -81.77
C ALA C 516 -45.34 -3.51 -82.90
N LYS C 517 -44.69 -4.59 -83.35
CA LYS C 517 -43.67 -4.52 -84.41
C LYS C 517 -44.10 -3.72 -85.63
N LYS C 518 -45.33 -3.93 -86.12
CA LYS C 518 -45.82 -3.15 -87.25
C LYS C 518 -46.15 -1.71 -86.84
N ALA C 519 -46.87 -1.56 -85.73
CA ALA C 519 -47.21 -0.22 -85.23
C ALA C 519 -45.98 0.67 -85.22
N PHE C 520 -44.82 0.07 -84.97
CA PHE C 520 -43.54 0.78 -85.02
C PHE C 520 -42.91 0.73 -86.41
N LYS C 521 -42.85 -0.46 -87.01
CA LYS C 521 -42.28 -0.62 -88.35
C LYS C 521 -42.89 0.41 -89.30
N ASP C 522 -44.12 0.83 -88.99
CA ASP C 522 -44.79 1.90 -89.71
C ASP C 522 -44.74 3.16 -88.85
N LEU C 523 -43.62 3.88 -88.91
CA LEU C 523 -43.48 5.09 -88.10
C LEU C 523 -42.56 6.15 -88.72
N ASN C 524 -43.18 7.15 -89.35
CA ASN C 524 -42.47 8.29 -89.91
C ASN C 524 -41.53 8.98 -88.92
N SER C 525 -41.98 10.14 -88.43
CA SER C 525 -41.28 10.86 -87.38
C SER C 525 -41.03 9.92 -86.21
N TRP C 526 -39.75 9.72 -85.87
CA TRP C 526 -39.36 8.84 -84.77
C TRP C 526 -38.89 9.62 -83.53
N ASN C 527 -39.23 10.90 -83.45
CA ASN C 527 -38.82 11.71 -82.30
C ASN C 527 -39.46 11.24 -80.99
N MET C 528 -39.78 12.18 -80.11
CA MET C 528 -40.35 11.82 -78.81
C MET C 528 -41.85 12.03 -78.75
N GLU C 529 -42.34 13.10 -79.38
CA GLU C 529 -43.78 13.36 -79.42
C GLU C 529 -44.51 12.19 -80.08
N GLU C 530 -44.56 12.17 -81.41
CA GLU C 530 -45.18 11.04 -82.11
C GLU C 530 -44.35 9.76 -81.94
N ILE C 531 -43.95 9.49 -80.71
CA ILE C 531 -43.39 8.19 -80.32
C ILE C 531 -44.16 7.69 -79.11
N GLU C 532 -44.54 8.63 -78.24
CA GLU C 532 -45.42 8.30 -77.12
C GLU C 532 -46.77 7.91 -77.70
N LYS C 533 -47.24 8.73 -78.63
CA LYS C 533 -48.51 8.52 -79.31
C LYS C 533 -48.59 7.11 -79.88
N THR C 534 -47.60 6.73 -80.68
CA THR C 534 -47.52 5.37 -81.26
C THR C 534 -48.12 4.30 -80.35
N LEU C 535 -47.76 4.35 -79.07
CA LEU C 535 -48.19 3.34 -78.11
C LEU C 535 -49.45 3.77 -77.38
N ARG C 536 -49.65 5.09 -77.26
CA ARG C 536 -50.86 5.61 -76.63
C ARG C 536 -52.08 5.30 -77.50
N ASP C 537 -52.15 4.05 -77.96
CA ASP C 537 -53.25 3.57 -78.80
C ASP C 537 -53.12 2.09 -79.15
N LEU C 538 -51.89 1.61 -79.34
CA LEU C 538 -51.65 0.17 -79.42
C LEU C 538 -52.35 -0.38 -78.19
N SER C 539 -52.39 0.47 -77.16
CA SER C 539 -53.16 0.24 -75.96
C SER C 539 -54.64 0.30 -76.28
N GLU C 540 -55.11 1.44 -76.79
CA GLU C 540 -56.53 1.64 -77.13
C GLU C 540 -57.18 0.42 -77.79
N LYS C 541 -56.76 0.11 -79.01
CA LYS C 541 -56.97 -1.20 -79.56
C LYS C 541 -56.62 -2.21 -78.48
N GLY C 542 -57.61 -2.96 -78.00
CA GLY C 542 -57.46 -3.75 -76.79
C GLY C 542 -56.76 -5.09 -76.87
N LEU C 543 -55.46 -5.09 -77.18
CA LEU C 543 -54.67 -6.33 -77.26
C LEU C 543 -54.48 -6.91 -75.87
N ALA C 544 -54.21 -6.01 -74.92
CA ALA C 544 -54.12 -6.33 -73.51
C ALA C 544 -54.20 -4.99 -72.80
N SER C 545 -53.98 -4.98 -71.48
CA SER C 545 -54.12 -3.75 -70.72
C SER C 545 -53.00 -2.78 -71.04
N LYS C 546 -53.29 -1.48 -70.93
CA LYS C 546 -52.30 -0.45 -71.14
C LYS C 546 -51.01 -0.95 -70.54
N LYS C 547 -51.10 -1.43 -69.29
CA LYS C 547 -49.96 -2.02 -68.60
C LYS C 547 -49.30 -3.13 -69.42
N VAL C 548 -49.85 -4.34 -69.35
CA VAL C 548 -49.25 -5.52 -69.99
C VAL C 548 -48.65 -5.25 -71.37
N VAL C 549 -49.23 -4.30 -72.09
CA VAL C 549 -48.68 -3.94 -73.39
C VAL C 549 -47.38 -3.16 -73.22
N PHE C 550 -47.47 -1.97 -72.62
CA PHE C 550 -46.31 -1.15 -72.31
C PHE C 550 -45.08 -1.91 -71.77
N GLN C 551 -45.33 -3.02 -71.07
CA GLN C 551 -44.26 -3.74 -70.39
C GLN C 551 -43.70 -4.90 -71.20
N LEU C 552 -44.40 -5.27 -72.27
CA LEU C 552 -43.83 -6.20 -73.24
C LEU C 552 -42.89 -5.43 -74.15
N ILE C 553 -43.39 -4.31 -74.67
CA ILE C 553 -42.60 -3.39 -75.46
C ILE C 553 -41.27 -3.13 -74.76
N ARG C 554 -41.35 -2.61 -73.52
CA ARG C 554 -40.18 -2.34 -72.68
C ARG C 554 -39.33 -3.60 -72.48
N GLY C 555 -39.92 -4.58 -71.80
CA GLY C 555 -39.24 -5.81 -71.47
C GLY C 555 -38.81 -6.68 -72.64
N ALA C 556 -38.94 -6.16 -73.85
CA ALA C 556 -38.46 -6.86 -75.02
C ALA C 556 -37.33 -6.06 -75.62
N VAL C 557 -37.39 -4.74 -75.47
CA VAL C 557 -36.38 -3.88 -76.03
C VAL C 557 -35.23 -3.59 -75.05
N THR C 558 -35.37 -4.02 -73.80
CA THR C 558 -34.29 -3.91 -72.81
C THR C 558 -33.99 -5.22 -72.11
N GLY C 559 -35.02 -6.02 -71.87
CA GLY C 559 -34.81 -7.35 -71.34
C GLY C 559 -35.10 -7.33 -69.87
N LYS C 560 -35.15 -6.13 -69.30
CA LYS C 560 -35.39 -5.96 -67.88
C LYS C 560 -36.71 -5.27 -67.74
N LEU C 561 -37.48 -5.68 -66.73
CA LEU C 561 -38.77 -5.07 -66.40
C LEU C 561 -38.68 -3.57 -66.13
N VAL C 562 -37.74 -3.17 -65.27
CA VAL C 562 -37.57 -1.75 -64.92
C VAL C 562 -36.35 -1.09 -65.55
N THR C 563 -36.58 0.08 -66.14
CA THR C 563 -35.63 0.72 -67.04
C THR C 563 -36.03 2.17 -67.01
N PRO C 564 -35.29 3.05 -67.69
CA PRO C 564 -35.77 4.43 -67.71
C PRO C 564 -37.10 4.54 -68.44
N GLY C 565 -37.69 5.73 -68.43
CA GLY C 565 -39.00 5.95 -69.05
C GLY C 565 -39.08 5.48 -70.49
N LEU C 566 -40.02 4.58 -70.78
CA LEU C 566 -40.09 3.91 -72.08
C LEU C 566 -40.08 4.87 -73.27
N PHE C 567 -40.44 6.12 -73.03
CA PHE C 567 -40.49 7.13 -74.08
C PHE C 567 -39.12 7.73 -74.39
N GLU C 568 -38.17 7.50 -73.51
CA GLU C 568 -36.80 7.91 -73.75
C GLU C 568 -36.01 6.73 -74.29
N THR C 569 -36.24 5.55 -73.73
CA THR C 569 -35.52 4.36 -74.17
C THR C 569 -35.74 4.12 -75.66
N ILE C 570 -36.93 3.66 -76.01
CA ILE C 570 -37.29 3.56 -77.42
C ILE C 570 -37.39 4.98 -77.96
N GLU C 571 -36.25 5.52 -78.37
CA GLU C 571 -36.13 6.85 -78.94
C GLU C 571 -34.65 7.09 -79.15
N VAL C 572 -33.86 6.54 -78.22
CA VAL C 572 -32.43 6.58 -78.34
C VAL C 572 -31.95 5.13 -78.49
N LEU C 573 -32.81 4.33 -79.09
CA LEU C 573 -32.46 2.99 -79.55
C LEU C 573 -32.52 2.93 -81.09
N GLY C 574 -33.47 3.68 -81.65
CA GLY C 574 -33.65 3.79 -83.10
C GLY C 574 -34.67 2.80 -83.63
N LYS C 575 -35.38 3.16 -84.70
CA LYS C 575 -36.34 2.24 -85.30
C LYS C 575 -35.57 0.98 -85.63
N GLU C 576 -34.34 1.21 -86.08
CA GLU C 576 -33.35 0.18 -86.30
C GLU C 576 -33.33 -0.89 -85.19
N ARG C 577 -32.86 -0.52 -84.01
CA ARG C 577 -32.72 -1.48 -82.91
C ARG C 577 -34.07 -1.98 -82.39
N THR C 578 -35.02 -1.07 -82.18
CA THR C 578 -36.30 -1.46 -81.59
C THR C 578 -36.97 -2.54 -82.41
N LEU C 579 -36.91 -2.42 -83.74
CA LEU C 579 -37.50 -3.42 -84.61
C LEU C 579 -36.78 -4.75 -84.37
N LYS C 580 -35.45 -4.73 -84.42
CA LYS C 580 -34.66 -5.92 -84.15
C LYS C 580 -35.12 -6.56 -82.85
N ARG C 581 -34.81 -5.89 -81.75
CA ARG C 581 -35.17 -6.36 -80.43
C ARG C 581 -36.65 -6.71 -80.34
N LEU C 582 -37.48 -6.01 -81.09
CA LEU C 582 -38.90 -6.36 -81.12
C LEU C 582 -38.97 -7.77 -81.68
N GLU C 583 -38.11 -8.03 -82.65
CA GLU C 583 -38.13 -9.27 -83.42
C GLU C 583 -37.47 -10.45 -82.69
N ARG C 584 -36.21 -10.29 -82.32
CA ARG C 584 -35.41 -11.41 -81.82
C ARG C 584 -35.86 -11.88 -80.44
N THR C 585 -37.16 -11.77 -80.20
CA THR C 585 -37.80 -12.33 -79.03
C THR C 585 -39.07 -13.00 -79.51
N LEU C 586 -39.62 -12.45 -80.59
CA LEU C 586 -40.70 -13.11 -81.30
C LEU C 586 -40.20 -14.46 -81.75
N GLN C 587 -38.87 -14.58 -81.86
CA GLN C 587 -38.22 -15.85 -82.14
C GLN C 587 -37.83 -16.53 -80.83
N PHE C 588 -37.43 -15.76 -79.83
CA PHE C 588 -37.13 -16.32 -78.51
C PHE C 588 -38.42 -16.89 -77.88
N LEU C 589 -39.55 -16.51 -78.45
CA LEU C 589 -40.82 -17.05 -78.01
C LEU C 589 -40.89 -18.53 -78.40
N LYS C 590 -40.22 -18.86 -79.51
CA LYS C 590 -40.25 -20.20 -80.11
C LYS C 590 -40.28 -21.38 -79.14
N LYS C 591 -41.42 -22.06 -79.09
CA LYS C 591 -41.62 -23.27 -78.27
C LYS C 591 -41.52 -23.00 -76.76
#